data_2YQ4
#
_entry.id   2YQ4
#
_cell.length_a   92.211
_cell.length_b   108.367
_cell.length_c   147.178
_cell.angle_alpha   90.00
_cell.angle_beta   90.00
_cell.angle_gamma   90.00
#
_symmetry.space_group_name_H-M   'P 21 21 21'
#
loop_
_entity.id
_entity.type
_entity.pdbx_description
1 polymer 'D-ISOMER SPECIFIC 2-HYDROXYACID DEHYDROGENASE'
2 water water
#
_entity_poly.entity_id   1
_entity_poly.type   'polypeptide(L)'
_entity_poly.pdbx_seq_one_letter_code
;MTKIAMYNVSPIEVPYIEDWAKKNDVEIKTTDQALTSATVDLAEGCSSVSLKPLGPVDEEVVYQKLSEYGVKCIGLRIVG
FNTINFDWTKKYNLLVTNVPVYSPRAIAEMTVTQAMYLLRKIGEFRYRMDHDHDFTWPSNLISNEIYNLTVGLIGVGHIG
SAVAEIFSAMGAKVIAYDVAYNPEFEPFLTYTDFDTVLKEADIVSLHTPLFPSTENMIGEKQLKEMKKSAYLINCARGEL
VDTGALIKALQDGEIAGAGLDTLAGESSYFGHTGLTDSEIPEDYKTLAKMPNVVITPHSAFYTETSIRNMVQICLTDQLT
IAKGGRPRSIVNLTASGHHHHHH
;
_entity_poly.pdbx_strand_id   A,B,C,D
#
# COMPACT_ATOMS: atom_id res chain seq x y z
N THR A 2 21.47 -11.05 -38.21
CA THR A 2 22.67 -10.48 -37.59
C THR A 2 23.21 -11.39 -36.48
N LYS A 3 24.41 -11.09 -36.02
CA LYS A 3 25.15 -11.89 -35.03
C LYS A 3 25.60 -11.09 -33.81
N ILE A 4 25.56 -11.72 -32.62
CA ILE A 4 26.09 -11.08 -31.40
C ILE A 4 26.87 -12.15 -30.60
N ALA A 5 28.05 -11.77 -30.14
CA ALA A 5 28.82 -12.69 -29.31
C ALA A 5 28.91 -12.28 -27.87
N MET A 6 28.83 -13.25 -26.97
CA MET A 6 28.73 -12.97 -25.53
C MET A 6 29.82 -13.67 -24.71
N TYR A 7 30.43 -12.89 -23.83
CA TYR A 7 31.48 -13.36 -22.94
C TYR A 7 31.05 -13.23 -21.50
N ASN A 8 31.79 -13.89 -20.63
CA ASN A 8 31.53 -13.77 -19.22
C ASN A 8 30.14 -14.33 -18.92
N VAL A 9 29.70 -15.32 -19.71
CA VAL A 9 28.31 -15.75 -19.57
C VAL A 9 28.28 -16.77 -18.46
N SER A 10 27.22 -16.71 -17.67
CA SER A 10 27.06 -17.60 -16.56
C SER A 10 25.95 -18.58 -16.87
N PRO A 11 26.01 -19.79 -16.28
CA PRO A 11 24.97 -20.80 -16.55
C PRO A 11 23.54 -20.27 -16.40
N ILE A 12 23.38 -19.44 -15.38
CA ILE A 12 22.12 -18.76 -15.08
C ILE A 12 21.52 -17.84 -16.16
N GLU A 13 22.42 -17.25 -16.95
CA GLU A 13 22.09 -16.33 -18.06
C GLU A 13 21.55 -17.06 -19.28
N VAL A 14 22.02 -18.30 -19.45
CA VAL A 14 21.79 -19.01 -20.68
C VAL A 14 20.33 -19.01 -21.17
N PRO A 15 19.40 -19.64 -20.41
CA PRO A 15 17.96 -19.73 -20.79
C PRO A 15 17.33 -18.41 -21.29
N TYR A 16 17.67 -17.33 -20.60
CA TYR A 16 17.14 -16.01 -20.86
C TYR A 16 17.67 -15.54 -22.22
N ILE A 17 18.98 -15.74 -22.42
CA ILE A 17 19.63 -15.52 -23.71
C ILE A 17 19.05 -16.36 -24.85
N GLU A 18 18.80 -17.64 -24.62
CA GLU A 18 18.30 -18.52 -25.69
C GLU A 18 16.88 -18.15 -25.99
N ASP A 19 16.26 -17.53 -25.00
CA ASP A 19 14.93 -17.02 -25.20
C ASP A 19 14.93 -15.73 -26.06
N TRP A 20 15.73 -14.74 -25.68
CA TRP A 20 15.86 -13.56 -26.51
C TRP A 20 16.21 -14.00 -27.92
N ALA A 21 17.13 -14.96 -28.02
CA ALA A 21 17.57 -15.51 -29.30
C ALA A 21 16.46 -16.09 -30.17
N LYS A 22 15.70 -17.05 -29.66
CA LYS A 22 14.66 -17.66 -30.50
C LYS A 22 13.54 -16.66 -30.74
N LYS A 23 13.45 -15.63 -29.89
CA LYS A 23 12.42 -14.60 -30.00
C LYS A 23 12.69 -13.52 -31.06
N ASN A 24 13.94 -13.08 -31.13
CA ASN A 24 14.39 -12.03 -32.08
C ASN A 24 15.03 -12.49 -33.41
N ASP A 25 15.08 -13.80 -33.65
CA ASP A 25 15.66 -14.36 -34.88
C ASP A 25 17.15 -14.02 -35.02
N VAL A 26 17.90 -14.24 -33.95
CA VAL A 26 19.26 -13.77 -33.81
C VAL A 26 20.26 -14.86 -33.38
N GLU A 27 21.46 -14.81 -33.95
CA GLU A 27 22.49 -15.77 -33.58
C GLU A 27 23.36 -15.28 -32.45
N ILE A 28 23.57 -16.12 -31.45
CA ILE A 28 24.35 -15.65 -30.33
C ILE A 28 25.37 -16.75 -30.14
N LYS A 29 26.66 -16.42 -30.24
CA LYS A 29 27.66 -17.38 -29.78
C LYS A 29 28.32 -16.92 -28.47
N THR A 30 28.48 -17.89 -27.53
CA THR A 30 28.90 -17.63 -26.15
C THR A 30 30.17 -18.30 -25.59
N THR A 31 30.63 -17.78 -24.46
CA THR A 31 31.75 -18.35 -23.73
C THR A 31 31.86 -17.82 -22.32
N ASP A 32 32.16 -18.71 -21.40
CA ASP A 32 32.26 -18.36 -19.99
C ASP A 32 33.46 -17.44 -19.67
N GLN A 33 34.41 -17.39 -20.59
CA GLN A 33 35.67 -16.68 -20.37
C GLN A 33 35.69 -15.26 -20.92
N ALA A 34 36.58 -14.45 -20.36
CA ALA A 34 36.64 -13.01 -20.56
C ALA A 34 37.09 -12.62 -21.96
N LEU A 35 36.79 -11.41 -22.39
CA LEU A 35 37.33 -10.94 -23.65
C LEU A 35 38.82 -10.63 -23.58
N THR A 36 39.57 -11.23 -24.52
CA THR A 36 41.01 -11.07 -24.61
C THR A 36 41.59 -11.40 -25.98
N SER A 37 42.90 -11.28 -26.06
CA SER A 37 43.66 -11.60 -27.27
C SER A 37 43.23 -12.93 -27.85
N ALA A 38 43.11 -13.93 -27.00
CA ALA A 38 42.71 -15.26 -27.45
C ALA A 38 41.27 -15.26 -27.96
N THR A 39 40.37 -14.97 -27.03
CA THR A 39 38.93 -15.13 -27.23
C THR A 39 38.26 -14.05 -28.07
N VAL A 40 39.02 -13.12 -28.61
CA VAL A 40 38.40 -12.08 -29.41
C VAL A 40 37.94 -12.74 -30.71
N ASP A 41 38.57 -13.86 -31.06
CA ASP A 41 38.28 -14.58 -32.29
C ASP A 41 36.82 -15.02 -32.52
N LEU A 42 35.96 -14.99 -31.51
CA LEU A 42 34.56 -15.40 -31.72
C LEU A 42 33.63 -14.26 -32.06
N ALA A 43 34.15 -13.04 -32.01
CA ALA A 43 33.36 -11.88 -32.36
C ALA A 43 33.34 -11.59 -33.86
N GLU A 44 33.66 -12.62 -34.65
CA GLU A 44 33.63 -12.53 -36.11
C GLU A 44 32.22 -12.48 -36.72
N GLY A 45 31.97 -11.43 -37.50
CA GLY A 45 30.72 -11.30 -38.22
C GLY A 45 29.70 -10.57 -37.40
N CYS A 46 30.07 -10.24 -36.17
CA CYS A 46 29.09 -9.73 -35.24
C CYS A 46 28.79 -8.25 -35.39
N SER A 47 27.52 -7.91 -35.22
CA SER A 47 27.11 -6.54 -35.08
C SER A 47 27.54 -6.03 -33.71
N SER A 48 27.64 -6.96 -32.74
CA SER A 48 27.94 -6.58 -31.37
C SER A 48 28.62 -7.66 -30.50
N VAL A 49 29.36 -7.22 -29.49
CA VAL A 49 29.73 -8.08 -28.36
C VAL A 49 28.99 -7.68 -27.07
N SER A 50 28.95 -8.61 -26.11
CA SER A 50 28.24 -8.45 -24.83
C SER A 50 29.06 -8.99 -23.68
N LEU A 51 29.35 -8.13 -22.72
CA LEU A 51 30.25 -8.54 -21.66
C LEU A 51 29.65 -8.39 -20.26
N LYS A 52 30.10 -9.24 -19.33
CA LYS A 52 29.92 -9.02 -17.88
C LYS A 52 31.27 -9.21 -17.16
N PRO A 53 32.19 -8.26 -17.35
CA PRO A 53 33.61 -8.36 -16.97
C PRO A 53 33.93 -8.28 -15.47
N LEU A 54 34.97 -8.97 -15.03
CA LEU A 54 35.49 -8.84 -13.65
C LEU A 54 36.82 -8.11 -13.58
N GLY A 55 37.49 -8.04 -14.74
CA GLY A 55 38.71 -7.26 -14.88
C GLY A 55 38.60 -6.23 -16.00
N PRO A 56 39.48 -5.21 -15.98
CA PRO A 56 39.65 -4.34 -17.16
C PRO A 56 39.96 -5.16 -18.40
N VAL A 57 39.40 -4.74 -19.53
CA VAL A 57 39.79 -5.28 -20.82
C VAL A 57 40.94 -4.40 -21.31
N ASP A 58 42.16 -4.76 -20.92
CA ASP A 58 43.31 -3.85 -21.02
C ASP A 58 44.13 -4.01 -22.28
N GLU A 59 43.79 -4.97 -23.12
CA GLU A 59 44.61 -5.23 -24.31
C GLU A 59 44.06 -4.50 -25.53
N GLU A 60 44.90 -3.69 -26.18
CA GLU A 60 44.52 -2.87 -27.34
C GLU A 60 44.11 -3.72 -28.55
N VAL A 61 44.81 -4.84 -28.70
CA VAL A 61 44.59 -5.74 -29.82
C VAL A 61 43.11 -6.10 -29.97
N VAL A 62 42.47 -6.38 -28.84
CA VAL A 62 41.06 -6.74 -28.80
C VAL A 62 40.20 -5.69 -29.51
N TYR A 63 40.44 -4.41 -29.18
CA TYR A 63 39.66 -3.32 -29.75
C TYR A 63 39.92 -3.19 -31.25
N GLN A 64 41.18 -3.29 -31.63
CA GLN A 64 41.47 -3.14 -33.06
C GLN A 64 40.86 -4.24 -33.91
N LYS A 65 41.05 -5.49 -33.49
CA LYS A 65 40.43 -6.61 -34.20
C LYS A 65 38.89 -6.46 -34.16
N LEU A 66 38.39 -5.80 -33.11
CA LEU A 66 36.95 -5.54 -33.06
C LEU A 66 36.48 -4.65 -34.21
N SER A 67 37.05 -3.45 -34.29
CA SER A 67 36.66 -2.55 -35.38
C SER A 67 37.09 -3.12 -36.73
N GLU A 68 37.98 -4.10 -36.67
CA GLU A 68 38.39 -4.87 -37.84
C GLU A 68 37.31 -5.84 -38.30
N TYR A 69 36.46 -6.32 -37.39
CA TYR A 69 35.47 -7.33 -37.77
C TYR A 69 34.13 -6.74 -38.19
N GLY A 70 33.99 -5.43 -38.05
CA GLY A 70 32.73 -4.79 -38.34
C GLY A 70 31.77 -5.02 -37.19
N VAL A 71 32.35 -5.08 -36.00
CA VAL A 71 31.63 -5.12 -34.71
C VAL A 71 31.24 -3.69 -34.32
N LYS A 72 29.95 -3.41 -34.13
CA LYS A 72 29.53 -2.02 -33.93
C LYS A 72 29.62 -1.51 -32.49
N CYS A 73 29.31 -2.39 -31.54
CA CYS A 73 29.22 -1.96 -30.15
C CYS A 73 29.60 -3.05 -29.14
N ILE A 74 30.17 -2.62 -28.02
CA ILE A 74 30.33 -3.44 -26.84
C ILE A 74 29.23 -3.10 -25.85
N GLY A 75 28.40 -4.07 -25.52
CA GLY A 75 27.30 -3.80 -24.63
C GLY A 75 27.61 -4.50 -23.34
N LEU A 76 27.74 -3.73 -22.27
CA LEU A 76 27.89 -4.28 -20.94
C LEU A 76 26.52 -4.72 -20.47
N ARG A 77 26.52 -5.77 -19.67
CA ARG A 77 25.37 -6.25 -18.95
C ARG A 77 25.43 -5.84 -17.50
N ILE A 78 26.13 -4.75 -17.21
CA ILE A 78 26.19 -4.31 -15.84
C ILE A 78 26.05 -2.82 -15.86
N VAL A 79 26.16 -2.20 -14.70
CA VAL A 79 26.16 -0.74 -14.67
C VAL A 79 27.53 -0.13 -14.96
N GLY A 80 28.55 -0.70 -14.30
CA GLY A 80 29.92 -0.20 -14.33
C GLY A 80 30.69 -0.44 -15.62
N PHE A 81 30.91 0.63 -16.38
CA PHE A 81 31.65 0.58 -17.64
C PHE A 81 33.14 0.90 -17.50
N ASN A 82 33.63 0.93 -16.27
CA ASN A 82 34.97 1.36 -15.99
C ASN A 82 36.00 0.29 -16.35
N THR A 83 35.52 -0.88 -16.73
CA THR A 83 36.40 -1.97 -17.19
C THR A 83 36.71 -1.85 -18.66
N ILE A 84 36.32 -0.71 -19.24
CA ILE A 84 36.63 -0.39 -20.62
C ILE A 84 37.64 0.79 -20.64
N ASN A 85 38.68 0.68 -21.47
CA ASN A 85 39.54 1.82 -21.81
C ASN A 85 38.79 2.56 -22.95
N PHE A 86 38.57 3.87 -22.78
CA PHE A 86 37.70 4.65 -23.70
C PHE A 86 38.39 5.45 -24.78
N ASP A 87 39.70 5.57 -24.64
CA ASP A 87 40.55 6.12 -25.66
C ASP A 87 40.49 5.26 -26.92
N TRP A 88 40.61 3.96 -26.73
CA TRP A 88 40.72 3.00 -27.82
C TRP A 88 39.38 2.69 -28.49
N THR A 89 38.30 3.05 -27.81
CA THR A 89 36.94 2.87 -28.27
C THR A 89 36.54 3.89 -29.34
N LYS A 90 37.57 4.49 -29.91
CA LYS A 90 37.49 5.41 -31.03
C LYS A 90 37.84 4.68 -32.31
N LYS A 91 37.16 3.56 -32.56
CA LYS A 91 37.56 2.65 -33.63
C LYS A 91 36.34 2.09 -34.36
N LEU A 94 34.03 2.22 -32.04
CA LEU A 94 33.33 1.24 -31.20
C LEU A 94 32.41 1.93 -30.16
N LEU A 95 31.12 1.61 -30.20
CA LEU A 95 30.14 2.07 -29.23
C LEU A 95 30.12 1.27 -27.92
N VAL A 96 29.64 1.88 -26.85
CA VAL A 96 29.54 1.22 -25.56
C VAL A 96 28.18 1.49 -24.92
N THR A 97 27.46 0.41 -24.61
CA THR A 97 26.17 0.46 -23.88
C THR A 97 26.25 -0.22 -22.55
N ASN A 98 25.40 0.17 -21.63
CA ASN A 98 25.41 -0.47 -20.34
C ASN A 98 23.97 -0.82 -20.00
N VAL A 99 23.77 -1.40 -18.83
CA VAL A 99 22.45 -1.75 -18.36
C VAL A 99 22.45 -1.03 -17.04
N PRO A 100 21.85 0.16 -17.08
CA PRO A 100 21.77 1.17 -16.02
C PRO A 100 20.87 0.73 -14.90
N VAL A 101 19.65 0.33 -15.24
CA VAL A 101 18.71 -0.18 -14.26
C VAL A 101 18.20 -1.57 -14.65
N TYR A 102 18.30 -2.59 -13.78
CA TYR A 102 17.77 -3.95 -14.09
C TYR A 102 16.68 -4.49 -13.15
N SER A 103 16.81 -4.15 -11.88
CA SER A 103 15.83 -4.45 -10.84
C SER A 103 16.12 -3.51 -9.71
N PRO A 104 15.32 -2.46 -9.60
CA PRO A 104 15.55 -1.58 -8.45
C PRO A 104 15.12 -2.33 -7.22
N ARG A 105 13.98 -2.95 -7.42
CA ARG A 105 13.35 -3.72 -6.39
C ARG A 105 14.18 -4.89 -5.87
N ALA A 106 14.93 -5.57 -6.71
CA ALA A 106 15.82 -6.58 -6.12
C ALA A 106 16.63 -6.08 -4.92
N ILE A 107 17.25 -4.92 -5.10
CA ILE A 107 18.09 -4.36 -4.05
C ILE A 107 17.24 -3.75 -2.95
N ALA A 108 16.10 -3.18 -3.31
CA ALA A 108 15.21 -2.60 -2.30
C ALA A 108 14.69 -3.69 -1.39
N GLU A 109 14.38 -4.84 -1.95
CA GLU A 109 13.89 -5.94 -1.15
C GLU A 109 14.98 -6.63 -0.32
N MET A 110 16.23 -6.56 -0.77
CA MET A 110 17.26 -7.15 0.07
C MET A 110 17.45 -6.22 1.26
N THR A 111 17.56 -4.93 0.94
CA THR A 111 17.65 -3.89 1.95
C THR A 111 16.58 -4.08 3.02
N VAL A 112 15.33 -4.19 2.57
CA VAL A 112 14.23 -4.32 3.50
C VAL A 112 14.34 -5.62 4.30
N THR A 113 14.56 -6.74 3.64
CA THR A 113 14.72 -7.98 4.38
C THR A 113 15.75 -7.89 5.47
N GLN A 114 16.92 -7.34 5.18
CA GLN A 114 17.96 -7.29 6.20
C GLN A 114 17.53 -6.38 7.34
N ALA A 115 16.85 -5.29 7.00
CA ALA A 115 16.37 -4.45 8.10
C ALA A 115 15.38 -5.19 8.99
N MET A 116 14.40 -5.84 8.40
CA MET A 116 13.36 -6.47 9.21
C MET A 116 13.99 -7.55 10.08
N TYR A 117 14.97 -8.25 9.53
CA TYR A 117 15.66 -9.32 10.25
C TYR A 117 16.35 -8.77 11.49
N LEU A 118 17.16 -7.72 11.34
CA LEU A 118 17.80 -7.22 12.56
C LEU A 118 16.79 -6.66 13.52
N LEU A 119 15.84 -5.89 13.01
CA LEU A 119 14.83 -5.28 13.85
C LEU A 119 14.11 -6.35 14.70
N ARG A 120 13.96 -7.56 14.19
CA ARG A 120 13.34 -8.64 14.98
C ARG A 120 14.32 -9.40 15.89
N LYS A 121 15.61 -9.17 15.69
CA LYS A 121 16.68 -9.67 16.57
C LYS A 121 16.81 -11.18 16.54
N ILE A 122 16.52 -11.75 15.38
CA ILE A 122 16.52 -13.19 15.18
C ILE A 122 17.92 -13.77 15.31
N GLY A 123 18.92 -13.12 14.74
CA GLY A 123 20.29 -13.57 14.94
C GLY A 123 20.75 -13.51 16.40
N GLU A 124 20.28 -12.50 17.11
CA GLU A 124 20.56 -12.32 18.53
C GLU A 124 19.85 -13.42 19.35
N PHE A 125 18.62 -13.74 18.95
CA PHE A 125 17.85 -14.81 19.61
C PHE A 125 18.52 -16.13 19.32
N ARG A 126 18.84 -16.40 18.06
CA ARG A 126 19.41 -17.70 17.75
C ARG A 126 20.75 -17.83 18.47
N TYR A 127 21.39 -16.70 18.74
CA TYR A 127 22.61 -16.81 19.48
C TYR A 127 22.34 -17.23 20.91
N ARG A 128 21.28 -16.70 21.53
CA ARG A 128 21.07 -17.08 22.93
C ARG A 128 20.49 -18.51 23.05
N MET A 129 19.68 -18.91 22.08
CA MET A 129 19.13 -20.26 21.99
C MET A 129 20.27 -21.29 21.80
N ASP A 130 21.12 -21.06 20.79
CA ASP A 130 22.12 -22.04 20.38
C ASP A 130 23.42 -22.10 21.21
N HIS A 131 23.81 -21.02 21.86
CA HIS A 131 25.10 -21.01 22.58
C HIS A 131 24.91 -21.06 24.07
N ASP A 132 23.88 -20.38 24.57
CA ASP A 132 23.57 -20.44 26.01
C ASP A 132 22.49 -21.47 26.41
N HIS A 133 21.94 -22.23 25.47
CA HIS A 133 20.72 -22.97 25.75
C HIS A 133 19.73 -22.07 26.48
N ASP A 134 19.51 -20.86 25.97
CA ASP A 134 18.61 -19.91 26.64
C ASP A 134 17.43 -19.49 25.72
N PHE A 135 16.20 -19.78 26.15
CA PHE A 135 15.02 -19.51 25.33
C PHE A 135 14.14 -18.50 25.99
N THR A 136 14.67 -17.80 26.98
CA THR A 136 13.90 -16.74 27.58
C THR A 136 13.82 -15.52 26.69
N TRP A 137 13.07 -14.54 27.14
CA TRP A 137 12.93 -13.34 26.36
C TRP A 137 13.39 -12.14 27.17
N PRO A 138 14.64 -11.66 26.93
CA PRO A 138 15.14 -10.56 27.77
C PRO A 138 14.68 -9.13 27.45
N SER A 139 14.89 -8.21 28.40
CA SER A 139 14.52 -6.81 28.23
C SER A 139 15.14 -6.20 26.99
N ASN A 140 16.43 -6.42 26.83
CA ASN A 140 17.20 -5.74 25.79
C ASN A 140 16.94 -6.31 24.39
N LEU A 141 16.09 -7.34 24.31
CA LEU A 141 15.63 -7.88 23.03
C LEU A 141 14.21 -7.53 22.58
N ILE A 142 13.56 -6.58 23.26
CA ILE A 142 12.25 -6.19 22.77
C ILE A 142 12.34 -5.56 21.39
N SER A 143 11.26 -5.72 20.63
CA SER A 143 11.29 -5.30 19.25
C SER A 143 10.24 -4.29 19.03
N ASN A 144 10.06 -3.88 17.79
CA ASN A 144 8.96 -2.97 17.54
C ASN A 144 8.30 -3.20 16.19
N GLU A 145 7.11 -2.62 16.01
CA GLU A 145 6.44 -2.68 14.72
C GLU A 145 7.06 -1.67 13.73
N ILE A 146 7.20 -2.05 12.47
CA ILE A 146 7.82 -1.17 11.49
C ILE A 146 7.17 0.24 11.38
N TYR A 147 5.84 0.33 11.47
CA TYR A 147 5.12 1.60 11.36
C TYR A 147 5.37 2.66 12.44
N ASN A 148 6.07 2.30 13.50
CA ASN A 148 6.38 3.26 14.54
C ASN A 148 7.81 3.74 14.44
N LEU A 149 8.48 3.31 13.39
CA LEU A 149 9.88 3.57 13.27
C LEU A 149 10.01 4.49 12.10
N THR A 150 11.10 5.23 12.07
CA THR A 150 11.34 6.04 10.89
C THR A 150 12.61 5.58 10.19
N VAL A 151 12.53 5.43 8.88
CA VAL A 151 13.59 4.85 8.08
C VAL A 151 14.21 6.01 7.36
N GLY A 152 15.54 6.07 7.34
CA GLY A 152 16.33 7.15 6.78
C GLY A 152 17.22 6.70 5.65
N LEU A 153 17.21 7.44 4.57
CA LEU A 153 17.98 7.06 3.40
C LEU A 153 19.08 8.09 3.14
N ILE A 154 20.34 7.66 3.11
CA ILE A 154 21.39 8.53 2.57
C ILE A 154 21.60 8.24 1.08
N GLY A 155 21.09 9.11 0.20
CA GLY A 155 21.17 8.87 -1.23
C GLY A 155 19.88 8.16 -1.59
N VAL A 156 19.23 8.60 -2.64
CA VAL A 156 17.96 7.98 -3.01
C VAL A 156 17.90 7.92 -4.50
N GLY A 157 18.20 6.78 -5.09
CA GLY A 157 17.99 6.76 -6.52
C GLY A 157 16.85 5.86 -6.91
N HIS A 158 17.07 5.00 -7.88
CA HIS A 158 16.07 4.02 -8.24
C HIS A 158 15.91 3.07 -7.07
N ILE A 159 17.01 2.82 -6.41
CA ILE A 159 16.99 1.86 -5.35
C ILE A 159 16.44 2.57 -4.11
N GLY A 160 16.98 3.74 -3.78
CA GLY A 160 16.48 4.43 -2.61
C GLY A 160 14.96 4.54 -2.66
N SER A 161 14.42 5.06 -3.76
CA SER A 161 12.96 5.16 -3.92
C SER A 161 12.19 3.85 -3.85
N ALA A 162 12.68 2.80 -4.49
CA ALA A 162 11.98 1.53 -4.30
C ALA A 162 11.88 1.17 -2.82
N VAL A 163 12.98 1.36 -2.11
CA VAL A 163 12.97 1.06 -0.69
C VAL A 163 11.96 1.91 0.05
N ALA A 164 12.01 3.23 -0.20
CA ALA A 164 11.02 4.15 0.35
C ALA A 164 9.61 3.67 0.03
N GLU A 165 9.32 3.36 -1.23
CA GLU A 165 8.01 2.86 -1.60
C GLU A 165 7.55 1.73 -0.70
N ILE A 166 8.47 0.81 -0.43
CA ILE A 166 8.09 -0.37 0.33
C ILE A 166 7.80 0.01 1.78
N PHE A 167 8.78 0.65 2.42
CA PHE A 167 8.60 1.02 3.80
C PHE A 167 7.42 1.91 4.01
N SER A 168 7.30 2.90 3.15
CA SER A 168 6.17 3.80 3.25
C SER A 168 4.90 2.98 3.16
N ALA A 169 4.85 2.05 2.22
CA ALA A 169 3.67 1.22 2.05
C ALA A 169 3.34 0.40 3.31
N MET A 170 4.39 -0.01 4.05
CA MET A 170 4.19 -0.75 5.31
C MET A 170 3.89 0.21 6.45
N GLY A 171 3.90 1.51 6.18
CA GLY A 171 3.46 2.44 7.20
C GLY A 171 4.55 3.11 8.02
N ALA A 172 5.81 2.77 7.75
CA ALA A 172 6.95 3.50 8.33
C ALA A 172 7.03 4.96 7.81
N LYS A 173 7.63 5.87 8.59
CA LYS A 173 7.95 7.20 8.10
C LYS A 173 9.29 7.11 7.41
N VAL A 174 9.45 7.71 6.23
CA VAL A 174 10.76 7.75 5.57
C VAL A 174 11.29 9.16 5.41
N ILE A 175 12.51 9.39 5.89
CA ILE A 175 13.24 10.60 5.61
C ILE A 175 14.42 10.27 4.72
N ALA A 176 15.00 11.28 4.09
CA ALA A 176 16.06 11.00 3.14
C ALA A 176 16.94 12.19 2.80
N TYR A 177 18.21 11.91 2.56
CA TYR A 177 19.09 12.90 1.95
C TYR A 177 19.56 12.56 0.53
N ASP A 178 19.29 13.45 -0.42
CA ASP A 178 19.80 13.33 -1.78
C ASP A 178 20.16 14.76 -2.12
N VAL A 179 21.28 14.92 -2.79
CA VAL A 179 21.72 16.20 -3.27
C VAL A 179 20.73 16.84 -4.23
N ALA A 180 19.95 15.99 -4.92
CA ALA A 180 19.05 16.39 -6.00
C ALA A 180 17.62 16.06 -5.67
N TYR A 181 16.74 16.94 -6.13
CA TYR A 181 15.32 16.86 -5.81
C TYR A 181 14.60 16.16 -6.95
N ASN A 182 13.80 15.17 -6.57
CA ASN A 182 12.98 14.35 -7.46
C ASN A 182 11.50 14.30 -7.10
N PRO A 183 10.68 15.17 -7.71
CA PRO A 183 9.29 15.33 -7.29
C PRO A 183 8.53 14.00 -7.21
N GLU A 184 8.87 13.09 -8.12
CA GLU A 184 8.21 11.79 -8.15
C GLU A 184 8.37 10.96 -6.87
N PHE A 185 9.25 11.36 -5.94
CA PHE A 185 9.38 10.65 -4.66
C PHE A 185 8.61 11.21 -3.44
N GLU A 186 7.93 12.35 -3.57
CA GLU A 186 7.26 12.87 -2.37
C GLU A 186 6.16 12.04 -1.76
N PRO A 187 5.51 11.19 -2.57
CA PRO A 187 4.47 10.40 -1.92
C PRO A 187 5.05 9.42 -0.95
N PHE A 188 6.34 9.08 -1.14
CA PHE A 188 6.98 8.04 -0.33
C PHE A 188 8.00 8.47 0.77
N LEU A 189 8.42 9.73 0.76
CA LEU A 189 9.43 10.18 1.68
C LEU A 189 9.45 11.67 1.85
N THR A 190 10.15 12.13 2.87
CA THR A 190 10.36 13.55 3.11
C THR A 190 11.83 13.84 2.97
N TYR A 191 12.20 14.85 2.16
CA TYR A 191 13.60 15.24 2.10
C TYR A 191 13.99 16.04 3.32
N THR A 192 15.26 15.92 3.69
CA THR A 192 15.83 16.68 4.80
C THR A 192 17.36 16.59 4.72
N ASP A 193 18.06 17.22 5.65
CA ASP A 193 19.52 17.25 5.62
C ASP A 193 20.16 15.97 6.11
N PHE A 194 21.40 15.75 5.69
CA PHE A 194 22.20 14.59 6.04
C PHE A 194 22.21 14.32 7.56
N ASP A 195 22.59 15.34 8.31
CA ASP A 195 22.64 15.21 9.76
C ASP A 195 21.32 14.72 10.30
N THR A 196 20.22 15.30 9.85
CA THR A 196 18.93 14.94 10.41
C THR A 196 18.61 13.49 10.05
N VAL A 197 19.00 13.05 8.85
CA VAL A 197 18.68 11.68 8.51
C VAL A 197 19.29 10.82 9.60
N LEU A 198 20.55 11.05 9.92
CA LEU A 198 21.19 10.18 10.93
C LEU A 198 20.62 10.34 12.33
N LYS A 199 20.24 11.56 12.69
CA LYS A 199 19.78 11.83 14.04
C LYS A 199 18.40 11.24 14.32
N GLU A 200 17.52 11.23 13.33
CA GLU A 200 16.12 10.86 13.61
C GLU A 200 15.79 9.38 13.33
N ALA A 201 16.54 8.77 12.41
CA ALA A 201 16.20 7.45 11.88
C ALA A 201 16.38 6.36 12.91
N ASP A 202 15.67 5.26 12.70
CA ASP A 202 15.81 4.06 13.50
C ASP A 202 16.49 3.00 12.68
N ILE A 203 16.32 3.17 11.39
CA ILE A 203 17.04 2.44 10.38
C ILE A 203 17.67 3.38 9.35
N VAL A 204 18.99 3.35 9.25
CA VAL A 204 19.71 4.11 8.25
C VAL A 204 20.20 3.24 7.14
N SER A 205 19.77 3.50 5.90
CA SER A 205 20.19 2.70 4.76
C SER A 205 20.90 3.59 3.75
N LEU A 206 21.91 3.04 3.08
CA LEU A 206 22.77 3.89 2.27
C LEU A 206 22.52 3.56 0.81
N HIS A 207 22.35 4.60 -0.01
CA HIS A 207 22.05 4.47 -1.44
C HIS A 207 22.60 5.61 -2.25
N THR A 208 23.67 6.24 -1.75
CA THR A 208 24.37 7.20 -2.57
C THR A 208 25.26 6.36 -3.48
N PRO A 209 25.85 6.97 -4.53
CA PRO A 209 26.88 6.27 -5.32
C PRO A 209 28.34 6.48 -4.89
N LEU A 210 29.19 5.52 -5.22
CA LEU A 210 30.63 5.64 -4.97
C LEU A 210 31.32 6.71 -5.78
N PHE A 211 31.83 7.72 -5.08
CA PHE A 211 32.71 8.74 -5.64
C PHE A 211 33.86 9.02 -4.68
N PRO A 212 34.94 9.61 -5.19
CA PRO A 212 36.05 10.03 -4.33
C PRO A 212 35.56 10.86 -3.14
N SER A 213 34.71 11.85 -3.41
CA SER A 213 34.15 12.71 -2.38
C SER A 213 33.14 11.98 -1.46
N THR A 214 32.91 10.68 -1.74
CA THR A 214 31.91 9.83 -1.05
C THR A 214 32.48 8.63 -0.28
N GLU A 215 33.65 8.18 -0.74
CA GLU A 215 34.46 7.15 -0.11
C GLU A 215 34.51 7.48 1.39
N ASN A 216 34.07 6.53 2.20
CA ASN A 216 34.05 6.70 3.66
C ASN A 216 33.04 7.69 4.25
N MET A 217 31.90 7.80 3.59
CA MET A 217 30.79 8.61 4.09
C MET A 217 30.41 8.36 5.53
N ILE A 218 30.39 7.08 5.91
CA ILE A 218 30.05 6.70 7.27
C ILE A 218 31.29 6.29 8.05
N GLY A 219 31.62 7.10 9.04
CA GLY A 219 32.69 6.86 9.97
C GLY A 219 32.25 7.13 11.39
N GLU A 220 33.22 7.25 12.30
CA GLU A 220 32.92 7.51 13.70
C GLU A 220 31.83 8.54 13.96
N LYS A 221 32.10 9.80 13.60
CA LYS A 221 31.13 10.88 13.83
C LYS A 221 29.69 10.49 13.56
N GLN A 222 29.51 9.84 12.41
CA GLN A 222 28.17 9.56 11.99
C GLN A 222 27.57 8.41 12.85
N LEU A 223 28.35 7.37 13.16
CA LEU A 223 27.82 6.27 13.95
C LEU A 223 27.46 6.66 15.40
N LYS A 224 28.32 7.47 16.01
CA LYS A 224 27.97 8.00 17.32
C LYS A 224 26.70 8.83 17.28
N GLU A 225 26.48 9.48 16.12
CA GLU A 225 25.30 10.35 15.93
C GLU A 225 24.02 9.58 15.68
N MET A 226 24.16 8.38 15.12
CA MET A 226 23.02 7.51 14.92
C MET A 226 22.53 7.14 16.28
N LYS A 227 21.29 6.65 16.34
CA LYS A 227 20.73 6.25 17.61
C LYS A 227 21.46 4.99 18.01
N LYS A 228 21.71 4.84 19.29
CA LYS A 228 22.24 3.61 19.82
C LYS A 228 21.39 2.46 19.25
N SER A 229 20.07 2.64 19.15
CA SER A 229 19.14 1.56 18.75
C SER A 229 18.98 1.41 17.24
N ALA A 230 19.72 2.20 16.50
CA ALA A 230 19.53 2.24 15.07
C ALA A 230 20.31 1.13 14.40
N TYR A 231 19.93 0.88 13.17
CA TYR A 231 20.52 -0.16 12.36
C TYR A 231 21.00 0.41 11.08
N LEU A 232 22.22 0.03 10.74
CA LEU A 232 22.82 0.55 9.54
C LEU A 232 22.76 -0.50 8.44
N ILE A 233 22.16 -0.10 7.33
CA ILE A 233 22.12 -0.93 6.16
C ILE A 233 23.03 -0.40 5.05
N ASN A 234 23.95 -1.26 4.60
CA ASN A 234 24.62 -1.00 3.34
C ASN A 234 24.40 -2.10 2.31
N CYS A 235 23.42 -1.90 1.44
CA CYS A 235 23.24 -2.71 0.25
C CYS A 235 23.62 -1.96 -0.98
N ALA A 236 24.56 -1.03 -0.83
CA ALA A 236 24.98 -0.10 -1.89
C ALA A 236 26.41 -0.48 -2.30
N ARG A 237 27.38 0.15 -1.64
CA ARG A 237 28.80 -0.08 -1.88
C ARG A 237 29.64 -0.07 -0.59
N GLY A 238 30.48 -1.09 -0.42
CA GLY A 238 31.23 -1.24 0.81
C GLY A 238 32.07 -0.03 1.17
N GLU A 239 32.57 0.66 0.15
CA GLU A 239 33.48 1.77 0.36
C GLU A 239 32.79 3.04 0.92
N LEU A 240 31.48 2.97 1.09
CA LEU A 240 30.76 4.05 1.74
C LEU A 240 31.05 4.01 3.23
N VAL A 241 31.40 2.81 3.70
CA VAL A 241 31.57 2.57 5.12
C VAL A 241 32.97 2.07 5.52
N ASP A 242 33.55 2.85 6.42
CA ASP A 242 34.78 2.55 7.11
C ASP A 242 34.62 1.38 8.07
N THR A 243 34.99 0.19 7.62
CA THR A 243 34.78 -1.03 8.43
C THR A 243 35.33 -0.95 9.85
N GLY A 244 36.44 -0.23 10.02
CA GLY A 244 37.04 -0.15 11.33
C GLY A 244 36.10 0.59 12.23
N ALA A 245 35.50 1.65 11.70
CA ALA A 245 34.65 2.48 12.53
C ALA A 245 33.39 1.67 12.84
N LEU A 246 32.89 0.96 11.83
CA LEU A 246 31.67 0.18 11.98
C LEU A 246 31.84 -0.85 13.10
N ILE A 247 32.96 -1.57 13.02
CA ILE A 247 33.31 -2.61 13.97
C ILE A 247 33.38 -2.04 15.36
N LYS A 248 34.11 -0.92 15.48
CA LYS A 248 34.17 -0.26 16.76
C LYS A 248 32.82 0.14 17.33
N ALA A 249 31.91 0.62 16.46
CA ALA A 249 30.61 1.11 16.94
C ALA A 249 29.70 -0.02 17.38
N LEU A 250 29.74 -1.10 16.62
CA LEU A 250 28.90 -2.25 16.91
C LEU A 250 29.39 -2.81 18.20
N GLN A 251 30.71 -2.89 18.34
CA GLN A 251 31.28 -3.44 19.56
C GLN A 251 30.91 -2.62 20.80
N ASP A 252 30.92 -1.30 20.68
CA ASP A 252 30.61 -0.48 21.84
C ASP A 252 29.13 -0.15 22.13
N GLY A 253 28.25 -0.54 21.20
CA GLY A 253 26.83 -0.22 21.30
C GLY A 253 26.41 1.21 20.91
N GLU A 254 27.05 1.73 19.87
CA GLU A 254 26.73 3.06 19.39
C GLU A 254 25.66 2.94 18.31
N ILE A 255 25.63 1.79 17.66
CA ILE A 255 24.49 1.34 16.88
C ILE A 255 24.13 -0.10 17.26
N ALA A 256 22.92 -0.52 16.91
CA ALA A 256 22.35 -1.74 17.45
C ALA A 256 22.60 -2.92 16.53
N GLY A 257 23.14 -2.63 15.35
CA GLY A 257 23.29 -3.64 14.32
C GLY A 257 23.52 -3.17 12.89
N ALA A 258 23.82 -4.12 12.02
CA ALA A 258 24.12 -3.79 10.65
C ALA A 258 23.85 -4.94 9.72
N GLY A 259 23.32 -4.61 8.55
CA GLY A 259 23.17 -5.58 7.48
C GLY A 259 24.01 -5.13 6.29
N LEU A 260 24.87 -6.02 5.79
CA LEU A 260 25.78 -5.59 4.74
C LEU A 260 25.72 -6.56 3.59
N ASP A 261 25.69 -6.04 2.37
CA ASP A 261 25.80 -6.89 1.21
C ASP A 261 27.11 -6.57 0.59
N THR A 262 27.84 -5.68 1.23
CA THR A 262 29.04 -5.16 0.63
C THR A 262 29.96 -4.52 1.67
N LEU A 263 31.25 -4.54 1.37
CA LEU A 263 32.33 -4.28 2.31
C LEU A 263 33.53 -3.67 1.59
N ALA A 264 34.19 -2.70 2.21
CA ALA A 264 35.40 -2.15 1.59
C ALA A 264 36.43 -3.26 1.53
N GLY A 265 37.09 -3.40 0.39
CA GLY A 265 38.06 -4.45 0.29
C GLY A 265 37.50 -5.77 -0.20
N GLU A 266 36.17 -5.85 -0.34
CA GLU A 266 35.48 -7.13 -0.61
C GLU A 266 36.01 -7.96 -1.79
N SER A 267 36.63 -7.32 -2.78
CA SER A 267 37.06 -8.01 -4.01
C SER A 267 38.01 -9.23 -3.90
N SER A 268 38.83 -9.28 -2.86
CA SER A 268 39.68 -10.45 -2.55
C SER A 268 38.92 -11.78 -2.45
N TYR A 269 37.81 -11.75 -1.74
CA TYR A 269 37.08 -12.95 -1.32
C TYR A 269 35.66 -13.09 -1.84
N PHE A 270 34.93 -11.99 -1.97
CA PHE A 270 33.65 -12.08 -2.66
C PHE A 270 33.95 -12.56 -4.05
N GLY A 271 33.31 -13.66 -4.46
CA GLY A 271 33.54 -14.18 -5.79
C GLY A 271 34.56 -15.30 -5.86
N HIS A 272 35.13 -15.67 -4.72
CA HIS A 272 36.23 -16.60 -4.73
C HIS A 272 35.83 -17.93 -3.97
N THR A 273 36.37 -19.12 -4.33
CA THR A 273 36.15 -20.38 -3.54
C THR A 273 37.40 -21.03 -2.96
N GLY A 274 37.19 -22.08 -2.17
CA GLY A 274 38.32 -22.83 -1.63
C GLY A 274 39.35 -22.04 -0.85
N LEU A 275 38.86 -20.96 -0.25
CA LEU A 275 39.70 -20.01 0.49
C LEU A 275 40.41 -20.52 1.80
N THR A 276 41.66 -20.12 1.98
CA THR A 276 42.39 -20.34 3.22
C THR A 276 41.86 -19.35 4.25
N ASP A 277 42.05 -19.62 5.54
CA ASP A 277 41.57 -18.66 6.53
C ASP A 277 42.34 -17.36 6.40
N SER A 278 43.59 -17.47 5.93
CA SER A 278 44.38 -16.30 5.53
C SER A 278 43.72 -15.49 4.40
N GLU A 279 43.28 -16.18 3.35
CA GLU A 279 42.67 -15.52 2.21
C GLU A 279 41.46 -14.61 2.54
N ILE A 280 40.88 -14.87 3.71
CA ILE A 280 39.68 -14.21 4.19
C ILE A 280 40.04 -13.23 5.28
N PRO A 281 39.68 -11.94 5.13
CA PRO A 281 40.21 -10.99 6.11
C PRO A 281 39.50 -11.02 7.46
N GLU A 282 40.20 -10.49 8.46
CA GLU A 282 39.75 -10.56 9.85
C GLU A 282 38.52 -9.69 10.12
N ASP A 283 38.43 -8.52 9.47
CA ASP A 283 37.24 -7.69 9.62
C ASP A 283 35.95 -8.37 9.13
N TYR A 284 36.05 -9.18 8.07
CA TYR A 284 34.89 -9.95 7.70
C TYR A 284 34.52 -10.90 8.82
N LYS A 285 35.51 -11.65 9.32
CA LYS A 285 35.25 -12.69 10.33
C LYS A 285 34.73 -12.13 11.68
N THR A 286 35.12 -10.88 11.96
CA THR A 286 34.75 -10.13 13.17
C THR A 286 33.32 -9.61 13.10
N LEU A 287 32.95 -9.05 11.96
CA LEU A 287 31.57 -8.61 11.84
C LEU A 287 30.69 -9.86 11.78
N ALA A 288 31.15 -10.81 10.97
CA ALA A 288 30.47 -12.07 10.74
C ALA A 288 30.29 -12.97 11.94
N LYS A 289 30.91 -12.63 13.06
CA LYS A 289 30.80 -13.53 14.21
C LYS A 289 29.69 -12.92 15.08
N MET A 290 29.38 -11.65 14.83
CA MET A 290 28.36 -10.89 15.58
C MET A 290 26.90 -11.19 15.21
N PRO A 291 26.09 -11.55 16.23
CA PRO A 291 24.66 -11.85 16.12
C PRO A 291 23.78 -10.64 15.70
N ASN A 292 24.21 -9.40 15.95
CA ASN A 292 23.47 -8.22 15.48
C ASN A 292 23.95 -7.76 14.13
N VAL A 293 24.67 -8.61 13.43
CA VAL A 293 25.06 -8.34 12.07
C VAL A 293 24.51 -9.39 11.14
N VAL A 294 24.14 -8.97 9.95
CA VAL A 294 23.88 -9.94 8.92
C VAL A 294 24.71 -9.46 7.76
N ILE A 295 25.24 -10.42 7.00
CA ILE A 295 26.09 -10.08 5.86
C ILE A 295 25.70 -11.02 4.79
N THR A 296 25.68 -10.52 3.57
CA THR A 296 25.49 -11.32 2.36
C THR A 296 26.50 -11.05 1.26
N PRO A 297 26.74 -12.04 0.37
CA PRO A 297 27.91 -11.77 -0.44
C PRO A 297 27.65 -10.94 -1.71
N HIS A 298 27.32 -9.66 -1.56
CA HIS A 298 26.99 -8.79 -2.70
C HIS A 298 26.01 -9.39 -3.66
N SER A 299 24.98 -10.00 -3.11
CA SER A 299 23.88 -10.53 -3.88
C SER A 299 22.56 -9.78 -3.73
N ALA A 300 22.60 -8.52 -3.35
CA ALA A 300 21.37 -7.76 -3.33
C ALA A 300 20.70 -7.81 -4.66
N PHE A 301 21.51 -7.71 -5.70
CA PHE A 301 21.05 -7.68 -7.06
C PHE A 301 20.44 -8.97 -7.55
N TYR A 302 20.68 -10.08 -6.86
CA TYR A 302 20.60 -11.42 -7.49
C TYR A 302 19.28 -12.16 -7.61
N THR A 303 18.50 -11.79 -8.63
CA THR A 303 17.19 -12.39 -8.88
C THR A 303 17.03 -12.75 -10.32
N GLU A 304 15.97 -13.47 -10.63
CA GLU A 304 15.66 -13.79 -12.01
C GLU A 304 15.39 -12.53 -12.79
N THR A 305 14.76 -11.55 -12.16
CA THR A 305 14.44 -10.33 -12.86
C THR A 305 15.74 -9.65 -13.27
N SER A 306 16.71 -9.58 -12.36
CA SER A 306 17.99 -8.95 -12.74
C SER A 306 18.73 -9.68 -13.86
N ILE A 307 18.88 -10.97 -13.75
CA ILE A 307 19.49 -11.72 -14.84
C ILE A 307 18.76 -11.57 -16.19
N ARG A 308 17.44 -11.73 -16.14
CA ARG A 308 16.64 -11.59 -17.33
C ARG A 308 16.94 -10.23 -17.92
N ASN A 309 16.79 -9.16 -17.13
CA ASN A 309 16.88 -7.81 -17.68
C ASN A 309 18.30 -7.41 -18.13
N MET A 310 19.33 -7.84 -17.39
CA MET A 310 20.74 -7.64 -17.76
C MET A 310 21.09 -8.26 -19.10
N VAL A 311 20.40 -9.35 -19.45
CA VAL A 311 20.65 -10.00 -20.75
C VAL A 311 19.82 -9.30 -21.82
N GLN A 312 18.53 -9.18 -21.55
CA GLN A 312 17.56 -8.73 -22.55
C GLN A 312 17.70 -7.22 -22.87
N ILE A 313 17.82 -6.36 -21.87
CA ILE A 313 18.00 -4.95 -22.17
C ILE A 313 19.20 -4.75 -23.09
N CYS A 314 20.30 -5.41 -22.74
CA CYS A 314 21.54 -5.22 -23.48
C CYS A 314 21.42 -5.75 -24.89
N LEU A 315 20.83 -6.93 -25.06
CA LEU A 315 20.65 -7.46 -26.40
C LEU A 315 19.71 -6.57 -27.27
N THR A 316 18.57 -6.18 -26.70
CA THR A 316 17.59 -5.36 -27.42
C THR A 316 18.26 -4.07 -27.89
N ASP A 317 19.11 -3.52 -27.02
CA ASP A 317 19.92 -2.35 -27.37
C ASP A 317 20.86 -2.71 -28.52
N GLN A 318 21.57 -3.82 -28.41
CA GLN A 318 22.44 -4.26 -29.50
C GLN A 318 21.70 -4.37 -30.84
N LEU A 319 20.47 -4.88 -30.83
CA LEU A 319 19.71 -4.99 -32.06
C LEU A 319 19.38 -3.65 -32.64
N THR A 320 18.87 -2.81 -31.75
CA THR A 320 18.60 -1.43 -32.10
C THR A 320 19.83 -0.81 -32.78
N ILE A 321 21.03 -1.12 -32.27
CA ILE A 321 22.26 -0.59 -32.90
C ILE A 321 22.68 -1.36 -34.15
N ALA A 322 22.19 -2.57 -34.31
CA ALA A 322 22.38 -3.33 -35.54
C ALA A 322 21.52 -2.77 -36.66
N LYS A 323 20.63 -1.85 -36.30
CA LYS A 323 19.78 -1.24 -37.31
C LYS A 323 19.95 0.27 -37.23
N GLY A 324 21.17 0.67 -36.89
CA GLY A 324 21.58 2.06 -36.84
C GLY A 324 20.66 2.82 -35.91
N GLY A 325 20.23 2.12 -34.85
CA GLY A 325 19.45 2.73 -33.79
C GLY A 325 20.48 3.31 -32.86
N ARG A 326 20.06 4.14 -31.92
CA ARG A 326 20.93 4.51 -30.81
C ARG A 326 20.18 4.55 -29.49
N PRO A 327 19.93 3.37 -28.88
CA PRO A 327 19.18 3.41 -27.63
C PRO A 327 19.95 4.22 -26.59
N ARG A 328 19.23 4.77 -25.63
CA ARG A 328 19.83 5.68 -24.64
C ARG A 328 20.97 5.17 -23.77
N SER A 329 21.21 3.87 -23.78
CA SER A 329 22.28 3.29 -22.97
C SER A 329 23.65 3.40 -23.64
N ILE A 330 23.73 4.30 -24.63
CA ILE A 330 25.02 4.71 -25.16
C ILE A 330 25.66 5.54 -24.08
N VAL A 331 26.96 5.40 -23.87
CA VAL A 331 27.54 5.81 -22.58
C VAL A 331 28.46 7.03 -22.62
N THR B 2 -10.95 1.32 44.35
CA THR B 2 -10.35 0.84 43.10
C THR B 2 -8.79 0.72 43.21
N LYS B 3 -8.35 -0.49 43.55
CA LYS B 3 -6.93 -0.88 43.66
C LYS B 3 -6.70 -2.25 42.99
N ILE B 4 -5.54 -2.49 42.37
CA ILE B 4 -5.33 -3.72 41.57
C ILE B 4 -4.14 -4.56 42.00
N ALA B 5 -4.29 -5.87 42.00
CA ALA B 5 -3.12 -6.73 42.21
C ALA B 5 -2.57 -7.31 40.93
N MET B 6 -1.25 -7.32 40.82
CA MET B 6 -0.65 -7.89 39.63
C MET B 6 0.40 -8.92 39.94
N TYR B 7 0.32 -9.99 39.16
CA TYR B 7 1.15 -11.16 39.29
C TYR B 7 1.74 -11.51 37.93
N ASN B 8 2.86 -12.22 37.95
CA ASN B 8 3.59 -12.61 36.76
C ASN B 8 4.30 -11.45 36.07
N VAL B 9 4.41 -10.29 36.72
CA VAL B 9 4.98 -9.14 36.00
C VAL B 9 6.46 -9.38 35.75
N SER B 10 6.96 -8.82 34.66
CA SER B 10 8.36 -8.98 34.28
C SER B 10 8.96 -7.58 34.17
N PRO B 11 10.31 -7.45 34.22
CA PRO B 11 10.89 -6.10 34.27
C PRO B 11 10.41 -5.14 33.22
N ILE B 12 10.15 -5.66 32.03
CA ILE B 12 9.75 -4.83 30.90
C ILE B 12 8.35 -4.21 31.04
N GLU B 13 7.45 -4.94 31.68
CA GLU B 13 6.06 -4.51 31.89
C GLU B 13 6.01 -3.38 32.89
N VAL B 14 6.97 -3.41 33.80
CA VAL B 14 6.92 -2.51 34.90
C VAL B 14 6.52 -1.10 34.47
N PRO B 15 7.24 -0.52 33.48
CA PRO B 15 6.99 0.85 33.05
C PRO B 15 5.57 1.15 32.57
N TYR B 16 4.97 0.29 31.75
CA TYR B 16 3.61 0.57 31.34
C TYR B 16 2.63 0.41 32.46
N ILE B 17 2.94 -0.50 33.37
CA ILE B 17 2.12 -0.58 34.55
C ILE B 17 2.10 0.74 35.29
N GLU B 18 3.30 1.18 35.68
CA GLU B 18 3.46 2.39 36.48
C GLU B 18 2.91 3.64 35.79
N ASP B 19 3.05 3.68 34.48
CA ASP B 19 2.53 4.81 33.73
C ASP B 19 1.01 4.78 33.66
N TRP B 20 0.44 3.60 33.77
CA TRP B 20 -1.00 3.53 33.65
C TRP B 20 -1.64 3.76 35.02
N ALA B 21 -1.05 3.20 36.07
CA ALA B 21 -1.64 3.44 37.37
C ALA B 21 -1.56 4.94 37.56
N LYS B 22 -0.41 5.51 37.17
CA LYS B 22 -0.18 6.94 37.33
C LYS B 22 -1.16 7.79 36.49
N LYS B 23 -1.52 7.32 35.30
CA LYS B 23 -2.39 8.08 34.40
C LYS B 23 -3.88 7.99 34.78
N ASN B 24 -4.24 6.94 35.54
CA ASN B 24 -5.65 6.67 35.87
C ASN B 24 -5.98 6.69 37.36
N ASP B 25 -4.99 6.93 38.21
CA ASP B 25 -5.21 7.08 39.66
C ASP B 25 -5.70 5.81 40.30
N VAL B 26 -5.05 4.72 39.94
CA VAL B 26 -5.24 3.50 40.69
C VAL B 26 -3.88 3.21 41.34
N GLU B 27 -3.93 2.50 42.47
CA GLU B 27 -2.73 1.95 43.06
C GLU B 27 -2.61 0.56 42.55
N ILE B 28 -1.38 0.17 42.31
CA ILE B 28 -1.14 -1.20 41.94
C ILE B 28 -0.05 -1.70 42.84
N LYS B 29 -0.15 -2.98 43.15
CA LYS B 29 0.88 -3.75 43.81
C LYS B 29 1.30 -4.81 42.84
N THR B 30 2.57 -5.19 42.95
CA THR B 30 3.12 -6.15 42.02
C THR B 30 3.96 -7.22 42.65
N THR B 31 4.16 -8.30 41.92
CA THR B 31 5.03 -9.40 42.34
C THR B 31 5.38 -10.30 41.17
N ASP B 32 6.60 -10.82 41.15
CA ASP B 32 7.07 -11.60 39.99
C ASP B 32 6.60 -13.08 39.97
N GLN B 33 6.18 -13.63 41.11
CA GLN B 33 5.75 -15.04 41.14
C GLN B 33 4.30 -15.28 40.70
N ALA B 34 3.98 -16.53 40.41
CA ALA B 34 2.64 -16.90 39.95
C ALA B 34 1.70 -16.49 41.07
N LEU B 35 0.43 -16.35 40.77
CA LEU B 35 -0.56 -16.27 41.84
C LEU B 35 -0.89 -17.65 42.40
N THR B 36 -0.46 -17.90 43.64
CA THR B 36 -0.82 -19.08 44.40
C THR B 36 -1.28 -18.66 45.82
N SER B 37 -1.40 -19.64 46.71
CA SER B 37 -1.94 -19.41 48.05
C SER B 37 -1.04 -18.67 49.06
N ALA B 38 0.24 -18.44 48.74
CA ALA B 38 1.09 -17.61 49.61
C ALA B 38 1.03 -16.12 49.25
N THR B 39 0.97 -15.86 47.95
CA THR B 39 0.99 -14.51 47.42
C THR B 39 -0.41 -13.91 47.27
N VAL B 40 -1.44 -14.74 47.43
CA VAL B 40 -2.83 -14.29 47.41
C VAL B 40 -3.10 -13.20 48.45
N ASP B 41 -2.33 -13.28 49.52
CA ASP B 41 -2.39 -12.36 50.63
C ASP B 41 -2.13 -10.91 50.23
N LEU B 42 -1.59 -10.76 49.03
CA LEU B 42 -1.29 -9.45 48.48
C LEU B 42 -2.53 -8.77 47.89
N ALA B 43 -3.44 -9.57 47.35
CA ALA B 43 -4.63 -9.03 46.70
C ALA B 43 -5.73 -8.53 47.64
N GLU B 44 -5.38 -8.28 48.88
CA GLU B 44 -6.35 -7.76 49.84
C GLU B 44 -6.61 -6.26 49.61
N GLY B 45 -7.90 -5.94 49.52
CA GLY B 45 -8.38 -4.59 49.31
C GLY B 45 -8.60 -4.24 47.86
N CYS B 46 -8.05 -5.07 46.98
CA CYS B 46 -8.08 -4.87 45.54
C CYS B 46 -9.42 -5.20 44.82
N SER B 47 -9.74 -4.46 43.75
CA SER B 47 -10.97 -4.70 42.96
C SER B 47 -10.80 -5.73 41.82
N SER B 48 -9.55 -6.09 41.52
CA SER B 48 -9.25 -7.01 40.42
C SER B 48 -7.79 -7.48 40.42
N VAL B 49 -7.55 -8.64 39.80
CA VAL B 49 -6.19 -9.08 39.60
C VAL B 49 -5.78 -9.25 38.17
N SER B 50 -4.47 -9.23 37.92
CA SER B 50 -3.91 -9.41 36.58
C SER B 50 -2.71 -10.29 36.62
N LEU B 51 -2.76 -11.37 35.87
CA LEU B 51 -1.69 -12.34 35.85
C LEU B 51 -1.31 -12.44 34.40
N LYS B 52 -0.14 -13.02 34.17
CA LYS B 52 0.28 -13.49 32.86
C LYS B 52 0.92 -14.85 33.08
N PRO B 53 0.07 -15.87 33.19
CA PRO B 53 0.35 -17.24 33.62
C PRO B 53 1.33 -18.03 32.76
N LEU B 54 2.10 -18.90 33.44
CA LEU B 54 2.94 -19.95 32.83
C LEU B 54 2.39 -21.37 33.02
N GLY B 55 1.66 -21.57 34.11
CA GLY B 55 0.94 -22.80 34.39
C GLY B 55 -0.34 -22.54 35.15
N PRO B 56 -1.20 -23.57 35.26
CA PRO B 56 -2.53 -23.50 35.84
C PRO B 56 -2.56 -22.92 37.26
N VAL B 57 -3.48 -21.99 37.47
CA VAL B 57 -3.92 -21.70 38.81
C VAL B 57 -4.95 -22.74 39.23
N ASP B 58 -4.50 -23.67 40.08
CA ASP B 58 -5.29 -24.84 40.49
C ASP B 58 -5.51 -24.97 42.01
N GLU B 59 -5.19 -23.93 42.77
CA GLU B 59 -5.49 -23.93 44.19
C GLU B 59 -6.83 -23.24 44.48
N GLU B 60 -7.76 -23.94 45.13
CA GLU B 60 -9.10 -23.41 45.39
C GLU B 60 -9.16 -22.37 46.51
N VAL B 61 -8.18 -22.46 47.42
CA VAL B 61 -8.11 -21.48 48.48
C VAL B 61 -8.14 -20.17 47.79
N VAL B 62 -7.21 -19.98 46.87
CA VAL B 62 -7.05 -18.70 46.19
C VAL B 62 -8.33 -18.13 45.60
N TYR B 63 -9.14 -18.94 44.94
CA TYR B 63 -10.42 -18.48 44.37
C TYR B 63 -11.39 -17.96 45.42
N GLN B 64 -11.68 -18.81 46.40
CA GLN B 64 -12.59 -18.39 47.44
C GLN B 64 -12.01 -17.37 48.44
N LYS B 65 -10.68 -17.28 48.53
CA LYS B 65 -9.98 -16.22 49.31
C LYS B 65 -10.04 -14.89 48.57
N LEU B 66 -10.11 -14.98 47.24
CA LEU B 66 -10.25 -13.81 46.38
C LEU B 66 -11.66 -13.25 46.53
N SER B 67 -12.67 -14.13 46.53
CA SER B 67 -14.04 -13.63 46.62
C SER B 67 -14.31 -13.22 48.08
N GLU B 68 -13.53 -13.77 49.00
CA GLU B 68 -13.55 -13.29 50.39
C GLU B 68 -12.93 -11.90 50.54
N TYR B 69 -11.73 -11.68 49.98
CA TYR B 69 -11.12 -10.35 49.91
C TYR B 69 -12.04 -9.43 49.11
N GLY B 70 -12.92 -10.07 48.34
CA GLY B 70 -13.97 -9.36 47.62
C GLY B 70 -13.57 -8.90 46.23
N VAL B 71 -12.56 -9.53 45.63
CA VAL B 71 -12.17 -9.23 44.23
C VAL B 71 -13.23 -9.66 43.20
N LYS B 72 -13.40 -8.84 42.16
CA LYS B 72 -14.50 -9.05 41.20
C LYS B 72 -14.17 -9.84 39.92
N CYS B 73 -12.91 -9.76 39.46
CA CYS B 73 -12.49 -10.42 38.20
C CYS B 73 -11.01 -10.84 38.20
N ILE B 74 -10.70 -11.83 37.38
CA ILE B 74 -9.32 -12.13 37.09
C ILE B 74 -9.05 -11.73 35.66
N GLY B 75 -8.21 -10.70 35.54
CA GLY B 75 -7.79 -10.20 34.24
C GLY B 75 -6.50 -10.90 33.88
N LEU B 76 -6.52 -11.46 32.69
CA LEU B 76 -5.35 -12.05 32.13
C LEU B 76 -4.73 -11.06 31.14
N ARG B 77 -3.43 -11.19 30.91
CA ARG B 77 -2.75 -10.28 29.99
C ARG B 77 -2.29 -11.05 28.75
N ILE B 78 -3.07 -12.05 28.35
CA ILE B 78 -2.75 -12.89 27.22
C ILE B 78 -4.07 -13.29 26.66
N VAL B 79 -4.06 -14.11 25.63
CA VAL B 79 -5.31 -14.76 25.18
C VAL B 79 -5.64 -16.01 26.00
N GLY B 80 -4.61 -16.69 26.49
CA GLY B 80 -4.77 -18.02 27.08
C GLY B 80 -5.36 -18.10 28.48
N PHE B 81 -6.56 -18.69 28.55
CA PHE B 81 -7.28 -18.92 29.80
C PHE B 81 -7.36 -20.34 30.39
N ASN B 82 -6.69 -21.29 29.74
CA ASN B 82 -6.72 -22.68 30.21
C ASN B 82 -6.31 -22.81 31.68
N THR B 83 -5.45 -21.88 32.10
CA THR B 83 -4.91 -21.86 33.44
C THR B 83 -5.92 -21.50 34.53
N ILE B 84 -6.95 -20.75 34.18
CA ILE B 84 -7.99 -20.49 35.17
C ILE B 84 -8.98 -21.64 35.24
N ASN B 85 -9.26 -22.11 36.46
CA ASN B 85 -10.31 -23.13 36.64
C ASN B 85 -11.69 -22.48 36.82
N PHE B 86 -12.63 -22.83 35.95
CA PHE B 86 -13.98 -22.23 35.95
C PHE B 86 -14.96 -22.88 36.92
N ASP B 87 -14.58 -24.03 37.46
CA ASP B 87 -15.33 -24.64 38.53
C ASP B 87 -15.20 -23.74 39.76
N TRP B 88 -13.99 -23.23 39.99
CA TRP B 88 -13.63 -22.42 41.17
C TRP B 88 -14.04 -20.94 41.10
N THR B 89 -14.19 -20.44 39.87
CA THR B 89 -14.65 -19.07 39.60
C THR B 89 -16.08 -18.91 40.09
N LYS B 90 -16.63 -20.00 40.62
CA LYS B 90 -17.99 -20.01 41.11
C LYS B 90 -18.03 -20.74 42.45
N LEU B 94 -17.13 -14.97 40.36
CA LEU B 94 -15.92 -14.39 39.76
C LEU B 94 -15.90 -14.32 38.22
N LEU B 95 -15.56 -13.14 37.69
CA LEU B 95 -15.50 -12.92 36.26
C LEU B 95 -14.06 -13.15 35.79
N VAL B 96 -13.87 -13.44 34.50
CA VAL B 96 -12.52 -13.55 33.95
C VAL B 96 -12.50 -12.78 32.63
N THR B 97 -11.47 -11.96 32.45
CA THR B 97 -11.26 -11.21 31.21
C THR B 97 -9.87 -11.54 30.71
N ASN B 98 -9.75 -11.60 29.40
CA ASN B 98 -8.45 -11.72 28.76
C ASN B 98 -8.15 -10.52 27.84
N VAL B 99 -7.02 -10.60 27.16
CA VAL B 99 -6.62 -9.59 26.17
C VAL B 99 -6.50 -10.26 24.83
N PRO B 100 -7.58 -10.23 24.07
CA PRO B 100 -7.70 -11.00 22.82
C PRO B 100 -6.89 -10.50 21.64
N VAL B 101 -6.80 -9.20 21.44
CA VAL B 101 -6.05 -8.66 20.31
C VAL B 101 -5.05 -7.64 20.79
N TYR B 102 -3.76 -8.02 20.87
CA TYR B 102 -2.76 -7.06 21.38
C TYR B 102 -1.81 -6.43 20.36
N SER B 103 -1.39 -7.15 19.36
CA SER B 103 -0.71 -6.46 18.29
C SER B 103 -0.61 -7.41 17.17
N PRO B 104 -1.63 -7.42 16.33
CA PRO B 104 -1.59 -8.35 15.21
C PRO B 104 -0.38 -8.12 14.36
N ARG B 105 -0.02 -6.87 14.20
CA ARG B 105 1.06 -6.59 13.28
C ARG B 105 2.40 -7.14 13.81
N ALA B 106 2.53 -7.34 15.11
CA ALA B 106 3.75 -7.93 15.61
C ALA B 106 3.95 -9.35 15.08
N ILE B 107 2.86 -10.10 15.03
CA ILE B 107 2.99 -11.45 14.53
C ILE B 107 3.06 -11.38 13.02
N ALA B 108 2.28 -10.50 12.41
CA ALA B 108 2.27 -10.52 10.96
C ALA B 108 3.65 -10.12 10.46
N GLU B 109 4.33 -9.31 11.25
CA GLU B 109 5.62 -8.82 10.84
C GLU B 109 6.68 -9.88 11.04
N MET B 110 6.55 -10.70 12.08
CA MET B 110 7.53 -11.75 12.16
C MET B 110 7.30 -12.68 10.96
N THR B 111 6.03 -13.00 10.68
CA THR B 111 5.68 -13.83 9.53
C THR B 111 6.35 -13.34 8.24
N VAL B 112 6.16 -12.05 7.95
CA VAL B 112 6.78 -11.48 6.77
C VAL B 112 8.31 -11.48 6.79
N THR B 113 8.91 -11.02 7.87
CA THR B 113 10.37 -11.04 8.05
C THR B 113 11.00 -12.40 7.79
N GLN B 114 10.51 -13.40 8.49
CA GLN B 114 11.00 -14.75 8.32
C GLN B 114 10.84 -15.12 6.85
N ALA B 115 9.74 -14.65 6.24
CA ALA B 115 9.47 -15.07 4.88
C ALA B 115 10.47 -14.45 3.92
N MET B 116 10.79 -13.17 4.10
CA MET B 116 11.76 -12.49 3.24
C MET B 116 13.18 -13.04 3.43
N TYR B 117 13.57 -13.24 4.69
CA TYR B 117 14.87 -13.82 5.00
C TYR B 117 15.03 -15.13 4.30
N LEU B 118 14.02 -15.98 4.40
CA LEU B 118 14.07 -17.21 3.64
C LEU B 118 14.16 -17.01 2.13
N LEU B 119 13.27 -16.17 1.65
CA LEU B 119 13.15 -15.93 0.22
C LEU B 119 14.44 -15.43 -0.41
N ARG B 120 15.27 -14.78 0.40
CA ARG B 120 16.53 -14.20 -0.11
C ARG B 120 17.73 -15.09 0.14
N LYS B 121 17.47 -16.24 0.74
CA LYS B 121 18.50 -17.24 0.93
C LYS B 121 19.69 -16.80 1.76
N ILE B 122 19.48 -15.82 2.63
CA ILE B 122 20.55 -15.30 3.48
C ILE B 122 21.16 -16.41 4.35
N GLY B 123 20.33 -17.34 4.81
CA GLY B 123 20.83 -18.45 5.58
C GLY B 123 21.68 -19.43 4.77
N GLU B 124 21.22 -19.75 3.57
CA GLU B 124 21.94 -20.67 2.71
C GLU B 124 23.29 -20.05 2.33
N PHE B 125 23.25 -18.77 2.04
CA PHE B 125 24.47 -18.08 1.73
C PHE B 125 25.39 -18.04 2.94
N ARG B 126 24.83 -17.82 4.12
CA ARG B 126 25.67 -17.76 5.29
C ARG B 126 26.38 -19.09 5.46
N TYR B 127 25.68 -20.19 5.24
CA TYR B 127 26.33 -21.48 5.30
C TYR B 127 27.48 -21.64 4.33
N ARG B 128 27.24 -21.32 3.06
CA ARG B 128 28.33 -21.47 2.08
C ARG B 128 29.51 -20.54 2.34
N MET B 129 29.23 -19.32 2.76
CA MET B 129 30.33 -18.42 3.10
C MET B 129 31.18 -18.88 4.30
N ASP B 130 30.52 -19.29 5.39
CA ASP B 130 31.24 -19.57 6.64
C ASP B 130 31.77 -20.99 6.79
N HIS B 131 31.16 -21.95 6.10
CA HIS B 131 31.65 -23.32 6.17
C HIS B 131 32.34 -23.85 4.90
N ASP B 132 31.90 -23.39 3.74
CA ASP B 132 32.54 -23.78 2.49
C ASP B 132 33.57 -22.76 1.95
N HIS B 133 33.66 -21.60 2.62
CA HIS B 133 34.48 -20.50 2.13
C HIS B 133 34.17 -20.14 0.69
N ASP B 134 32.89 -20.19 0.37
CA ASP B 134 32.46 -20.07 -1.00
C ASP B 134 31.58 -18.84 -1.04
N PHE B 135 31.99 -17.85 -1.83
CA PHE B 135 31.39 -16.52 -1.82
C PHE B 135 30.83 -16.20 -3.19
N THR B 136 30.42 -17.25 -3.93
CA THR B 136 29.99 -17.12 -5.33
C THR B 136 28.48 -17.16 -5.42
N TRP B 137 27.91 -16.98 -6.61
CA TRP B 137 26.46 -17.09 -6.74
C TRP B 137 25.97 -18.27 -7.55
N PRO B 138 25.47 -19.31 -6.87
CA PRO B 138 25.00 -20.54 -7.53
C PRO B 138 23.58 -20.46 -8.10
N SER B 139 23.30 -21.28 -9.10
CA SER B 139 21.97 -21.26 -9.71
C SER B 139 20.87 -21.46 -8.72
N ASN B 140 21.06 -22.38 -7.79
CA ASN B 140 19.99 -22.69 -6.83
C ASN B 140 19.76 -21.62 -5.78
N LEU B 141 20.63 -20.63 -5.72
CA LEU B 141 20.44 -19.57 -4.76
C LEU B 141 20.00 -18.26 -5.45
N ILE B 142 19.65 -18.36 -6.72
CA ILE B 142 18.90 -17.27 -7.32
C ILE B 142 17.66 -17.05 -6.51
N SER B 143 17.24 -15.81 -6.43
CA SER B 143 16.16 -15.43 -5.55
C SER B 143 15.04 -14.76 -6.38
N ASN B 144 14.00 -14.25 -5.74
CA ASN B 144 12.98 -13.64 -6.56
C ASN B 144 12.32 -12.43 -5.88
N GLU B 145 11.83 -11.48 -6.68
CA GLU B 145 11.18 -10.32 -6.11
C GLU B 145 9.83 -10.74 -5.59
N ILE B 146 9.38 -10.11 -4.51
CA ILE B 146 8.17 -10.55 -3.85
C ILE B 146 6.90 -10.35 -4.66
N TYR B 147 6.90 -9.33 -5.50
CA TYR B 147 5.70 -9.05 -6.26
C TYR B 147 5.43 -10.09 -7.32
N ASN B 148 6.44 -10.92 -7.59
CA ASN B 148 6.29 -11.99 -8.55
C ASN B 148 5.81 -13.28 -7.92
N LEU B 149 5.62 -13.25 -6.61
CA LEU B 149 5.37 -14.44 -5.83
C LEU B 149 3.96 -14.40 -5.36
N THR B 150 3.41 -15.57 -5.03
CA THR B 150 2.08 -15.57 -4.43
C THR B 150 2.05 -16.14 -3.00
N VAL B 151 1.27 -15.53 -2.11
CA VAL B 151 1.28 -15.94 -0.70
C VAL B 151 -0.04 -16.58 -0.36
N GLY B 152 0.05 -17.79 0.18
CA GLY B 152 -1.07 -18.59 0.62
C GLY B 152 -1.18 -18.62 2.12
N LEU B 153 -2.36 -18.35 2.62
CA LEU B 153 -2.62 -18.37 4.05
C LEU B 153 -3.56 -19.51 4.44
N ILE B 154 -3.17 -20.38 5.36
CA ILE B 154 -4.13 -21.32 5.94
C ILE B 154 -4.61 -20.65 7.20
N GLY B 155 -5.85 -20.20 7.26
CA GLY B 155 -6.20 -19.47 8.44
C GLY B 155 -5.97 -18.00 8.20
N VAL B 156 -6.96 -17.18 8.52
CA VAL B 156 -6.88 -15.75 8.30
C VAL B 156 -7.54 -14.96 9.43
N GLY B 157 -6.88 -14.66 10.54
CA GLY B 157 -7.62 -13.76 11.41
C GLY B 157 -7.06 -12.35 11.50
N HIS B 158 -6.96 -11.79 12.70
CA HIS B 158 -6.37 -10.47 12.86
C HIS B 158 -4.98 -10.53 12.22
N ILE B 159 -4.31 -11.63 12.53
CA ILE B 159 -2.94 -11.83 12.12
C ILE B 159 -2.85 -12.22 10.66
N GLY B 160 -3.52 -13.28 10.24
CA GLY B 160 -3.39 -13.64 8.85
C GLY B 160 -3.74 -12.48 7.91
N SER B 161 -4.83 -11.78 8.21
CA SER B 161 -5.19 -10.58 7.46
C SER B 161 -4.14 -9.48 7.45
N ALA B 162 -3.50 -9.25 8.60
CA ALA B 162 -2.43 -8.25 8.61
C ALA B 162 -1.26 -8.67 7.72
N VAL B 163 -0.97 -9.97 7.69
CA VAL B 163 0.05 -10.52 6.79
C VAL B 163 -0.35 -10.21 5.34
N ALA B 164 -1.62 -10.44 5.04
CA ALA B 164 -2.16 -10.15 3.71
C ALA B 164 -1.96 -8.67 3.33
N GLU B 165 -2.35 -7.70 4.19
CA GLU B 165 -2.19 -6.28 3.80
C GLU B 165 -0.72 -6.05 3.49
N ILE B 166 0.16 -6.67 4.25
CA ILE B 166 1.54 -6.29 4.05
C ILE B 166 1.99 -6.84 2.68
N PHE B 167 1.85 -8.14 2.45
CA PHE B 167 2.27 -8.71 1.17
C PHE B 167 1.55 -8.16 -0.06
N SER B 168 0.31 -7.72 0.13
CA SER B 168 -0.44 -7.11 -0.94
C SER B 168 0.21 -5.78 -1.32
N ALA B 169 0.43 -4.90 -0.34
CA ALA B 169 1.19 -3.66 -0.57
C ALA B 169 2.52 -3.87 -1.35
N MET B 170 3.22 -4.97 -1.06
CA MET B 170 4.46 -5.27 -1.77
C MET B 170 4.22 -5.81 -3.19
N GLY B 171 2.97 -6.10 -3.49
CA GLY B 171 2.62 -6.50 -4.83
C GLY B 171 2.52 -7.99 -5.04
N ALA B 172 2.53 -8.78 -3.97
CA ALA B 172 2.36 -10.23 -4.14
C ALA B 172 0.91 -10.55 -4.37
N LYS B 173 0.63 -11.73 -4.92
CA LYS B 173 -0.74 -12.18 -5.03
C LYS B 173 -1.03 -12.86 -3.72
N VAL B 174 -2.05 -12.48 -2.95
CA VAL B 174 -2.33 -13.27 -1.74
C VAL B 174 -3.60 -14.14 -1.73
N ILE B 175 -3.46 -15.39 -1.32
CA ILE B 175 -4.61 -16.25 -1.31
C ILE B 175 -4.70 -16.98 -0.01
N ALA B 176 -5.92 -17.28 0.37
CA ALA B 176 -6.11 -17.79 1.68
C ALA B 176 -7.27 -18.73 1.72
N TYR B 177 -7.12 -19.70 2.60
CA TYR B 177 -8.20 -20.56 3.02
C TYR B 177 -8.57 -20.24 4.44
N ASP B 178 -9.88 -20.11 4.63
CA ASP B 178 -10.48 -19.88 5.93
C ASP B 178 -11.85 -20.52 5.84
N VAL B 179 -12.39 -20.97 6.95
CA VAL B 179 -13.70 -21.59 6.97
C VAL B 179 -14.76 -20.52 6.92
N ALA B 180 -14.34 -19.31 7.32
CA ALA B 180 -15.18 -18.15 7.39
C ALA B 180 -14.83 -17.10 6.38
N TYR B 181 -15.85 -16.33 6.03
CA TYR B 181 -15.74 -15.30 5.04
C TYR B 181 -15.73 -13.97 5.76
N ASN B 182 -14.74 -13.14 5.45
CA ASN B 182 -14.61 -11.78 5.99
C ASN B 182 -14.61 -10.70 4.94
N PRO B 183 -15.77 -10.16 4.59
CA PRO B 183 -15.83 -9.05 3.63
C PRO B 183 -14.70 -8.04 3.82
N GLU B 184 -14.49 -7.54 5.05
CA GLU B 184 -13.39 -6.63 5.37
C GLU B 184 -12.12 -6.96 4.62
N PHE B 185 -11.95 -8.24 4.25
CA PHE B 185 -10.70 -8.79 3.72
C PHE B 185 -10.51 -8.94 2.23
N GLU B 186 -11.53 -8.71 1.41
CA GLU B 186 -11.32 -9.02 0.00
C GLU B 186 -10.32 -8.14 -0.71
N PRO B 187 -10.06 -6.93 -0.18
CA PRO B 187 -9.04 -6.07 -0.82
C PRO B 187 -7.60 -6.59 -0.81
N PHE B 188 -7.31 -7.51 0.11
CA PHE B 188 -5.94 -7.93 0.31
C PHE B 188 -5.73 -9.37 -0.13
N LEU B 189 -6.79 -10.15 -0.31
CA LEU B 189 -6.60 -11.56 -0.57
C LEU B 189 -7.77 -12.11 -1.30
N THR B 190 -7.57 -13.31 -1.83
CA THR B 190 -8.67 -14.00 -2.48
C THR B 190 -8.91 -15.31 -1.79
N TYR B 191 -10.12 -15.51 -1.29
CA TYR B 191 -10.45 -16.76 -0.63
C TYR B 191 -10.48 -17.88 -1.62
N THR B 192 -10.05 -19.03 -1.14
CA THR B 192 -10.11 -20.29 -1.84
C THR B 192 -10.00 -21.46 -0.88
N ASP B 193 -9.93 -22.66 -1.45
CA ASP B 193 -9.76 -23.89 -0.67
C ASP B 193 -8.35 -24.24 -0.24
N PHE B 194 -8.29 -25.21 0.66
CA PHE B 194 -7.08 -25.65 1.30
C PHE B 194 -6.04 -26.25 0.34
N ASP B 195 -6.45 -27.33 -0.34
CA ASP B 195 -5.67 -27.90 -1.42
C ASP B 195 -5.07 -26.83 -2.32
N THR B 196 -5.89 -25.91 -2.80
CA THR B 196 -5.40 -24.89 -3.73
C THR B 196 -4.32 -24.00 -3.13
N VAL B 197 -4.50 -23.61 -1.86
CA VAL B 197 -3.50 -22.80 -1.21
C VAL B 197 -2.20 -23.55 -1.22
N LEU B 198 -2.24 -24.81 -0.79
CA LEU B 198 -1.02 -25.60 -0.76
C LEU B 198 -0.42 -25.77 -2.13
N LYS B 199 -1.28 -25.95 -3.11
CA LYS B 199 -0.87 -26.21 -4.48
C LYS B 199 -0.22 -25.06 -5.25
N GLU B 200 -0.69 -23.83 -5.03
CA GLU B 200 -0.29 -22.70 -5.88
C GLU B 200 0.60 -21.63 -5.29
N ALA B 201 0.85 -21.69 -3.99
CA ALA B 201 1.59 -20.63 -3.30
C ALA B 201 3.10 -20.83 -3.32
N ASP B 202 3.83 -19.73 -3.37
CA ASP B 202 5.28 -19.78 -3.32
C ASP B 202 5.70 -19.58 -1.87
N ILE B 203 4.78 -19.07 -1.03
CA ILE B 203 4.90 -19.05 0.43
C ILE B 203 3.60 -19.44 1.14
N VAL B 204 3.69 -20.41 2.03
CA VAL B 204 2.53 -20.81 2.86
C VAL B 204 2.63 -20.34 4.29
N SER B 205 1.64 -19.59 4.77
CA SER B 205 1.65 -19.11 6.14
C SER B 205 0.49 -19.65 6.97
N LEU B 206 0.78 -20.17 8.16
CA LEU B 206 -0.26 -20.77 8.99
C LEU B 206 -0.80 -19.71 9.95
N HIS B 207 -2.11 -19.56 9.98
CA HIS B 207 -2.73 -18.62 10.88
C HIS B 207 -4.05 -19.14 11.39
N THR B 208 -4.22 -20.44 11.44
CA THR B 208 -5.48 -20.93 11.96
C THR B 208 -5.31 -21.03 13.49
N PRO B 209 -6.43 -21.04 14.23
CA PRO B 209 -6.28 -21.27 15.68
C PRO B 209 -5.97 -22.71 16.00
N LEU B 210 -5.47 -23.02 17.19
CA LEU B 210 -5.35 -24.41 17.57
C LEU B 210 -6.61 -25.03 18.19
N PHE B 211 -7.06 -26.12 17.56
CA PHE B 211 -8.22 -26.94 17.99
C PHE B 211 -7.83 -28.38 17.73
N PRO B 212 -8.36 -29.30 18.54
CA PRO B 212 -8.22 -30.75 18.38
C PRO B 212 -8.29 -31.23 16.93
N SER B 213 -9.02 -30.47 16.12
CA SER B 213 -9.31 -30.83 14.75
C SER B 213 -8.28 -30.28 13.79
N THR B 214 -7.36 -29.53 14.38
CA THR B 214 -6.41 -28.72 13.64
C THR B 214 -4.98 -29.14 13.96
N GLU B 215 -4.86 -29.86 15.06
CA GLU B 215 -3.62 -30.50 15.42
C GLU B 215 -3.16 -31.28 14.22
N ASN B 216 -1.87 -31.18 13.94
CA ASN B 216 -1.29 -31.80 12.76
C ASN B 216 -2.01 -31.53 11.43
N MET B 217 -2.40 -30.28 11.25
CA MET B 217 -3.05 -29.88 10.03
C MET B 217 -2.10 -29.88 8.82
N ILE B 218 -0.87 -29.44 9.04
CA ILE B 218 0.16 -29.60 8.04
C ILE B 218 1.04 -30.79 8.34
N GLY B 219 0.87 -31.82 7.52
CA GLY B 219 1.62 -33.03 7.69
C GLY B 219 2.02 -33.57 6.35
N GLU B 220 2.51 -34.80 6.36
CA GLU B 220 3.12 -35.40 5.19
C GLU B 220 2.35 -35.11 3.89
N LYS B 221 1.05 -35.37 3.86
CA LYS B 221 0.29 -35.22 2.62
C LYS B 221 0.30 -33.78 2.10
N GLN B 222 0.10 -32.86 3.02
CA GLN B 222 0.08 -31.46 2.70
C GLN B 222 1.44 -30.95 2.22
N LEU B 223 2.50 -31.37 2.88
CA LEU B 223 3.83 -31.02 2.41
C LEU B 223 4.18 -31.60 1.03
N LYS B 224 3.66 -32.78 0.65
CA LYS B 224 3.88 -33.24 -0.74
C LYS B 224 3.11 -32.34 -1.68
N GLU B 225 2.03 -31.77 -1.15
CA GLU B 225 1.20 -30.94 -2.02
C GLU B 225 1.86 -29.57 -2.27
N MET B 226 2.72 -29.07 -1.38
CA MET B 226 3.28 -27.73 -1.58
C MET B 226 4.34 -27.83 -2.69
N LYS B 227 4.98 -26.71 -3.06
CA LYS B 227 5.97 -26.73 -4.14
C LYS B 227 7.40 -26.87 -3.62
N LYS B 228 8.24 -27.55 -4.41
CA LYS B 228 9.65 -27.69 -4.09
C LYS B 228 10.25 -26.41 -3.60
N SER B 229 9.75 -25.29 -4.16
CA SER B 229 10.35 -23.98 -3.94
C SER B 229 9.61 -23.14 -2.89
N ALA B 230 8.56 -23.72 -2.31
CA ALA B 230 7.68 -22.95 -1.44
C ALA B 230 8.29 -23.02 -0.06
N TYR B 231 8.12 -21.95 0.72
CA TYR B 231 8.50 -21.96 2.15
C TYR B 231 7.29 -22.12 3.08
N LEU B 232 7.47 -22.88 4.15
CA LEU B 232 6.42 -22.92 5.15
C LEU B 232 6.76 -22.03 6.30
N ILE B 233 5.80 -21.18 6.66
CA ILE B 233 5.92 -20.31 7.81
C ILE B 233 4.90 -20.67 8.86
N ASN B 234 5.38 -20.95 10.08
CA ASN B 234 4.46 -21.16 11.20
C ASN B 234 4.75 -20.20 12.35
N CYS B 235 4.09 -19.05 12.29
CA CYS B 235 4.15 -18.08 13.37
C CYS B 235 2.84 -18.23 14.08
N ALA B 236 2.23 -19.40 13.92
CA ALA B 236 0.94 -19.60 14.55
C ALA B 236 0.96 -20.47 15.79
N ARG B 237 0.95 -21.78 15.61
CA ARG B 237 1.05 -22.70 16.73
C ARG B 237 1.73 -23.98 16.34
N GLY B 238 2.69 -24.43 17.13
CA GLY B 238 3.48 -25.60 16.78
C GLY B 238 2.71 -26.89 16.55
N GLU B 239 1.76 -27.16 17.41
CA GLU B 239 0.95 -28.33 17.23
C GLU B 239 0.23 -28.31 15.87
N LEU B 240 0.42 -27.26 15.08
CA LEU B 240 -0.25 -27.25 13.78
C LEU B 240 0.54 -28.05 12.78
N VAL B 241 1.82 -28.25 13.07
CA VAL B 241 2.70 -28.93 12.14
C VAL B 241 3.26 -30.22 12.69
N ASP B 242 3.30 -31.23 11.82
CA ASP B 242 3.92 -32.48 12.19
C ASP B 242 5.39 -32.30 11.98
N THR B 243 6.11 -32.08 13.07
CA THR B 243 7.54 -31.82 12.98
C THR B 243 8.31 -32.94 12.32
N GLY B 244 7.91 -34.17 12.62
CA GLY B 244 8.58 -35.29 11.98
C GLY B 244 8.44 -35.15 10.49
N ALA B 245 7.19 -35.01 10.05
CA ALA B 245 6.85 -34.80 8.66
C ALA B 245 7.59 -33.60 8.07
N LEU B 246 7.62 -32.50 8.81
CA LEU B 246 8.24 -31.28 8.31
C LEU B 246 9.75 -31.44 8.12
N ILE B 247 10.39 -32.10 9.09
CA ILE B 247 11.83 -32.33 9.07
C ILE B 247 12.18 -33.17 7.88
N LYS B 248 11.40 -34.24 7.70
CA LYS B 248 11.67 -35.21 6.64
C LYS B 248 11.38 -34.62 5.27
N ALA B 249 10.42 -33.71 5.22
CA ALA B 249 10.09 -33.06 3.97
C ALA B 249 11.21 -32.07 3.62
N LEU B 250 11.74 -31.38 4.62
CA LEU B 250 12.85 -30.48 4.39
C LEU B 250 14.04 -31.30 3.89
N GLN B 251 14.18 -32.48 4.46
CA GLN B 251 15.28 -33.35 4.10
C GLN B 251 15.18 -33.84 2.67
N ASP B 252 13.95 -34.19 2.27
CA ASP B 252 13.68 -34.71 0.93
C ASP B 252 13.53 -33.70 -0.20
N GLY B 253 13.42 -32.42 0.15
CA GLY B 253 13.36 -31.43 -0.90
C GLY B 253 11.94 -31.21 -1.30
N GLU B 254 11.02 -31.74 -0.51
CA GLU B 254 9.61 -31.51 -0.74
C GLU B 254 9.29 -30.02 -0.66
N ILE B 255 9.82 -29.31 0.33
CA ILE B 255 9.75 -27.86 0.27
C ILE B 255 11.15 -27.23 0.35
N ALA B 256 11.29 -25.91 0.23
CA ALA B 256 12.61 -25.32 -0.01
C ALA B 256 13.26 -24.76 1.24
N GLY B 257 12.43 -24.60 2.27
CA GLY B 257 12.86 -24.16 3.58
C GLY B 257 11.67 -23.75 4.43
N ALA B 258 11.94 -23.42 5.69
CA ALA B 258 10.84 -23.07 6.56
C ALA B 258 11.25 -22.03 7.57
N GLY B 259 10.26 -21.29 8.03
CA GLY B 259 10.46 -20.26 9.03
C GLY B 259 9.47 -20.56 10.11
N LEU B 260 10.00 -20.81 11.31
CA LEU B 260 9.18 -21.24 12.42
C LEU B 260 9.35 -20.37 13.67
N ASP B 261 8.24 -19.96 14.29
CA ASP B 261 8.21 -19.29 15.60
C ASP B 261 7.77 -20.19 16.79
N THR B 262 7.32 -21.38 16.46
CA THR B 262 6.68 -22.27 17.41
C THR B 262 6.85 -23.69 16.90
N LEU B 263 6.88 -24.65 17.82
CA LEU B 263 7.03 -26.07 17.47
C LEU B 263 6.08 -26.95 18.28
N ALA B 264 5.44 -27.92 17.63
CA ALA B 264 4.77 -28.94 18.40
C ALA B 264 5.70 -29.38 19.53
N GLY B 265 5.28 -29.24 20.79
CA GLY B 265 6.08 -29.69 21.92
C GLY B 265 7.08 -28.73 22.59
N GLU B 266 7.03 -27.45 22.21
CA GLU B 266 7.96 -26.40 22.65
C GLU B 266 8.04 -26.02 24.11
N SER B 267 6.94 -26.22 24.83
CA SER B 267 6.81 -25.66 26.17
C SER B 267 7.73 -26.22 27.23
N SER B 268 8.45 -27.27 26.86
CA SER B 268 9.54 -27.80 27.67
C SER B 268 10.77 -26.91 27.81
N TYR B 269 11.13 -26.23 26.72
CA TYR B 269 12.32 -25.36 26.69
C TYR B 269 12.12 -23.91 26.22
N PHE B 270 11.01 -23.60 25.56
CA PHE B 270 10.91 -22.24 25.09
C PHE B 270 10.56 -21.48 26.37
N GLY B 271 11.33 -20.44 26.67
CA GLY B 271 11.11 -19.67 27.88
C GLY B 271 11.85 -20.28 29.05
N HIS B 272 12.77 -21.16 28.76
CA HIS B 272 13.62 -21.70 29.81
C HIS B 272 15.07 -21.39 29.58
N THR B 273 15.83 -21.68 30.62
CA THR B 273 17.28 -21.56 30.66
C THR B 273 17.65 -22.27 31.94
N GLY B 274 18.87 -22.79 32.05
CA GLY B 274 19.72 -23.14 30.95
C GLY B 274 19.57 -24.64 30.90
N LEU B 275 19.14 -25.13 29.76
CA LEU B 275 18.77 -26.54 29.63
C LEU B 275 20.05 -27.35 29.55
N THR B 276 19.92 -28.67 29.66
CA THR B 276 21.02 -29.55 29.33
C THR B 276 20.84 -29.98 27.87
N ASP B 277 21.81 -30.70 27.31
CA ASP B 277 21.59 -31.14 25.94
C ASP B 277 20.39 -32.09 25.83
N SER B 278 20.23 -32.98 26.81
CA SER B 278 19.10 -33.91 26.87
C SER B 278 17.73 -33.22 26.87
N GLU B 279 17.71 -31.97 27.33
CA GLU B 279 16.47 -31.20 27.55
C GLU B 279 16.00 -30.36 26.37
N ILE B 280 16.85 -30.17 25.38
CA ILE B 280 16.48 -29.53 24.15
C ILE B 280 16.36 -30.66 23.18
N PRO B 281 15.21 -30.78 22.50
CA PRO B 281 14.91 -32.00 21.71
C PRO B 281 15.68 -32.18 20.40
N GLU B 282 15.83 -33.46 20.02
CA GLU B 282 16.37 -33.90 18.72
C GLU B 282 15.74 -33.16 17.52
N ASP B 283 14.42 -33.02 17.47
CA ASP B 283 13.80 -32.36 16.31
C ASP B 283 14.27 -30.90 16.15
N TYR B 284 14.21 -30.16 17.26
CA TYR B 284 14.69 -28.81 17.28
C TYR B 284 16.10 -28.76 16.76
N LYS B 285 16.98 -29.58 17.32
CA LYS B 285 18.35 -29.47 16.90
C LYS B 285 18.49 -29.80 15.41
N THR B 286 17.66 -30.71 14.89
CA THR B 286 17.78 -31.09 13.50
C THR B 286 17.49 -29.90 12.62
N LEU B 287 16.43 -29.17 13.00
CA LEU B 287 15.88 -28.07 12.19
C LEU B 287 16.83 -26.89 12.23
N ALA B 288 17.41 -26.70 13.41
CA ALA B 288 18.14 -25.50 13.70
C ALA B 288 19.44 -25.58 12.97
N LYS B 289 19.77 -26.77 12.52
CA LYS B 289 21.04 -26.96 11.84
C LYS B 289 20.85 -26.79 10.32
N MET B 290 19.60 -26.58 9.92
CA MET B 290 19.21 -26.45 8.51
C MET B 290 19.30 -24.96 8.12
N PRO B 291 20.19 -24.60 7.16
CA PRO B 291 20.37 -23.19 6.79
C PRO B 291 19.14 -22.54 6.18
N ASN B 292 18.29 -23.39 5.59
CA ASN B 292 16.98 -22.99 5.07
C ASN B 292 15.86 -23.06 6.07
N VAL B 293 16.21 -23.25 7.33
CA VAL B 293 15.24 -23.05 8.36
C VAL B 293 15.59 -21.86 9.19
N VAL B 294 14.56 -21.19 9.66
CA VAL B 294 14.72 -20.23 10.73
C VAL B 294 13.75 -20.55 11.89
N ILE B 295 14.28 -20.42 13.09
CA ILE B 295 13.51 -20.72 14.26
C ILE B 295 13.75 -19.58 15.19
N THR B 296 12.67 -18.95 15.65
CA THR B 296 12.67 -18.02 16.77
C THR B 296 11.85 -18.58 17.90
N PRO B 297 12.15 -18.20 19.15
CA PRO B 297 11.47 -18.84 20.28
C PRO B 297 10.11 -18.21 20.64
N HIS B 298 9.09 -18.36 19.78
CA HIS B 298 7.81 -17.70 20.04
C HIS B 298 8.03 -16.28 20.51
N SER B 299 8.81 -15.52 19.74
CA SER B 299 8.98 -14.09 20.00
C SER B 299 8.16 -13.26 19.03
N ALA B 300 7.36 -13.93 18.20
CA ALA B 300 6.63 -13.21 17.20
C ALA B 300 5.86 -12.08 17.81
N PHE B 301 5.27 -12.36 18.96
CA PHE B 301 4.47 -11.39 19.70
C PHE B 301 5.28 -10.24 20.29
N TYR B 302 6.60 -10.40 20.38
CA TYR B 302 7.37 -9.68 21.39
C TYR B 302 7.83 -8.25 21.07
N THR B 303 6.88 -7.32 21.09
CA THR B 303 7.14 -5.88 20.84
C THR B 303 6.66 -4.93 21.93
N GLU B 304 7.23 -3.72 21.91
CA GLU B 304 6.84 -2.59 22.71
C GLU B 304 5.30 -2.54 22.76
N THR B 305 4.69 -2.54 21.58
CA THR B 305 3.24 -2.42 21.45
C THR B 305 2.52 -3.55 22.20
N SER B 306 2.89 -4.78 21.88
CA SER B 306 2.41 -5.96 22.57
C SER B 306 2.49 -5.90 24.10
N ILE B 307 3.68 -5.71 24.65
CA ILE B 307 3.83 -5.58 26.11
C ILE B 307 2.82 -4.57 26.65
N ARG B 308 2.88 -3.38 26.05
CA ARG B 308 2.01 -2.30 26.45
C ARG B 308 0.55 -2.64 26.43
N ASN B 309 0.09 -3.25 25.34
CA ASN B 309 -1.33 -3.52 25.18
C ASN B 309 -1.79 -4.60 26.15
N MET B 310 -1.02 -5.67 26.27
CA MET B 310 -1.22 -6.64 27.34
C MET B 310 -1.45 -6.02 28.72
N VAL B 311 -0.60 -5.08 29.09
CA VAL B 311 -0.83 -4.40 30.36
C VAL B 311 -2.04 -3.44 30.40
N GLN B 312 -2.11 -2.52 29.43
CA GLN B 312 -3.09 -1.41 29.47
C GLN B 312 -4.49 -1.83 29.09
N ILE B 313 -4.62 -2.80 28.21
CA ILE B 313 -5.96 -3.26 27.92
C ILE B 313 -6.54 -3.98 29.11
N CYS B 314 -5.68 -4.72 29.82
CA CYS B 314 -6.18 -5.44 30.97
C CYS B 314 -6.52 -4.50 32.10
N LEU B 315 -5.58 -3.65 32.47
CA LEU B 315 -5.88 -2.72 33.54
C LEU B 315 -7.11 -1.88 33.20
N THR B 316 -7.21 -1.28 32.02
CA THR B 316 -8.43 -0.48 31.81
C THR B 316 -9.70 -1.37 31.87
N ASP B 317 -9.65 -2.59 31.32
CA ASP B 317 -10.80 -3.50 31.47
C ASP B 317 -11.21 -3.67 32.92
N GLN B 318 -10.21 -3.86 33.76
CA GLN B 318 -10.44 -3.99 35.20
C GLN B 318 -11.03 -2.72 35.85
N LEU B 319 -10.65 -1.55 35.32
CA LEU B 319 -11.17 -0.29 35.84
C LEU B 319 -12.64 -0.14 35.41
N THR B 320 -12.97 -0.40 34.15
CA THR B 320 -14.38 -0.40 33.79
C THR B 320 -15.13 -1.43 34.64
N ILE B 321 -14.44 -2.44 35.15
CA ILE B 321 -15.11 -3.36 36.06
C ILE B 321 -15.43 -2.76 37.44
N ALA B 322 -14.43 -2.19 38.11
CA ALA B 322 -14.65 -1.56 39.42
C ALA B 322 -15.74 -0.48 39.45
N LYS B 323 -16.03 0.12 38.30
CA LYS B 323 -17.05 1.15 38.22
C LYS B 323 -18.34 0.52 37.69
N GLY B 324 -18.39 -0.80 37.65
CA GLY B 324 -19.57 -1.52 37.22
C GLY B 324 -19.85 -1.91 35.79
N GLY B 325 -18.88 -1.71 34.90
CA GLY B 325 -19.04 -2.14 33.54
C GLY B 325 -18.82 -3.64 33.43
N ARG B 326 -19.27 -4.21 32.32
CA ARG B 326 -18.99 -5.61 32.01
C ARG B 326 -18.50 -5.73 30.56
N PRO B 327 -17.19 -5.47 30.34
CA PRO B 327 -16.57 -5.38 29.02
C PRO B 327 -16.50 -6.72 28.29
N ARG B 328 -16.57 -6.66 26.96
CA ARG B 328 -16.64 -7.83 26.10
C ARG B 328 -15.45 -8.77 26.31
N SER B 329 -14.51 -8.34 27.14
CA SER B 329 -13.32 -9.16 27.38
C SER B 329 -13.63 -10.21 28.39
N ILE B 330 -14.82 -10.08 28.98
CA ILE B 330 -15.35 -11.06 29.90
C ILE B 330 -15.70 -12.31 29.10
N VAL B 331 -15.10 -13.44 29.48
CA VAL B 331 -15.18 -14.70 28.74
C VAL B 331 -16.26 -15.68 29.26
N ASN B 332 -17.30 -15.12 29.88
CA ASN B 332 -18.42 -15.89 30.42
C ASN B 332 -19.57 -15.00 30.91
N THR C 2 -33.13 -29.91 4.15
CA THR C 2 -33.03 -28.61 4.84
C THR C 2 -33.55 -27.46 3.97
N LYS C 3 -34.44 -26.64 4.52
CA LYS C 3 -35.16 -25.62 3.72
C LYS C 3 -35.17 -24.23 4.31
N ILE C 4 -35.08 -23.25 3.41
CA ILE C 4 -35.18 -21.82 3.74
C ILE C 4 -36.16 -21.05 2.80
N ALA C 5 -37.01 -20.23 3.38
CA ALA C 5 -37.94 -19.42 2.56
C ALA C 5 -37.41 -18.00 2.41
N MET C 6 -37.32 -17.48 1.20
CA MET C 6 -36.82 -16.11 1.02
C MET C 6 -37.86 -15.08 0.58
N TYR C 7 -37.91 -13.95 1.31
CA TYR C 7 -38.83 -12.84 1.00
C TYR C 7 -38.15 -11.56 0.48
N ASN C 8 -38.92 -10.72 -0.21
CA ASN C 8 -38.36 -9.47 -0.65
C ASN C 8 -37.20 -9.63 -1.61
N VAL C 9 -37.22 -10.68 -2.40
CA VAL C 9 -36.13 -10.80 -3.35
C VAL C 9 -36.39 -9.91 -4.57
N SER C 10 -35.39 -9.15 -4.95
CA SER C 10 -35.44 -8.32 -6.12
C SER C 10 -34.68 -9.15 -7.14
N PRO C 11 -34.93 -8.94 -8.42
CA PRO C 11 -34.23 -9.72 -9.45
C PRO C 11 -32.76 -9.90 -9.14
N ILE C 12 -32.18 -8.80 -8.68
CA ILE C 12 -30.76 -8.62 -8.62
C ILE C 12 -30.06 -9.58 -7.68
N GLU C 13 -30.81 -10.04 -6.69
CA GLU C 13 -30.32 -11.00 -5.72
C GLU C 13 -30.31 -12.40 -6.27
N VAL C 14 -31.26 -12.64 -7.17
CA VAL C 14 -31.54 -13.98 -7.64
C VAL C 14 -30.33 -14.85 -8.00
N PRO C 15 -29.39 -14.32 -8.79
CA PRO C 15 -28.26 -15.17 -9.15
C PRO C 15 -27.36 -15.53 -7.99
N TYR C 16 -27.39 -14.72 -6.93
CA TYR C 16 -26.56 -15.03 -5.78
C TYR C 16 -27.32 -16.01 -4.97
N ILE C 17 -28.62 -15.98 -5.15
CA ILE C 17 -29.44 -16.87 -4.38
C ILE C 17 -29.25 -18.28 -4.95
N GLU C 18 -29.44 -18.43 -6.26
CA GLU C 18 -29.36 -19.79 -6.82
C GLU C 18 -27.92 -20.25 -6.63
N ASP C 19 -27.00 -19.33 -6.86
CA ASP C 19 -25.57 -19.59 -6.68
C ASP C 19 -25.25 -20.21 -5.30
N TRP C 20 -25.79 -19.63 -4.24
CA TRP C 20 -25.55 -20.13 -2.90
C TRP C 20 -26.26 -21.46 -2.67
N ALA C 21 -27.48 -21.57 -3.18
CA ALA C 21 -28.21 -22.83 -3.06
C ALA C 21 -27.52 -24.03 -3.72
N LYS C 22 -26.72 -23.76 -4.75
CA LYS C 22 -25.92 -24.83 -5.34
C LYS C 22 -24.71 -25.06 -4.48
N LYS C 23 -24.06 -23.98 -4.06
CA LYS C 23 -22.84 -24.18 -3.30
C LYS C 23 -23.09 -24.96 -2.01
N ASN C 24 -24.29 -24.86 -1.46
CA ASN C 24 -24.52 -25.54 -0.20
C ASN C 24 -25.55 -26.65 -0.17
N ASP C 25 -26.29 -26.88 -1.25
CA ASP C 25 -27.24 -28.01 -1.19
C ASP C 25 -28.42 -27.74 -0.22
N VAL C 26 -28.98 -26.54 -0.31
CA VAL C 26 -30.12 -26.14 0.51
C VAL C 26 -31.26 -25.81 -0.45
N GLU C 27 -32.50 -26.12 -0.07
CA GLU C 27 -33.63 -25.81 -0.94
C GLU C 27 -34.22 -24.44 -0.65
N ILE C 28 -34.37 -23.64 -1.68
CA ILE C 28 -34.86 -22.28 -1.49
C ILE C 28 -36.19 -22.01 -2.24
N LYS C 29 -37.22 -21.62 -1.51
CA LYS C 29 -38.45 -21.08 -2.05
C LYS C 29 -38.27 -19.57 -2.10
N THR C 30 -38.70 -18.88 -3.16
CA THR C 30 -38.49 -17.41 -3.22
C THR C 30 -39.72 -16.54 -3.49
N THR C 31 -39.72 -15.33 -2.94
CA THR C 31 -40.75 -14.36 -3.28
C THR C 31 -40.39 -12.90 -3.17
N ASP C 32 -40.90 -12.12 -4.11
CA ASP C 32 -40.67 -10.68 -4.12
C ASP C 32 -41.64 -9.94 -3.21
N GLN C 33 -42.42 -10.67 -2.41
CA GLN C 33 -43.43 -10.01 -1.56
C GLN C 33 -43.03 -9.94 -0.11
N ALA C 34 -43.76 -9.10 0.62
CA ALA C 34 -43.47 -8.90 2.02
C ALA C 34 -43.89 -10.12 2.81
N LEU C 35 -43.29 -10.33 3.98
CA LEU C 35 -43.82 -11.29 4.92
C LEU C 35 -45.00 -10.71 5.67
N THR C 36 -46.18 -11.28 5.46
CA THR C 36 -47.38 -10.98 6.25
C THR C 36 -48.17 -12.24 6.64
N SER C 37 -49.35 -12.02 7.19
CA SER C 37 -50.30 -13.11 7.42
C SER C 37 -50.60 -13.91 6.15
N ALA C 38 -50.56 -13.25 5.01
CA ALA C 38 -50.94 -13.88 3.75
C ALA C 38 -49.91 -14.90 3.30
N THR C 39 -48.66 -14.54 3.47
CA THR C 39 -47.54 -15.30 2.91
C THR C 39 -46.70 -16.17 3.83
N VAL C 40 -47.00 -16.17 5.12
CA VAL C 40 -46.26 -16.98 6.08
C VAL C 40 -46.32 -18.46 5.77
N ASP C 41 -47.36 -18.82 5.04
CA ASP C 41 -47.54 -20.18 4.56
C ASP C 41 -46.29 -20.84 4.04
N LEU C 42 -45.65 -20.14 3.10
CA LEU C 42 -44.45 -20.54 2.40
C LEU C 42 -43.28 -21.03 3.28
N ALA C 43 -43.23 -20.57 4.53
CA ALA C 43 -42.20 -21.01 5.48
C ALA C 43 -42.27 -22.49 5.85
N GLU C 44 -43.36 -23.15 5.48
CA GLU C 44 -43.50 -24.59 5.69
C GLU C 44 -42.24 -25.40 5.49
N GLY C 45 -41.95 -26.21 6.51
CA GLY C 45 -40.79 -27.08 6.58
C GLY C 45 -39.48 -26.42 6.30
N CYS C 46 -39.42 -25.12 6.55
CA CYS C 46 -38.16 -24.39 6.47
C CYS C 46 -37.55 -24.18 7.87
N SER C 47 -36.23 -24.20 7.95
CA SER C 47 -35.53 -23.88 9.19
C SER C 47 -35.39 -22.39 9.47
N SER C 48 -35.45 -21.58 8.42
CA SER C 48 -35.28 -20.12 8.49
C SER C 48 -36.04 -19.45 7.38
N VAL C 49 -36.54 -18.26 7.66
CA VAL C 49 -36.93 -17.35 6.58
C VAL C 49 -35.88 -16.24 6.48
N SER C 50 -35.80 -15.57 5.31
CA SER C 50 -34.85 -14.49 5.07
C SER C 50 -35.50 -13.27 4.42
N LEU C 51 -35.24 -12.08 4.94
CA LEU C 51 -35.90 -10.89 4.44
C LEU C 51 -34.98 -9.74 4.03
N LYS C 52 -35.53 -8.84 3.26
CA LYS C 52 -34.91 -7.56 2.99
C LYS C 52 -36.08 -6.56 2.95
N PRO C 53 -36.65 -6.30 4.13
CA PRO C 53 -37.97 -5.73 4.46
C PRO C 53 -38.18 -4.30 4.01
N LEU C 54 -39.42 -3.91 3.73
CA LEU C 54 -39.71 -2.52 3.42
C LEU C 54 -40.45 -1.80 4.55
N GLY C 55 -40.74 -2.52 5.64
CA GLY C 55 -41.58 -2.00 6.70
C GLY C 55 -41.71 -2.93 7.90
N PRO C 56 -42.34 -2.47 8.99
CA PRO C 56 -42.41 -3.35 10.17
C PRO C 56 -43.08 -4.63 9.79
N VAL C 57 -42.67 -5.68 10.48
CA VAL C 57 -43.43 -6.92 10.52
C VAL C 57 -44.38 -6.86 11.71
N ASP C 58 -45.60 -6.46 11.38
CA ASP C 58 -46.64 -5.94 12.26
C ASP C 58 -47.47 -7.00 12.96
N GLU C 59 -47.57 -8.23 12.42
CA GLU C 59 -48.64 -9.15 12.82
C GLU C 59 -48.09 -10.20 13.78
N GLU C 60 -48.64 -10.28 14.99
CA GLU C 60 -48.26 -11.32 15.93
C GLU C 60 -48.41 -12.72 15.30
N VAL C 61 -49.56 -12.89 14.66
CA VAL C 61 -49.81 -14.11 13.89
C VAL C 61 -48.57 -14.61 13.13
N VAL C 62 -47.85 -13.72 12.49
CA VAL C 62 -46.68 -14.17 11.74
C VAL C 62 -45.71 -14.95 12.64
N TYR C 63 -45.42 -14.40 13.81
CA TYR C 63 -44.44 -15.02 14.67
C TYR C 63 -44.97 -16.30 15.27
N GLN C 64 -46.27 -16.35 15.50
CA GLN C 64 -46.82 -17.54 16.14
C GLN C 64 -46.82 -18.69 15.13
N LYS C 65 -47.26 -18.37 13.92
CA LYS C 65 -47.35 -19.35 12.86
C LYS C 65 -45.93 -19.76 12.45
N LEU C 66 -44.96 -18.86 12.67
CA LEU C 66 -43.58 -19.21 12.43
C LEU C 66 -43.02 -20.25 13.37
N SER C 67 -43.05 -19.98 14.68
CA SER C 67 -42.57 -21.03 15.60
C SER C 67 -43.44 -22.28 15.58
N GLU C 68 -44.67 -22.16 15.04
CA GLU C 68 -45.51 -23.34 14.88
C GLU C 68 -45.08 -24.20 13.69
N TYR C 69 -44.58 -23.59 12.63
CA TYR C 69 -43.94 -24.36 11.55
C TYR C 69 -42.59 -24.96 11.98
N GLY C 70 -41.97 -24.38 12.99
CA GLY C 70 -40.69 -24.88 13.45
C GLY C 70 -39.54 -24.17 12.77
N VAL C 71 -39.80 -22.95 12.36
CA VAL C 71 -38.78 -22.08 11.77
C VAL C 71 -37.93 -21.58 12.91
N LYS C 72 -36.62 -21.82 12.83
CA LYS C 72 -35.75 -21.52 13.97
C LYS C 72 -35.47 -20.01 14.01
N CYS C 73 -35.25 -19.44 12.84
CA CYS C 73 -34.76 -18.08 12.76
C CYS C 73 -35.28 -17.22 11.58
N ILE C 74 -35.42 -15.92 11.88
CA ILE C 74 -35.75 -14.93 10.88
C ILE C 74 -34.42 -14.23 10.63
N GLY C 75 -33.86 -14.47 9.45
CA GLY C 75 -32.62 -13.84 9.05
C GLY C 75 -32.94 -12.64 8.21
N LEU C 76 -32.46 -11.49 8.63
CA LEU C 76 -32.49 -10.32 7.77
C LEU C 76 -31.25 -10.29 6.86
N ARG C 77 -31.44 -9.84 5.63
CA ARG C 77 -30.35 -9.55 4.70
C ARG C 77 -29.84 -8.11 4.79
N ILE C 78 -29.96 -7.49 5.97
CA ILE C 78 -29.58 -6.10 6.17
C ILE C 78 -29.09 -5.94 7.61
N VAL C 79 -28.36 -4.87 7.90
CA VAL C 79 -27.98 -4.63 9.28
C VAL C 79 -29.21 -4.39 10.17
N GLY C 80 -30.19 -3.69 9.61
CA GLY C 80 -31.28 -3.15 10.39
C GLY C 80 -32.30 -4.15 10.87
N PHE C 81 -32.56 -4.20 12.18
CA PHE C 81 -33.57 -5.12 12.68
C PHE C 81 -34.73 -4.39 13.38
N ASN C 82 -34.80 -3.08 13.18
CA ASN C 82 -35.89 -2.27 13.73
C ASN C 82 -37.25 -2.79 13.25
N THR C 83 -37.26 -3.50 12.12
CA THR C 83 -38.49 -3.97 11.45
C THR C 83 -39.07 -5.24 12.08
N ILE C 84 -38.36 -5.78 13.07
CA ILE C 84 -38.78 -6.99 13.80
C ILE C 84 -39.34 -6.71 15.22
N ASN C 85 -40.44 -7.35 15.58
CA ASN C 85 -40.94 -7.16 16.93
C ASN C 85 -40.28 -8.20 17.79
N PHE C 86 -39.46 -7.75 18.75
CA PHE C 86 -38.69 -8.70 19.56
C PHE C 86 -39.38 -9.29 20.80
N ASP C 87 -40.32 -8.52 21.32
CA ASP C 87 -41.19 -8.98 22.36
C ASP C 87 -41.65 -10.30 21.77
N TRP C 88 -42.24 -10.22 20.59
CA TRP C 88 -42.78 -11.41 19.94
C TRP C 88 -41.77 -12.48 19.46
N THR C 89 -40.55 -12.11 19.09
CA THR C 89 -39.52 -13.13 18.82
C THR C 89 -39.03 -13.94 20.02
N LYS C 90 -39.19 -13.40 21.22
CA LYS C 90 -38.86 -14.17 22.41
C LYS C 90 -40.07 -14.93 22.86
N LYS C 91 -41.22 -14.27 22.82
CA LYS C 91 -42.50 -14.96 22.99
C LYS C 91 -42.61 -16.26 22.16
N TYR C 92 -42.07 -16.26 20.95
CA TYR C 92 -42.20 -17.44 20.10
C TYR C 92 -40.91 -18.26 19.95
N ASN C 93 -39.96 -17.94 20.82
CA ASN C 93 -38.72 -18.69 20.87
C ASN C 93 -38.10 -18.72 19.47
N LEU C 94 -37.95 -17.53 18.92
CA LEU C 94 -37.48 -17.30 17.56
C LEU C 94 -36.15 -16.56 17.51
N LEU C 95 -35.18 -17.09 16.78
CA LEU C 95 -33.92 -16.38 16.62
C LEU C 95 -34.06 -15.25 15.60
N VAL C 96 -33.13 -14.30 15.64
CA VAL C 96 -33.10 -13.24 14.63
C VAL C 96 -31.65 -12.99 14.27
N THR C 97 -31.37 -12.84 12.98
CA THR C 97 -29.99 -12.53 12.61
C THR C 97 -29.97 -11.37 11.70
N ASN C 98 -28.80 -10.78 11.58
CA ASN C 98 -28.64 -9.71 10.64
C ASN C 98 -27.33 -9.81 9.89
N VAL C 99 -27.18 -8.89 8.97
CA VAL C 99 -25.94 -8.79 8.25
C VAL C 99 -25.34 -7.44 8.64
N PRO C 100 -24.41 -7.42 9.61
CA PRO C 100 -23.84 -6.15 10.10
C PRO C 100 -22.77 -5.59 9.22
N VAL C 101 -21.96 -6.50 8.75
CA VAL C 101 -20.89 -6.15 7.85
C VAL C 101 -21.08 -6.76 6.48
N TYR C 102 -21.33 -5.94 5.45
CA TYR C 102 -21.47 -6.50 4.11
C TYR C 102 -20.48 -6.04 3.04
N SER C 103 -20.09 -4.77 2.98
CA SER C 103 -18.95 -4.46 2.10
C SER C 103 -18.33 -3.12 2.47
N PRO C 104 -17.48 -3.15 3.47
CA PRO C 104 -16.86 -1.90 3.91
C PRO C 104 -16.19 -1.07 2.83
N ARG C 105 -15.55 -1.74 1.90
CA ARG C 105 -14.88 -0.98 0.88
C ARG C 105 -15.86 -0.26 -0.04
N ALA C 106 -17.04 -0.83 -0.27
CA ALA C 106 -18.01 -0.03 -0.98
C ALA C 106 -18.04 1.41 -0.45
N ILE C 107 -18.31 1.56 0.83
CA ILE C 107 -18.49 2.88 1.39
C ILE C 107 -17.18 3.62 1.49
N ALA C 108 -16.12 2.91 1.87
CA ALA C 108 -14.85 3.60 2.05
C ALA C 108 -14.48 4.22 0.71
N GLU C 109 -14.78 3.50 -0.35
CA GLU C 109 -14.46 3.93 -1.69
C GLU C 109 -15.33 5.07 -2.15
N MET C 110 -16.62 5.04 -1.82
CA MET C 110 -17.49 6.20 -2.07
C MET C 110 -16.98 7.45 -1.36
N THR C 111 -16.66 7.25 -0.10
CA THR C 111 -16.07 8.27 0.76
C THR C 111 -14.90 8.92 0.05
N VAL C 112 -13.86 8.13 -0.16
CA VAL C 112 -12.70 8.61 -0.90
C VAL C 112 -13.11 9.31 -2.18
N THR C 113 -13.98 8.71 -2.98
CA THR C 113 -14.37 9.31 -4.25
C THR C 113 -14.92 10.75 -4.08
N GLN C 114 -15.80 10.92 -3.11
CA GLN C 114 -16.37 12.22 -2.87
C GLN C 114 -15.31 13.19 -2.40
N ALA C 115 -14.42 12.70 -1.54
CA ALA C 115 -13.35 13.53 -1.01
C ALA C 115 -12.52 14.04 -2.16
N MET C 116 -12.14 13.14 -3.06
CA MET C 116 -11.19 13.46 -4.12
C MET C 116 -11.82 14.42 -5.08
N TYR C 117 -13.08 14.14 -5.43
CA TYR C 117 -13.86 14.99 -6.33
C TYR C 117 -13.95 16.40 -5.83
N LEU C 118 -14.36 16.53 -4.60
CA LEU C 118 -14.36 17.84 -3.96
C LEU C 118 -12.99 18.52 -3.95
N LEU C 119 -11.97 17.75 -3.56
CA LEU C 119 -10.60 18.23 -3.41
C LEU C 119 -10.05 18.81 -4.72
N ARG C 120 -10.48 18.24 -5.83
CA ARG C 120 -10.04 18.67 -7.13
C ARG C 120 -10.96 19.72 -7.69
N LYS C 121 -11.88 20.18 -6.86
CA LYS C 121 -12.72 21.33 -7.18
C LYS C 121 -13.53 21.06 -8.46
N ILE C 122 -13.83 19.80 -8.71
CA ILE C 122 -14.29 19.44 -10.03
C ILE C 122 -15.62 20.07 -10.31
N GLY C 123 -16.53 19.97 -9.33
CA GLY C 123 -17.85 20.55 -9.53
C GLY C 123 -17.82 22.05 -9.62
N GLU C 124 -16.81 22.63 -9.01
CA GLU C 124 -16.66 24.08 -9.06
C GLU C 124 -16.13 24.58 -10.40
N PHE C 125 -15.21 23.83 -11.01
CA PHE C 125 -14.79 24.16 -12.36
C PHE C 125 -15.92 24.00 -13.32
N ARG C 126 -16.61 22.85 -13.27
CA ARG C 126 -17.71 22.63 -14.20
C ARG C 126 -18.71 23.75 -14.09
N TYR C 127 -18.86 24.31 -12.89
CA TYR C 127 -19.84 25.35 -12.74
C TYR C 127 -19.33 26.53 -13.50
N ARG C 128 -18.10 26.96 -13.21
CA ARG C 128 -17.58 28.13 -13.92
C ARG C 128 -17.68 27.95 -15.41
N MET C 129 -17.48 26.72 -15.85
CA MET C 129 -17.54 26.35 -17.26
C MET C 129 -18.93 26.52 -17.87
N ASP C 130 -19.91 25.83 -17.30
CA ASP C 130 -21.24 25.75 -17.90
C ASP C 130 -22.07 26.99 -17.73
N HIS C 131 -21.85 27.72 -16.63
CA HIS C 131 -22.70 28.87 -16.35
C HIS C 131 -22.12 30.28 -16.36
N ASP C 132 -20.83 30.41 -16.08
CA ASP C 132 -20.24 31.70 -16.27
C ASP C 132 -19.45 31.68 -17.55
N HIS C 133 -19.58 30.59 -18.32
CA HIS C 133 -18.81 30.40 -19.57
C HIS C 133 -17.34 30.77 -19.39
N ASP C 134 -16.71 30.19 -18.37
CA ASP C 134 -15.40 30.61 -17.88
C ASP C 134 -14.49 29.40 -17.63
N PHE C 135 -13.47 29.29 -18.45
CA PHE C 135 -12.59 28.14 -18.46
C PHE C 135 -11.19 28.46 -17.95
N THR C 136 -11.06 29.45 -17.08
CA THR C 136 -9.72 29.81 -16.65
C THR C 136 -9.51 29.13 -15.32
N TRP C 137 -8.28 29.14 -14.85
CA TRP C 137 -7.93 28.55 -13.58
C TRP C 137 -7.84 29.66 -12.54
N PRO C 138 -8.89 29.85 -11.75
CA PRO C 138 -8.64 30.93 -10.81
C PRO C 138 -7.75 30.49 -9.68
N SER C 139 -7.08 31.49 -9.15
CA SER C 139 -6.31 31.36 -7.94
C SER C 139 -6.89 30.47 -6.87
N ASN C 140 -8.19 30.55 -6.65
CA ASN C 140 -8.77 29.93 -5.46
C ASN C 140 -9.22 28.49 -5.70
N LEU C 141 -8.85 27.96 -6.85
CA LEU C 141 -9.38 26.67 -7.21
C LEU C 141 -8.22 25.73 -7.45
N ILE C 142 -7.00 26.22 -7.21
CA ILE C 142 -5.84 25.33 -7.16
C ILE C 142 -6.01 24.27 -6.12
N SER C 143 -5.53 23.10 -6.44
CA SER C 143 -5.80 21.94 -5.62
C SER C 143 -4.49 21.54 -4.94
N ASN C 144 -4.49 20.41 -4.24
CA ASN C 144 -3.29 19.85 -3.66
C ASN C 144 -3.27 18.34 -3.72
N GLU C 145 -2.10 17.70 -3.66
CA GLU C 145 -2.11 16.24 -3.63
C GLU C 145 -2.38 15.69 -2.26
N ILE C 146 -3.02 14.54 -2.25
CA ILE C 146 -3.58 13.98 -1.05
C ILE C 146 -2.49 13.60 -0.06
N TYR C 147 -1.31 13.26 -0.57
CA TYR C 147 -0.18 12.97 0.31
C TYR C 147 0.32 14.19 1.08
N ASN C 148 -0.32 15.34 0.85
CA ASN C 148 0.03 16.52 1.61
C ASN C 148 -1.01 16.84 2.68
N LEU C 149 -2.08 16.07 2.67
CA LEU C 149 -3.21 16.37 3.54
C LEU C 149 -3.35 15.47 4.75
N THR C 150 -3.99 15.95 5.80
CA THR C 150 -4.41 15.00 6.81
C THR C 150 -5.93 14.79 6.74
N VAL C 151 -6.35 13.52 6.77
CA VAL C 151 -7.76 13.12 6.75
C VAL C 151 -8.11 12.68 8.17
N GLY C 152 -9.29 13.09 8.64
CA GLY C 152 -9.70 12.91 10.03
C GLY C 152 -10.98 12.12 10.15
N LEU C 153 -10.93 11.01 10.86
CA LEU C 153 -12.13 10.22 10.96
C LEU C 153 -12.77 10.38 12.31
N ILE C 154 -14.08 10.52 12.27
CA ILE C 154 -14.87 10.45 13.46
C ILE C 154 -15.49 9.08 13.48
N GLY C 155 -15.02 8.22 14.37
CA GLY C 155 -15.62 6.91 14.31
C GLY C 155 -14.81 6.12 13.34
N VAL C 156 -14.30 4.99 13.77
CA VAL C 156 -13.43 4.18 12.95
C VAL C 156 -13.99 2.80 13.01
N GLY C 157 -14.97 2.48 12.18
CA GLY C 157 -15.34 1.10 12.35
C GLY C 157 -14.78 0.34 11.20
N HIS C 158 -15.57 -0.53 10.60
CA HIS C 158 -15.14 -1.27 9.44
C HIS C 158 -14.88 -0.26 8.37
N ILE C 159 -15.89 0.58 8.21
CA ILE C 159 -15.79 1.60 7.21
C ILE C 159 -14.68 2.56 7.54
N GLY C 160 -14.64 3.06 8.76
CA GLY C 160 -13.58 4.02 9.07
C GLY C 160 -12.18 3.50 8.79
N SER C 161 -11.84 2.37 9.38
CA SER C 161 -10.55 1.75 9.13
C SER C 161 -10.30 1.52 7.65
N ALA C 162 -11.33 1.15 6.89
CA ALA C 162 -11.11 0.96 5.47
C ALA C 162 -10.78 2.27 4.77
N VAL C 163 -11.45 3.35 5.14
CA VAL C 163 -10.99 4.66 4.68
C VAL C 163 -9.54 4.92 5.02
N ALA C 164 -9.18 4.56 6.25
CA ALA C 164 -7.82 4.80 6.70
C ALA C 164 -6.80 4.04 5.84
N GLU C 165 -7.04 2.75 5.59
CA GLU C 165 -6.10 1.92 4.84
C GLU C 165 -6.01 2.54 3.47
N ILE C 166 -7.11 3.07 2.95
CA ILE C 166 -7.05 3.53 1.57
C ILE C 166 -6.28 4.84 1.44
N PHE C 167 -6.62 5.83 2.24
CA PHE C 167 -5.99 7.15 2.13
C PHE C 167 -4.53 7.09 2.56
N SER C 168 -4.23 6.12 3.44
CA SER C 168 -2.87 5.83 3.91
C SER C 168 -2.07 5.16 2.80
N ALA C 169 -2.70 4.27 2.06
CA ALA C 169 -2.03 3.71 0.88
C ALA C 169 -1.59 4.82 -0.07
N MET C 170 -2.29 5.96 -0.01
CA MET C 170 -2.03 7.05 -0.95
C MET C 170 -1.08 8.06 -0.34
N GLY C 171 -0.76 7.84 0.94
CA GLY C 171 0.25 8.60 1.63
C GLY C 171 -0.28 9.72 2.49
N ALA C 172 -1.60 9.87 2.59
CA ALA C 172 -2.14 10.92 3.45
C ALA C 172 -1.91 10.58 4.91
N LYS C 173 -1.95 11.58 5.79
CA LYS C 173 -1.89 11.31 7.23
C LYS C 173 -3.34 11.15 7.67
N VAL C 174 -3.64 10.07 8.41
CA VAL C 174 -5.00 9.84 8.90
C VAL C 174 -4.97 9.95 10.42
N ILE C 175 -5.84 10.80 10.97
CA ILE C 175 -6.00 10.86 12.40
C ILE C 175 -7.42 10.50 12.71
N ALA C 176 -7.68 9.95 13.87
CA ALA C 176 -9.03 9.56 14.12
C ALA C 176 -9.40 9.56 15.59
N TYR C 177 -10.69 9.79 15.82
CA TYR C 177 -11.33 9.64 17.12
C TYR C 177 -12.26 8.45 17.08
N ASP C 178 -12.08 7.56 18.04
CA ASP C 178 -13.02 6.48 18.34
C ASP C 178 -13.03 6.40 19.83
N VAL C 179 -14.17 5.96 20.33
CA VAL C 179 -14.33 5.72 21.74
C VAL C 179 -13.60 4.46 22.09
N ALA C 180 -13.37 3.64 21.07
CA ALA C 180 -12.75 2.34 21.25
C ALA C 180 -11.37 2.18 20.64
N TYR C 181 -10.44 1.62 21.41
CA TYR C 181 -9.08 1.32 20.91
C TYR C 181 -8.95 -0.07 20.28
N ASN C 182 -8.55 -0.11 19.02
CA ASN C 182 -8.22 -1.32 18.24
C ASN C 182 -6.80 -1.29 17.73
N PRO C 183 -5.91 -2.03 18.39
CA PRO C 183 -4.52 -2.08 17.92
C PRO C 183 -4.46 -2.40 16.42
N GLU C 184 -5.38 -3.23 15.93
CA GLU C 184 -5.44 -3.55 14.51
C GLU C 184 -5.21 -2.31 13.62
N PHE C 185 -5.69 -1.13 14.03
CA PHE C 185 -5.70 0.01 13.10
C PHE C 185 -4.48 0.91 13.13
N GLU C 186 -3.53 0.67 14.04
CA GLU C 186 -2.38 1.58 14.13
C GLU C 186 -1.45 1.66 12.91
N PRO C 187 -1.40 0.62 12.08
CA PRO C 187 -0.60 0.83 10.88
C PRO C 187 -1.16 1.89 9.95
N PHE C 188 -2.45 2.21 10.07
CA PHE C 188 -3.09 3.06 9.07
C PHE C 188 -3.53 4.44 9.56
N LEU C 189 -3.63 4.63 10.88
CA LEU C 189 -4.11 5.91 11.43
C LEU C 189 -3.46 6.23 12.76
N THR C 190 -3.68 7.44 13.24
CA THR C 190 -3.27 7.74 14.59
C THR C 190 -4.48 8.22 15.36
N TYR C 191 -4.78 7.55 16.48
CA TYR C 191 -5.87 8.00 17.34
C TYR C 191 -5.58 9.32 17.99
N THR C 192 -6.57 10.21 17.97
CA THR C 192 -6.57 11.47 18.72
C THR C 192 -7.95 11.82 19.28
N ASP C 193 -8.07 12.99 19.90
CA ASP C 193 -9.36 13.39 20.42
C ASP C 193 -10.18 14.13 19.39
N PHE C 194 -11.47 14.11 19.66
CA PHE C 194 -12.44 14.68 18.80
C PHE C 194 -12.07 16.09 18.45
N ASP C 195 -11.78 16.87 19.46
CA ASP C 195 -11.51 18.25 19.16
C ASP C 195 -10.39 18.35 18.13
N THR C 196 -9.32 17.60 18.36
CA THR C 196 -8.22 17.70 17.44
C THR C 196 -8.61 17.24 16.05
N VAL C 197 -9.29 16.11 15.93
CA VAL C 197 -9.63 15.66 14.60
C VAL C 197 -10.30 16.80 13.87
N LEU C 198 -11.33 17.39 14.46
CA LEU C 198 -11.99 18.53 13.78
C LEU C 198 -11.01 19.64 13.40
N LYS C 199 -10.17 20.02 14.35
CA LYS C 199 -9.25 21.15 14.21
C LYS C 199 -8.11 20.98 13.18
N GLU C 200 -7.46 19.83 13.18
CA GLU C 200 -6.31 19.58 12.28
C GLU C 200 -6.64 19.08 10.88
N ALA C 201 -7.88 18.63 10.68
CA ALA C 201 -8.19 17.94 9.44
C ALA C 201 -8.65 18.75 8.21
N ASP C 202 -8.05 18.36 7.08
CA ASP C 202 -8.33 18.91 5.75
C ASP C 202 -9.57 18.30 5.14
N ILE C 203 -9.90 17.13 5.69
CA ILE C 203 -11.07 16.31 5.39
C ILE C 203 -11.55 15.67 6.67
N VAL C 204 -12.84 15.82 6.95
CA VAL C 204 -13.43 15.17 8.09
C VAL C 204 -14.43 14.19 7.57
N SER C 205 -14.29 12.92 7.96
CA SER C 205 -15.22 11.93 7.48
C SER C 205 -15.87 11.26 8.67
N LEU C 206 -17.19 11.21 8.62
CA LEU C 206 -17.93 10.63 9.70
C LEU C 206 -18.13 9.15 9.53
N HIS C 207 -17.93 8.41 10.63
CA HIS C 207 -18.14 6.98 10.65
C HIS C 207 -18.58 6.42 12.01
N THR C 208 -19.18 7.24 12.87
CA THR C 208 -19.70 6.73 14.14
C THR C 208 -21.12 6.17 13.89
N PRO C 209 -21.56 5.21 14.73
CA PRO C 209 -22.97 4.81 14.61
C PRO C 209 -23.93 5.88 15.10
N LEU C 210 -25.19 5.78 14.70
CA LEU C 210 -26.27 6.65 15.21
C LEU C 210 -27.01 6.29 16.51
N PHE C 211 -26.73 7.08 17.54
CA PHE C 211 -27.42 7.07 18.81
C PHE C 211 -27.95 8.45 19.13
N PRO C 212 -28.93 8.52 20.05
CA PRO C 212 -29.39 9.76 20.68
C PRO C 212 -28.22 10.64 21.07
N SER C 213 -27.16 9.97 21.53
CA SER C 213 -25.96 10.65 21.98
C SER C 213 -25.09 11.06 20.84
N THR C 214 -25.58 10.86 19.63
CA THR C 214 -24.83 11.10 18.42
C THR C 214 -25.60 11.88 17.39
N GLU C 215 -26.90 11.98 17.65
CA GLU C 215 -27.72 12.82 16.84
C GLU C 215 -27.18 14.26 16.90
N ASN C 216 -26.98 14.81 15.71
CA ASN C 216 -26.52 16.17 15.58
C ASN C 216 -25.13 16.39 16.14
N MET C 217 -24.32 15.36 16.01
CA MET C 217 -22.98 15.34 16.55
C MET C 217 -22.17 16.41 15.87
N ILE C 218 -22.50 16.66 14.61
CA ILE C 218 -21.90 17.75 13.84
C ILE C 218 -22.85 18.91 13.73
N GLY C 219 -22.49 20.00 14.42
CA GLY C 219 -23.35 21.15 14.47
C GLY C 219 -22.58 22.42 14.27
N GLU C 220 -23.15 23.53 14.73
CA GLU C 220 -22.60 24.84 14.38
C GLU C 220 -21.22 24.90 14.98
N LYS C 221 -21.15 24.68 16.28
CA LYS C 221 -19.88 24.72 16.96
C LYS C 221 -18.85 23.82 16.25
N GLN C 222 -19.30 22.64 15.78
CA GLN C 222 -18.34 21.76 15.15
C GLN C 222 -17.94 22.21 13.77
N LEU C 223 -18.83 22.83 13.01
CA LEU C 223 -18.39 23.38 11.73
C LEU C 223 -17.51 24.64 11.88
N LYS C 224 -17.71 25.42 12.96
CA LYS C 224 -16.86 26.60 13.24
C LYS C 224 -15.43 26.13 13.51
N GLU C 225 -15.29 24.99 14.20
CA GLU C 225 -13.95 24.48 14.54
C GLU C 225 -13.12 23.88 13.37
N MET C 226 -13.76 23.58 12.24
CA MET C 226 -13.08 23.05 11.05
C MET C 226 -12.32 24.12 10.28
N LYS C 227 -11.47 23.70 9.36
CA LYS C 227 -10.70 24.66 8.55
C LYS C 227 -11.58 25.30 7.48
N LYS C 228 -11.24 26.53 7.10
CA LYS C 228 -11.93 27.15 5.99
C LYS C 228 -11.83 26.20 4.83
N SER C 229 -10.63 25.66 4.63
CA SER C 229 -10.29 24.78 3.52
C SER C 229 -10.86 23.37 3.53
N ALA C 230 -11.49 22.96 4.62
CA ALA C 230 -11.77 21.55 4.80
C ALA C 230 -13.10 21.07 4.24
N TYR C 231 -13.20 19.77 3.99
CA TYR C 231 -14.42 19.21 3.43
C TYR C 231 -15.03 18.25 4.41
N LEU C 232 -16.34 18.36 4.60
CA LEU C 232 -17.08 17.40 5.41
C LEU C 232 -17.69 16.26 4.60
N ILE C 233 -17.31 15.04 4.94
CA ILE C 233 -17.86 13.85 4.33
C ILE C 233 -18.71 13.09 5.31
N ASN C 234 -19.96 12.86 4.89
CA ASN C 234 -20.85 11.92 5.56
C ASN C 234 -21.39 10.81 4.70
N CYS C 235 -20.65 9.71 4.60
CA CYS C 235 -21.22 8.52 4.01
C CYS C 235 -21.64 7.60 5.09
N ALA C 236 -22.10 8.15 6.21
CA ALA C 236 -22.57 7.28 7.29
C ALA C 236 -24.09 7.40 7.51
N ARG C 237 -24.49 8.39 8.30
CA ARG C 237 -25.91 8.58 8.58
C ARG C 237 -26.27 10.06 8.68
N GLY C 238 -27.39 10.44 8.07
CA GLY C 238 -27.80 11.84 8.01
C GLY C 238 -27.95 12.49 9.37
N GLU C 239 -28.48 11.72 10.30
CA GLU C 239 -28.84 12.27 11.58
C GLU C 239 -27.57 12.73 12.33
N LEU C 240 -26.39 12.43 11.81
CA LEU C 240 -25.16 12.81 12.52
C LEU C 240 -24.98 14.30 12.32
N VAL C 241 -25.64 14.80 11.28
CA VAL C 241 -25.46 16.15 10.82
C VAL C 241 -26.72 16.94 10.95
N ASP C 242 -26.56 18.15 11.49
CA ASP C 242 -27.65 19.09 11.65
C ASP C 242 -27.58 19.83 10.32
N THR C 243 -28.56 19.62 9.46
CA THR C 243 -28.40 19.99 8.06
C THR C 243 -28.43 21.49 7.87
N GLY C 244 -29.35 22.11 8.57
CA GLY C 244 -29.45 23.54 8.52
C GLY C 244 -28.09 24.11 8.77
N ALA C 245 -27.45 23.55 9.79
CA ALA C 245 -26.14 23.99 10.24
C ALA C 245 -25.07 23.84 9.19
N LEU C 246 -25.09 22.71 8.50
CA LEU C 246 -24.12 22.46 7.44
C LEU C 246 -24.34 23.53 6.33
N ILE C 247 -25.60 23.78 5.99
CA ILE C 247 -25.95 24.79 4.98
C ILE C 247 -25.37 26.14 5.37
N LYS C 248 -25.63 26.52 6.62
CA LYS C 248 -25.15 27.80 7.11
C LYS C 248 -23.65 27.87 6.99
N ALA C 249 -23.00 26.77 7.31
CA ALA C 249 -21.54 26.74 7.28
C ALA C 249 -21.02 26.88 5.85
N LEU C 250 -21.66 26.22 4.90
CA LEU C 250 -21.16 26.33 3.55
C LEU C 250 -21.36 27.73 3.02
N GLN C 251 -22.54 28.29 3.29
CA GLN C 251 -22.86 29.63 2.83
C GLN C 251 -21.93 30.63 3.49
N ASP C 252 -21.55 30.39 4.74
CA ASP C 252 -20.73 31.35 5.46
C ASP C 252 -19.23 31.10 5.25
N GLY C 253 -18.93 30.04 4.49
CA GLY C 253 -17.57 29.67 4.15
C GLY C 253 -16.76 29.21 5.35
N GLU C 254 -17.44 28.52 6.24
CA GLU C 254 -16.83 27.92 7.41
C GLU C 254 -15.98 26.75 6.92
N ILE C 255 -16.51 25.97 5.99
CA ILE C 255 -15.75 24.93 5.31
C ILE C 255 -15.89 25.07 3.79
N ALA C 256 -15.23 24.20 3.04
CA ALA C 256 -15.01 24.48 1.63
C ALA C 256 -15.96 23.69 0.76
N GLY C 257 -16.69 22.76 1.38
CA GLY C 257 -17.37 21.72 0.65
C GLY C 257 -17.79 20.49 1.45
N ALA C 258 -18.65 19.70 0.84
CA ALA C 258 -19.20 18.57 1.54
C ALA C 258 -19.72 17.52 0.58
N GLY C 259 -19.53 16.27 1.01
CA GLY C 259 -19.90 15.09 0.27
C GLY C 259 -20.87 14.30 1.13
N LEU C 260 -22.10 14.08 0.63
CA LEU C 260 -23.19 13.48 1.42
C LEU C 260 -23.88 12.31 0.72
N ASP C 261 -23.87 11.16 1.38
CA ASP C 261 -24.57 9.99 0.92
C ASP C 261 -25.87 9.84 1.66
N THR C 262 -26.07 10.66 2.68
CA THR C 262 -27.20 10.42 3.55
C THR C 262 -27.56 11.76 4.13
N LEU C 263 -28.85 12.02 4.29
CA LEU C 263 -29.31 13.28 4.88
C LEU C 263 -30.27 13.14 6.04
N ALA C 264 -30.28 14.13 6.92
CA ALA C 264 -31.30 14.10 7.93
C ALA C 264 -32.61 14.29 7.20
N GLY C 265 -33.60 13.50 7.61
CA GLY C 265 -34.90 13.54 6.99
C GLY C 265 -34.92 12.97 5.59
N GLU C 266 -33.83 12.32 5.21
CA GLU C 266 -33.77 11.63 3.91
C GLU C 266 -34.87 10.62 3.70
N SER C 267 -35.30 9.97 4.78
CA SER C 267 -36.12 8.77 4.62
C SER C 267 -37.40 8.98 3.86
N SER C 268 -37.87 10.22 3.82
CA SER C 268 -39.10 10.53 3.14
C SER C 268 -38.97 10.82 1.62
N TYR C 269 -37.75 11.00 1.10
CA TYR C 269 -37.52 11.11 -0.36
C TYR C 269 -36.56 10.12 -1.06
N PHE C 270 -35.47 9.75 -0.40
CA PHE C 270 -34.55 8.78 -0.98
C PHE C 270 -35.32 7.50 -1.22
N GLY C 271 -35.08 6.89 -2.37
CA GLY C 271 -35.80 5.68 -2.75
C GLY C 271 -37.29 5.87 -3.05
N HIS C 272 -37.71 7.09 -3.37
CA HIS C 272 -39.06 7.35 -3.85
C HIS C 272 -38.96 7.83 -5.34
N THR C 273 -40.02 7.61 -6.16
CA THR C 273 -40.17 8.21 -7.51
C THR C 273 -41.47 8.97 -7.68
N GLY C 274 -41.56 9.72 -8.78
CA GLY C 274 -42.75 10.45 -9.11
C GLY C 274 -42.95 11.53 -8.08
N LEU C 275 -41.85 12.03 -7.53
CA LEU C 275 -41.95 13.11 -6.58
C LEU C 275 -42.20 14.42 -7.27
N THR C 276 -42.94 15.28 -6.60
CA THR C 276 -43.23 16.54 -7.17
C THR C 276 -42.52 17.46 -6.20
N ASP C 277 -42.23 18.66 -6.67
CA ASP C 277 -41.37 19.56 -5.95
C ASP C 277 -41.89 19.70 -4.54
N SER C 278 -43.19 19.48 -4.33
CA SER C 278 -43.74 19.66 -3.01
C SER C 278 -43.12 18.62 -2.10
N GLU C 279 -42.90 17.41 -2.62
CA GLU C 279 -42.49 16.26 -1.78
C GLU C 279 -40.96 16.10 -1.55
N ILE C 280 -40.16 16.91 -2.25
CA ILE C 280 -38.70 17.04 -2.06
C ILE C 280 -38.34 18.36 -1.34
N PRO C 281 -37.63 18.26 -0.19
CA PRO C 281 -37.35 19.48 0.62
C PRO C 281 -36.35 20.49 0.14
N GLU C 282 -36.52 21.69 0.65
CA GLU C 282 -35.67 22.83 0.31
C GLU C 282 -34.33 22.56 0.92
N ASP C 283 -34.31 21.69 1.93
CA ASP C 283 -33.04 21.36 2.54
C ASP C 283 -32.09 20.83 1.47
N TYR C 284 -32.60 19.81 0.79
CA TYR C 284 -31.87 19.13 -0.26
C TYR C 284 -31.69 20.07 -1.44
N LYS C 285 -32.72 20.81 -1.82
CA LYS C 285 -32.56 21.70 -2.94
C LYS C 285 -31.44 22.72 -2.73
N THR C 286 -31.42 23.35 -1.54
CA THR C 286 -30.42 24.36 -1.17
C THR C 286 -29.01 23.79 -1.30
N LEU C 287 -28.78 22.60 -0.70
CA LEU C 287 -27.46 21.93 -0.86
C LEU C 287 -27.08 21.55 -2.28
N ALA C 288 -28.05 21.06 -3.07
CA ALA C 288 -27.77 20.52 -4.40
C ALA C 288 -27.32 21.50 -5.48
N LYS C 289 -27.72 22.77 -5.41
CA LYS C 289 -27.21 23.77 -6.37
C LYS C 289 -25.75 24.19 -6.07
N MET C 290 -25.22 23.80 -4.92
CA MET C 290 -23.85 24.13 -4.51
C MET C 290 -22.77 23.30 -5.24
N PRO C 291 -21.92 23.96 -6.04
CA PRO C 291 -20.82 23.36 -6.79
C PRO C 291 -19.80 22.66 -5.87
N ASN C 292 -19.79 23.07 -4.60
CA ASN C 292 -18.88 22.45 -3.66
C ASN C 292 -19.54 21.40 -2.79
N VAL C 293 -20.71 20.95 -3.24
CA VAL C 293 -21.40 19.83 -2.59
C VAL C 293 -21.69 18.71 -3.60
N VAL C 294 -21.45 17.47 -3.18
CA VAL C 294 -21.88 16.30 -3.94
C VAL C 294 -22.75 15.40 -3.05
N ILE C 295 -23.83 14.91 -3.63
CA ILE C 295 -24.80 14.18 -2.85
C ILE C 295 -25.09 12.92 -3.59
N THR C 296 -25.00 11.78 -2.94
CA THR C 296 -25.53 10.59 -3.54
C THR C 296 -26.63 10.04 -2.68
N PRO C 297 -27.54 9.29 -3.29
CA PRO C 297 -28.77 8.83 -2.65
C PRO C 297 -28.61 7.53 -1.89
N HIS C 298 -27.77 7.59 -0.85
CA HIS C 298 -27.50 6.47 0.04
C HIS C 298 -27.11 5.26 -0.79
N SER C 299 -26.30 5.55 -1.79
CA SER C 299 -25.81 4.52 -2.69
C SER C 299 -24.41 4.06 -2.32
N ALA C 300 -23.89 4.49 -1.18
CA ALA C 300 -22.52 4.18 -0.87
C ALA C 300 -22.30 2.65 -0.88
N PHE C 301 -23.30 1.92 -0.35
CA PHE C 301 -23.32 0.45 -0.29
C PHE C 301 -23.54 -0.31 -1.60
N TYR C 302 -23.94 0.37 -2.66
CA TYR C 302 -24.55 -0.30 -3.80
C TYR C 302 -23.61 -0.94 -4.84
N THR C 303 -22.94 -2.02 -4.45
CA THR C 303 -22.04 -2.75 -5.34
C THR C 303 -22.49 -4.19 -5.35
N GLU C 304 -22.13 -4.90 -6.40
CA GLU C 304 -22.44 -6.32 -6.47
C GLU C 304 -21.92 -7.09 -5.26
N THR C 305 -20.75 -6.73 -4.76
CA THR C 305 -20.25 -7.40 -3.57
C THR C 305 -21.29 -7.20 -2.44
N SER C 306 -21.75 -5.98 -2.24
CA SER C 306 -22.73 -5.74 -1.18
C SER C 306 -23.97 -6.64 -1.27
N ILE C 307 -24.60 -6.67 -2.45
CA ILE C 307 -25.83 -7.44 -2.69
C ILE C 307 -25.64 -8.92 -2.49
N ARG C 308 -24.54 -9.39 -3.08
CA ARG C 308 -24.15 -10.77 -2.97
C ARG C 308 -23.97 -11.12 -1.52
N ASN C 309 -23.29 -10.24 -0.78
CA ASN C 309 -22.91 -10.65 0.54
C ASN C 309 -24.13 -10.60 1.42
N MET C 310 -25.09 -9.74 1.07
CA MET C 310 -26.31 -9.69 1.86
C MET C 310 -27.14 -10.94 1.64
N VAL C 311 -27.02 -11.53 0.47
CA VAL C 311 -27.64 -12.82 0.27
C VAL C 311 -26.88 -13.91 1.00
N GLN C 312 -25.58 -14.01 0.76
CA GLN C 312 -24.85 -15.21 1.14
C GLN C 312 -24.49 -15.22 2.59
N ILE C 313 -24.21 -14.07 3.17
CA ILE C 313 -23.95 -14.01 4.59
C ILE C 313 -25.19 -14.40 5.39
N CYS C 314 -26.32 -13.93 4.89
CA CYS C 314 -27.57 -14.28 5.50
C CYS C 314 -27.81 -15.78 5.39
N LEU C 315 -27.69 -16.30 4.18
CA LEU C 315 -28.02 -17.70 4.01
C LEU C 315 -27.07 -18.64 4.75
N THR C 316 -25.76 -18.42 4.73
CA THR C 316 -24.93 -19.30 5.56
C THR C 316 -25.17 -19.12 7.07
N ASP C 317 -25.46 -17.92 7.52
CA ASP C 317 -25.83 -17.76 8.93
C ASP C 317 -27.01 -18.69 9.26
N GLN C 318 -27.97 -18.77 8.35
CA GLN C 318 -29.17 -19.55 8.65
C GLN C 318 -28.91 -21.02 8.50
N LEU C 319 -28.03 -21.38 7.57
CA LEU C 319 -27.58 -22.77 7.44
C LEU C 319 -26.86 -23.27 8.65
N THR C 320 -26.03 -22.43 9.27
CA THR C 320 -25.42 -22.83 10.51
C THR C 320 -26.43 -22.88 11.67
N ILE C 321 -27.43 -21.99 11.67
CA ILE C 321 -28.54 -22.17 12.62
C ILE C 321 -29.25 -23.50 12.42
N ALA C 322 -29.50 -23.86 11.18
CA ALA C 322 -30.09 -25.17 10.88
C ALA C 322 -29.23 -26.34 11.41
N LYS C 323 -27.91 -26.23 11.25
CA LYS C 323 -26.93 -27.23 11.72
C LYS C 323 -26.77 -27.31 13.26
N GLY C 324 -27.33 -26.32 13.96
CA GLY C 324 -27.28 -26.18 15.41
C GLY C 324 -26.28 -25.19 15.97
N GLY C 325 -25.60 -24.44 15.09
CA GLY C 325 -24.69 -23.38 15.48
C GLY C 325 -25.38 -22.08 15.84
N ARG C 326 -24.69 -21.20 16.55
CA ARG C 326 -25.25 -19.87 16.75
C ARG C 326 -24.18 -18.94 16.22
N PRO C 327 -24.50 -18.20 15.14
CA PRO C 327 -23.56 -17.25 14.51
C PRO C 327 -23.59 -15.90 15.21
N ARG C 328 -22.48 -15.17 15.18
CA ARG C 328 -22.44 -13.90 15.90
C ARG C 328 -23.35 -12.85 15.27
N SER C 329 -23.96 -13.22 14.15
CA SER C 329 -24.90 -12.33 13.51
C SER C 329 -26.25 -12.35 14.21
N ILE C 330 -26.39 -13.24 15.18
CA ILE C 330 -27.61 -13.32 15.98
C ILE C 330 -27.81 -12.01 16.75
N VAL C 331 -29.01 -11.47 16.67
CA VAL C 331 -29.33 -10.24 17.38
C VAL C 331 -29.91 -10.39 18.79
N ASN C 332 -29.24 -9.81 19.77
CA ASN C 332 -29.67 -9.99 21.15
C ASN C 332 -30.06 -8.69 21.86
N THR D 2 23.35 38.56 -9.23
CA THR D 2 22.70 37.98 -10.40
C THR D 2 21.21 38.31 -10.50
N LYS D 3 20.82 38.81 -11.66
CA LYS D 3 19.48 39.32 -11.90
C LYS D 3 18.73 38.34 -12.81
N ILE D 4 17.44 38.10 -12.59
CA ILE D 4 16.67 37.22 -13.49
C ILE D 4 15.39 37.90 -14.02
N ALA D 5 15.03 37.59 -15.26
CA ALA D 5 13.85 38.20 -15.86
C ALA D 5 12.78 37.18 -16.21
N MET D 6 11.56 37.29 -15.64
CA MET D 6 10.48 36.34 -15.98
C MET D 6 9.31 36.88 -16.79
N TYR D 7 8.68 35.93 -17.48
CA TYR D 7 7.71 36.21 -18.51
C TYR D 7 6.58 35.20 -18.46
N ASN D 8 5.36 35.63 -18.74
CA ASN D 8 4.18 34.75 -18.74
C ASN D 8 3.61 34.43 -17.37
N VAL D 9 4.06 35.14 -16.34
CA VAL D 9 3.70 34.81 -14.95
C VAL D 9 2.23 35.11 -14.59
N SER D 10 1.58 34.15 -13.92
CA SER D 10 0.23 34.27 -13.39
C SER D 10 0.32 34.69 -11.92
N PRO D 11 -0.75 35.31 -11.37
CA PRO D 11 -0.64 35.77 -9.98
C PRO D 11 -0.30 34.63 -9.02
N ILE D 12 -0.72 33.43 -9.37
CA ILE D 12 -0.48 32.26 -8.55
C ILE D 12 0.99 31.84 -8.52
N GLU D 13 1.75 32.23 -9.54
CA GLU D 13 3.17 31.87 -9.63
C GLU D 13 3.98 32.82 -8.80
N VAL D 14 3.37 33.95 -8.55
CA VAL D 14 4.04 35.04 -7.88
C VAL D 14 4.55 34.75 -6.47
N PRO D 15 3.67 34.23 -5.61
CA PRO D 15 4.18 33.99 -4.26
C PRO D 15 5.45 33.13 -4.23
N TYR D 16 5.44 32.08 -5.05
CA TYR D 16 6.53 31.13 -5.05
C TYR D 16 7.75 31.70 -5.70
N ILE D 17 7.53 32.58 -6.67
CA ILE D 17 8.62 33.37 -7.20
C ILE D 17 9.29 34.17 -6.11
N GLU D 18 8.54 34.99 -5.40
CA GLU D 18 9.14 35.84 -4.39
C GLU D 18 9.77 35.03 -3.24
N ASP D 19 9.28 33.81 -3.04
CA ASP D 19 9.82 32.91 -2.02
C ASP D 19 11.18 32.37 -2.48
N TRP D 20 11.33 32.16 -3.78
CA TRP D 20 12.63 31.76 -4.28
C TRP D 20 13.59 32.95 -4.33
N ALA D 21 13.11 34.09 -4.86
CA ALA D 21 13.89 35.34 -4.93
C ALA D 21 14.61 35.60 -3.64
N LYS D 22 13.85 35.54 -2.54
CA LYS D 22 14.43 35.85 -1.24
C LYS D 22 15.24 34.67 -0.63
N LYS D 23 14.81 33.44 -0.92
CA LYS D 23 15.49 32.22 -0.45
C LYS D 23 16.89 32.01 -1.07
N ASN D 24 17.00 32.18 -2.38
CA ASN D 24 18.30 32.11 -3.08
C ASN D 24 18.99 33.46 -3.22
N ASP D 25 18.39 34.48 -2.63
CA ASP D 25 19.04 35.77 -2.54
C ASP D 25 19.49 36.27 -3.95
N VAL D 26 18.56 36.21 -4.89
CA VAL D 26 18.78 36.66 -6.27
C VAL D 26 17.73 37.70 -6.68
N GLU D 27 18.16 38.73 -7.41
CA GLU D 27 17.24 39.76 -7.85
C GLU D 27 16.36 39.27 -8.99
N ILE D 28 15.05 39.52 -8.89
CA ILE D 28 14.12 39.01 -9.89
C ILE D 28 13.19 40.13 -10.38
N LYS D 29 13.05 40.24 -11.70
CA LYS D 29 12.07 41.09 -12.33
C LYS D 29 11.09 40.29 -13.18
N THR D 30 9.80 40.67 -13.14
CA THR D 30 8.73 39.82 -13.67
C THR D 30 7.64 40.58 -14.42
N THR D 31 6.79 39.85 -15.13
CA THR D 31 5.71 40.44 -15.95
C THR D 31 4.82 39.38 -16.57
N ASP D 32 3.52 39.71 -16.69
CA ASP D 32 2.52 38.75 -17.16
C ASP D 32 2.54 38.51 -18.65
N GLN D 33 3.15 39.45 -19.35
CA GLN D 33 3.21 39.40 -20.80
C GLN D 33 4.27 38.49 -21.41
N ALA D 34 3.95 37.97 -22.59
CA ALA D 34 4.81 36.99 -23.24
C ALA D 34 6.01 37.78 -23.66
N LEU D 35 7.14 37.09 -23.74
CA LEU D 35 8.38 37.66 -24.25
C LEU D 35 8.43 38.03 -25.74
N THR D 36 8.57 39.34 -26.03
CA THR D 36 8.55 39.84 -27.39
C THR D 36 9.81 40.71 -27.56
N SER D 37 9.96 41.36 -28.72
CA SER D 37 11.01 42.35 -28.96
C SER D 37 10.68 43.59 -28.17
N ALA D 38 9.43 43.67 -27.74
CA ALA D 38 8.96 44.83 -27.04
C ALA D 38 9.10 44.65 -25.55
N THR D 39 9.57 43.49 -25.16
CA THR D 39 9.74 43.20 -23.75
C THR D 39 11.07 42.51 -23.50
N VAL D 40 12.01 42.67 -24.41
CA VAL D 40 13.30 42.06 -24.21
C VAL D 40 14.14 42.99 -23.35
N ASP D 41 13.84 44.28 -23.45
CA ASP D 41 14.52 45.31 -22.67
C ASP D 41 14.58 44.97 -21.18
N LEU D 42 13.61 44.20 -20.72
CA LEU D 42 13.50 43.79 -19.32
C LEU D 42 14.63 42.84 -18.79
N ALA D 43 15.27 42.09 -19.68
CA ALA D 43 16.29 41.10 -19.28
C ALA D 43 17.71 41.68 -19.14
N GLU D 44 17.77 42.97 -18.81
CA GLU D 44 18.99 43.70 -18.52
C GLU D 44 19.74 43.20 -17.26
N GLY D 45 21.02 42.89 -17.43
CA GLY D 45 21.83 42.34 -16.35
C GLY D 45 21.54 40.86 -16.13
N CYS D 46 20.26 40.51 -16.21
CA CYS D 46 19.79 39.15 -15.95
C CYS D 46 20.69 38.00 -16.41
N SER D 47 20.91 37.05 -15.50
CA SER D 47 21.71 35.87 -15.80
C SER D 47 20.87 34.93 -16.69
N SER D 48 19.54 35.09 -16.63
CA SER D 48 18.59 34.25 -17.36
C SER D 48 17.21 34.89 -17.58
N VAL D 49 16.53 34.44 -18.63
CA VAL D 49 15.11 34.74 -18.83
C VAL D 49 14.34 33.47 -18.63
N SER D 50 13.17 33.60 -18.00
CA SER D 50 12.17 32.52 -17.82
C SER D 50 10.83 32.70 -18.49
N LEU D 51 10.38 31.69 -19.21
CA LEU D 51 9.14 31.90 -19.90
C LEU D 51 8.20 30.79 -19.47
N LYS D 52 6.90 31.03 -19.61
CA LYS D 52 5.92 29.95 -19.57
C LYS D 52 5.00 30.30 -20.71
N PRO D 53 5.43 29.91 -21.90
CA PRO D 53 4.86 30.43 -23.15
C PRO D 53 3.45 29.95 -23.42
N LEU D 54 2.56 30.86 -23.80
CA LEU D 54 1.33 30.47 -24.51
C LEU D 54 1.55 30.27 -26.01
N GLY D 55 2.54 30.96 -26.58
CA GLY D 55 2.81 30.89 -28.01
C GLY D 55 4.26 30.86 -28.48
N PRO D 56 4.49 30.58 -29.78
CA PRO D 56 5.86 30.60 -30.32
C PRO D 56 6.57 31.94 -30.14
N VAL D 57 7.86 31.89 -29.80
CA VAL D 57 8.74 33.07 -29.76
C VAL D 57 9.55 33.25 -31.05
N ASP D 58 8.85 33.24 -32.17
CA ASP D 58 9.44 33.16 -33.52
C ASP D 58 10.55 34.19 -33.81
N GLU D 59 10.21 35.48 -33.75
CA GLU D 59 11.15 36.52 -34.13
C GLU D 59 12.47 36.36 -33.42
N GLU D 60 13.51 36.33 -34.22
CA GLU D 60 14.86 36.00 -33.80
C GLU D 60 15.74 37.11 -33.21
N VAL D 61 15.25 38.34 -33.15
CA VAL D 61 16.16 39.34 -32.60
C VAL D 61 16.16 39.34 -31.08
N VAL D 62 15.23 38.59 -30.52
CA VAL D 62 15.11 38.45 -29.09
C VAL D 62 16.38 37.80 -28.63
N TYR D 63 16.80 36.79 -29.37
CA TYR D 63 17.99 36.04 -29.04
C TYR D 63 19.23 36.89 -29.15
N GLN D 64 19.27 37.66 -30.23
CA GLN D 64 20.34 38.61 -30.42
C GLN D 64 20.49 39.44 -29.13
N LYS D 65 19.37 39.97 -28.64
CA LYS D 65 19.42 40.82 -27.46
C LYS D 65 19.74 40.03 -26.19
N LEU D 66 19.33 38.77 -26.13
CA LEU D 66 19.63 37.96 -24.96
C LEU D 66 21.12 37.86 -24.78
N SER D 67 21.80 37.37 -25.81
CA SER D 67 23.25 37.21 -25.67
C SER D 67 23.98 38.55 -25.65
N GLU D 68 23.33 39.62 -26.09
CA GLU D 68 23.98 40.92 -25.99
C GLU D 68 23.89 41.47 -24.56
N TYR D 69 22.77 41.19 -23.88
CA TYR D 69 22.54 41.60 -22.48
C TYR D 69 23.25 40.76 -21.40
N GLY D 70 23.76 39.59 -21.77
CA GLY D 70 24.45 38.71 -20.83
C GLY D 70 23.59 37.61 -20.23
N VAL D 71 22.44 37.33 -20.86
CA VAL D 71 21.58 36.21 -20.46
C VAL D 71 22.30 34.94 -20.86
N LYS D 72 22.47 34.04 -19.89
CA LYS D 72 23.12 32.76 -20.11
C LYS D 72 22.14 31.72 -20.59
N CYS D 73 20.88 31.89 -20.22
CA CYS D 73 19.96 30.79 -20.40
C CYS D 73 18.46 31.21 -20.52
N ILE D 74 17.73 30.54 -21.42
CA ILE D 74 16.26 30.62 -21.49
C ILE D 74 15.65 29.39 -20.85
N GLY D 75 14.99 29.59 -19.71
CA GLY D 75 14.35 28.50 -18.98
C GLY D 75 12.84 28.51 -18.91
N LEU D 76 12.29 27.51 -19.59
CA LEU D 76 10.85 27.31 -19.63
C LEU D 76 10.34 26.70 -18.31
N ARG D 77 9.08 26.99 -17.98
CA ARG D 77 8.45 26.46 -16.78
C ARG D 77 7.52 25.26 -17.02
N ILE D 78 7.82 24.38 -17.96
CA ILE D 78 6.89 23.30 -18.35
C ILE D 78 7.45 21.97 -18.87
N ASN D 82 9.99 23.56 -27.28
CA ASN D 82 9.42 23.41 -28.63
C ASN D 82 8.87 24.72 -29.18
N THR D 83 8.61 25.62 -28.26
CA THR D 83 8.26 27.00 -28.58
C THR D 83 9.55 27.80 -28.84
N ILE D 84 10.70 27.20 -28.62
CA ILE D 84 12.00 27.87 -28.82
C ILE D 84 12.67 27.48 -30.17
N ASN D 85 12.88 28.44 -31.08
CA ASN D 85 13.65 28.14 -32.30
C ASN D 85 15.10 27.86 -31.96
N PHE D 86 15.47 26.60 -32.12
CA PHE D 86 16.68 26.04 -31.55
C PHE D 86 17.89 26.37 -32.38
N ASP D 87 17.62 26.81 -33.59
CA ASP D 87 18.66 27.15 -34.52
C ASP D 87 19.26 28.50 -34.14
N TRP D 88 18.38 29.35 -33.64
CA TRP D 88 18.75 30.70 -33.23
C TRP D 88 19.49 30.70 -31.88
N THR D 89 19.28 29.64 -31.11
CA THR D 89 19.87 29.51 -29.78
C THR D 89 21.39 29.33 -29.78
N LYS D 90 21.94 28.86 -30.90
CA LYS D 90 23.38 28.88 -31.05
C LYS D 90 23.88 30.19 -31.63
N LEU D 94 23.07 30.54 -26.58
CA LEU D 94 22.38 30.38 -25.29
C LEU D 94 21.90 28.96 -24.99
N LEU D 95 21.99 28.59 -23.72
CA LEU D 95 21.46 27.34 -23.22
C LEU D 95 19.96 27.40 -22.96
N VAL D 96 19.22 26.38 -23.37
CA VAL D 96 17.77 26.29 -23.08
C VAL D 96 17.56 25.28 -21.92
N THR D 97 16.57 25.52 -21.07
CA THR D 97 16.20 24.54 -20.03
C THR D 97 14.69 24.33 -19.97
N ASN D 98 14.28 23.16 -19.48
CA ASN D 98 12.86 22.94 -19.18
C ASN D 98 12.59 22.35 -17.79
N VAL D 99 11.31 22.09 -17.55
CA VAL D 99 10.82 21.53 -16.30
C VAL D 99 10.11 20.28 -16.69
N PRO D 100 10.85 19.18 -16.65
CA PRO D 100 10.52 17.85 -17.15
C PRO D 100 9.46 17.24 -16.27
N VAL D 101 9.54 17.58 -14.98
CA VAL D 101 8.75 16.92 -13.96
C VAL D 101 8.27 17.92 -12.92
N TYR D 102 6.97 18.18 -12.87
CA TYR D 102 6.48 19.12 -11.89
C TYR D 102 5.64 18.44 -10.82
N SER D 103 4.74 17.57 -11.20
CA SER D 103 4.08 16.76 -10.18
C SER D 103 3.43 15.63 -10.89
N PRO D 104 4.14 14.54 -11.10
CA PRO D 104 3.39 13.38 -11.57
C PRO D 104 2.10 13.06 -10.80
N ARG D 105 2.17 13.14 -9.48
CA ARG D 105 1.02 12.82 -8.68
C ARG D 105 -0.15 13.71 -8.97
N ALA D 106 0.09 14.93 -9.43
CA ALA D 106 -1.05 15.79 -9.74
C ALA D 106 -1.96 15.18 -10.82
N ILE D 107 -1.36 14.78 -11.92
CA ILE D 107 -2.17 14.33 -13.02
C ILE D 107 -2.67 12.94 -12.68
N ALA D 108 -1.82 12.15 -12.03
CA ALA D 108 -2.26 10.84 -11.53
C ALA D 108 -3.51 10.97 -10.65
N GLU D 109 -3.50 11.93 -9.74
CA GLU D 109 -4.57 12.01 -8.79
C GLU D 109 -5.85 12.45 -9.47
N MET D 110 -5.71 13.34 -10.47
CA MET D 110 -6.90 13.73 -11.22
C MET D 110 -7.46 12.52 -11.93
N THR D 111 -6.56 11.70 -12.47
CA THR D 111 -6.99 10.54 -13.23
C THR D 111 -7.86 9.61 -12.37
N VAL D 112 -7.28 9.28 -11.22
CA VAL D 112 -7.95 8.38 -10.30
C VAL D 112 -9.29 8.95 -9.86
N THR D 113 -9.28 10.23 -9.55
CA THR D 113 -10.51 10.91 -9.15
C THR D 113 -11.63 10.76 -10.16
N GLN D 114 -11.32 11.02 -11.43
CA GLN D 114 -12.39 11.05 -12.42
C GLN D 114 -12.91 9.65 -12.62
N ALA D 115 -12.01 8.69 -12.42
CA ALA D 115 -12.39 7.32 -12.66
C ALA D 115 -13.28 6.76 -11.55
N MET D 116 -12.93 7.04 -10.31
CA MET D 116 -13.82 6.73 -9.19
C MET D 116 -15.21 7.43 -9.25
N TYR D 117 -15.25 8.71 -9.64
CA TYR D 117 -16.54 9.39 -9.74
C TYR D 117 -17.42 8.65 -10.72
N LEU D 118 -16.88 8.37 -11.91
CA LEU D 118 -17.70 7.67 -12.90
C LEU D 118 -18.06 6.28 -12.43
N LEU D 119 -17.10 5.58 -11.84
CA LEU D 119 -17.37 4.23 -11.39
C LEU D 119 -18.53 4.15 -10.44
N ARG D 120 -18.60 5.09 -9.51
CA ARG D 120 -19.69 5.13 -8.55
C ARG D 120 -20.88 5.79 -9.19
N LYS D 121 -20.72 6.10 -10.47
CA LYS D 121 -21.85 6.48 -11.26
C LYS D 121 -22.59 7.61 -10.64
N ILE D 122 -21.84 8.49 -10.00
CA ILE D 122 -22.43 9.66 -9.36
C ILE D 122 -23.14 10.61 -10.34
N GLY D 123 -22.57 10.78 -11.53
CA GLY D 123 -23.16 11.75 -12.46
C GLY D 123 -24.54 11.27 -12.87
N GLU D 124 -24.67 9.95 -12.96
CA GLU D 124 -25.88 9.35 -13.49
C GLU D 124 -26.98 9.40 -12.44
N PHE D 125 -26.56 9.28 -11.20
CA PHE D 125 -27.45 9.39 -10.06
C PHE D 125 -27.98 10.80 -9.90
N ARG D 126 -27.09 11.77 -9.97
CA ARG D 126 -27.54 13.15 -9.85
C ARG D 126 -28.47 13.57 -10.96
N TYR D 127 -28.23 13.11 -12.18
CA TYR D 127 -29.25 13.32 -13.22
C TYR D 127 -30.58 12.69 -12.81
N ARG D 128 -30.57 11.41 -12.45
CA ARG D 128 -31.85 10.78 -12.09
C ARG D 128 -32.52 11.61 -11.03
N MET D 129 -31.73 12.06 -10.06
CA MET D 129 -32.30 12.76 -8.92
C MET D 129 -32.88 14.12 -9.35
N ASP D 130 -32.08 14.92 -10.05
CA ASP D 130 -32.47 16.29 -10.36
C ASP D 130 -33.39 16.51 -11.55
N HIS D 131 -33.35 15.66 -12.56
CA HIS D 131 -34.22 15.91 -13.71
C HIS D 131 -35.49 15.07 -13.83
N ASP D 132 -35.41 13.85 -13.32
CA ASP D 132 -36.52 12.91 -13.37
C ASP D 132 -37.15 12.80 -11.97
N HIS D 133 -36.52 13.41 -10.96
CA HIS D 133 -36.90 13.25 -9.53
C HIS D 133 -36.97 11.79 -9.03
N ASP D 134 -35.95 11.00 -9.34
CA ASP D 134 -35.97 9.54 -9.18
C ASP D 134 -34.81 9.18 -8.26
N PHE D 135 -35.12 8.91 -6.99
CA PHE D 135 -34.13 8.72 -5.92
C PHE D 135 -33.89 7.28 -5.62
N THR D 136 -34.26 6.43 -6.58
CA THR D 136 -34.17 4.97 -6.46
C THR D 136 -32.84 4.38 -6.94
N TRP D 137 -32.64 3.08 -6.66
CA TRP D 137 -31.46 2.33 -7.08
C TRP D 137 -31.75 1.31 -8.20
N PRO D 138 -31.54 1.72 -9.47
CA PRO D 138 -31.82 0.82 -10.61
C PRO D 138 -30.79 -0.33 -10.82
N SER D 139 -31.24 -1.47 -11.33
CA SER D 139 -30.33 -2.55 -11.66
C SER D 139 -29.09 -2.10 -12.43
N ASN D 140 -29.28 -1.27 -13.43
CA ASN D 140 -28.16 -0.78 -14.25
C ASN D 140 -27.16 0.22 -13.66
N LEU D 141 -27.47 0.74 -12.48
CA LEU D 141 -26.56 1.65 -11.81
C LEU D 141 -25.78 1.05 -10.65
N ILE D 142 -25.86 -0.25 -10.50
CA ILE D 142 -25.01 -0.87 -9.51
C ILE D 142 -23.55 -0.57 -9.80
N SER D 143 -22.75 -0.50 -8.74
CA SER D 143 -21.37 -0.10 -8.90
C SER D 143 -20.52 -1.28 -8.51
N ASN D 144 -19.22 -1.06 -8.33
CA ASN D 144 -18.38 -2.16 -7.93
C ASN D 144 -17.13 -1.62 -7.23
N GLU D 145 -16.46 -2.48 -6.47
CA GLU D 145 -15.26 -2.04 -5.76
C GLU D 145 -14.08 -2.06 -6.68
N ILE D 146 -13.23 -1.07 -6.48
CA ILE D 146 -12.04 -0.87 -7.28
C ILE D 146 -11.07 -2.05 -7.36
N TYR D 147 -10.95 -2.80 -6.26
CA TYR D 147 -10.03 -3.93 -6.23
C TYR D 147 -10.48 -5.07 -7.11
N ASN D 148 -11.78 -5.11 -7.44
CA ASN D 148 -12.32 -6.08 -8.42
C ASN D 148 -12.10 -5.77 -9.86
N LEU D 149 -11.41 -4.69 -10.12
CA LEU D 149 -11.41 -4.24 -11.47
C LEU D 149 -10.01 -4.37 -11.92
N THR D 150 -9.84 -4.29 -13.23
CA THR D 150 -8.51 -4.31 -13.80
C THR D 150 -8.47 -3.09 -14.67
N VAL D 151 -7.36 -2.37 -14.55
CA VAL D 151 -7.20 -1.05 -15.17
C VAL D 151 -6.16 -1.18 -16.27
N GLY D 152 -6.43 -0.60 -17.44
CA GLY D 152 -5.49 -0.59 -18.53
C GLY D 152 -4.96 0.78 -18.96
N LEU D 153 -3.64 0.88 -19.07
CA LEU D 153 -3.01 2.15 -19.39
C LEU D 153 -2.40 2.16 -20.76
N ILE D 154 -2.76 3.13 -21.58
CA ILE D 154 -2.14 3.21 -22.90
C ILE D 154 -1.07 4.32 -22.72
N GLY D 155 0.19 3.93 -22.63
CA GLY D 155 1.30 4.87 -22.48
C GLY D 155 1.45 5.06 -20.99
N VAL D 156 2.64 4.84 -20.44
CA VAL D 156 2.88 5.13 -19.04
C VAL D 156 4.23 5.79 -18.83
N GLY D 157 4.27 7.01 -18.33
CA GLY D 157 5.59 7.56 -18.08
C GLY D 157 5.59 7.98 -16.64
N HIS D 158 6.06 9.18 -16.36
CA HIS D 158 6.00 9.70 -15.01
C HIS D 158 4.55 9.78 -14.60
N ILE D 159 3.65 10.09 -15.52
CA ILE D 159 2.31 10.30 -15.08
C ILE D 159 1.65 8.90 -14.97
N GLY D 160 1.82 8.12 -16.01
CA GLY D 160 1.25 6.79 -15.99
C GLY D 160 1.63 5.98 -14.76
N SER D 161 2.93 5.92 -14.44
CA SER D 161 3.39 5.10 -13.30
C SER D 161 2.83 5.52 -11.96
N ALA D 162 2.74 6.83 -11.71
CA ALA D 162 2.06 7.28 -10.50
C ALA D 162 0.63 6.76 -10.44
N VAL D 163 -0.07 6.83 -11.57
CA VAL D 163 -1.41 6.21 -11.65
C VAL D 163 -1.42 4.70 -11.29
N ALA D 164 -0.41 3.99 -11.77
CA ALA D 164 -0.27 2.58 -11.44
C ALA D 164 -0.06 2.35 -9.93
N GLU D 165 0.89 3.07 -9.33
CA GLU D 165 1.16 2.87 -7.91
C GLU D 165 -0.11 3.10 -7.11
N ILE D 166 -0.86 4.15 -7.48
CA ILE D 166 -2.09 4.39 -6.74
C ILE D 166 -3.13 3.28 -6.85
N PHE D 167 -3.46 2.87 -8.08
CA PHE D 167 -4.49 1.83 -8.24
C PHE D 167 -4.06 0.50 -7.67
N SER D 168 -2.83 0.07 -7.97
CA SER D 168 -2.37 -1.21 -7.43
C SER D 168 -2.47 -1.14 -5.91
N ALA D 169 -2.23 0.06 -5.35
CA ALA D 169 -2.34 0.24 -3.91
C ALA D 169 -3.76 0.04 -3.40
N MET D 170 -4.72 0.42 -4.22
CA MET D 170 -6.13 0.24 -3.90
C MET D 170 -6.60 -1.18 -4.17
N GLY D 171 -5.70 -2.02 -4.65
CA GLY D 171 -6.05 -3.42 -4.79
C GLY D 171 -6.31 -3.87 -6.21
N ALA D 172 -6.46 -2.90 -7.10
CA ALA D 172 -6.66 -3.11 -8.54
C ALA D 172 -5.52 -3.82 -9.26
N LYS D 173 -5.89 -4.56 -10.30
CA LYS D 173 -4.92 -5.12 -11.24
C LYS D 173 -4.63 -4.04 -12.26
N VAL D 174 -3.39 -3.69 -12.45
CA VAL D 174 -3.16 -2.75 -13.51
C VAL D 174 -2.45 -3.48 -14.65
N ILE D 175 -2.89 -3.21 -15.87
CA ILE D 175 -2.22 -3.79 -17.01
C ILE D 175 -1.98 -2.59 -17.91
N ALA D 176 -0.89 -2.65 -18.70
CA ALA D 176 -0.40 -1.44 -19.34
C ALA D 176 0.40 -1.68 -20.63
N TYR D 177 0.18 -0.84 -21.64
CA TYR D 177 0.99 -0.89 -22.85
C TYR D 177 1.87 0.36 -23.10
N ASP D 178 3.17 0.15 -23.26
CA ASP D 178 4.16 1.21 -23.51
C ASP D 178 5.16 0.60 -24.46
N VAL D 179 5.73 1.41 -25.32
CA VAL D 179 6.80 0.94 -26.20
C VAL D 179 8.14 0.75 -25.47
N ALA D 180 8.22 1.16 -24.22
CA ALA D 180 9.48 1.11 -23.51
C ALA D 180 9.31 0.39 -22.18
N TYR D 181 10.14 -0.63 -21.96
CA TYR D 181 10.19 -1.38 -20.72
C TYR D 181 10.99 -0.65 -19.67
N ASN D 182 10.35 -0.23 -18.59
CA ASN D 182 11.05 0.24 -17.40
C ASN D 182 10.73 -0.83 -16.37
N PRO D 183 11.75 -1.53 -15.90
CA PRO D 183 11.63 -2.62 -14.92
C PRO D 183 11.07 -2.17 -13.57
N GLU D 184 11.47 -0.97 -13.16
CA GLU D 184 11.06 -0.40 -11.90
C GLU D 184 9.56 -0.30 -11.79
N PHE D 185 8.85 -0.33 -12.92
CA PHE D 185 7.39 -0.34 -12.87
C PHE D 185 6.75 -1.71 -12.60
N GLU D 186 7.50 -2.78 -12.69
CA GLU D 186 6.87 -4.08 -12.59
C GLU D 186 6.09 -4.36 -11.31
N PRO D 187 6.44 -3.69 -10.19
CA PRO D 187 5.64 -3.89 -8.97
C PRO D 187 4.19 -3.43 -9.08
N PHE D 188 3.92 -2.59 -10.07
CA PHE D 188 2.64 -1.93 -10.11
C PHE D 188 1.72 -2.32 -11.24
N LEU D 189 2.28 -2.84 -12.33
CA LEU D 189 1.49 -3.12 -13.52
C LEU D 189 1.99 -4.38 -14.24
N THR D 190 1.15 -4.94 -15.13
CA THR D 190 1.58 -6.01 -16.04
C THR D 190 1.68 -5.43 -17.43
N TYR D 191 2.86 -5.52 -18.05
CA TYR D 191 2.96 -5.03 -19.41
C TYR D 191 2.31 -6.05 -20.33
N THR D 192 1.61 -5.55 -21.34
CA THR D 192 0.97 -6.41 -22.33
C THR D 192 0.72 -5.57 -23.57
N ASP D 193 0.03 -6.12 -24.55
CA ASP D 193 -0.20 -5.36 -25.78
C ASP D 193 -1.40 -4.41 -25.76
N PHE D 194 -1.39 -3.48 -26.71
CA PHE D 194 -2.45 -2.51 -26.92
C PHE D 194 -3.82 -3.16 -26.85
N ASP D 195 -4.01 -4.18 -27.68
CA ASP D 195 -5.31 -4.81 -27.82
C ASP D 195 -5.74 -5.44 -26.53
N THR D 196 -4.90 -6.29 -25.96
CA THR D 196 -5.19 -6.83 -24.63
C THR D 196 -5.58 -5.76 -23.59
N VAL D 197 -4.83 -4.66 -23.55
CA VAL D 197 -5.23 -3.56 -22.67
C VAL D 197 -6.69 -3.11 -22.92
N LEU D 198 -7.06 -2.95 -24.18
CA LEU D 198 -8.40 -2.49 -24.52
C LEU D 198 -9.44 -3.53 -24.21
N LYS D 199 -9.08 -4.79 -24.42
CA LYS D 199 -10.03 -5.88 -24.24
C LYS D 199 -10.35 -6.13 -22.77
N GLU D 200 -9.33 -6.05 -21.90
CA GLU D 200 -9.46 -6.64 -20.57
C GLU D 200 -9.79 -5.64 -19.47
N ALA D 201 -9.65 -4.36 -19.81
CA ALA D 201 -9.58 -3.31 -18.82
C ALA D 201 -10.97 -2.69 -18.57
N ASP D 202 -11.29 -2.38 -17.32
CA ASP D 202 -12.61 -1.82 -16.93
C ASP D 202 -12.50 -0.34 -16.84
N ILE D 203 -11.27 0.12 -16.68
CA ILE D 203 -10.97 1.53 -16.80
C ILE D 203 -9.77 1.64 -17.71
N VAL D 204 -9.82 2.60 -18.63
CA VAL D 204 -8.74 2.83 -19.56
C VAL D 204 -8.21 4.21 -19.51
N SER D 205 -6.91 4.38 -19.38
CA SER D 205 -6.38 5.71 -19.10
C SER D 205 -5.25 5.98 -20.07
N LEU D 206 -5.32 7.13 -20.73
CA LEU D 206 -4.36 7.46 -21.78
C LEU D 206 -3.24 8.29 -21.22
N HIS D 207 -2.00 7.91 -21.55
CA HIS D 207 -0.82 8.54 -20.96
C HIS D 207 0.31 8.47 -21.93
N THR D 208 0.00 8.29 -23.21
CA THR D 208 1.09 8.36 -24.20
C THR D 208 1.34 9.80 -24.58
N PRO D 209 2.49 10.05 -25.22
CA PRO D 209 2.66 11.42 -25.72
C PRO D 209 1.91 11.73 -27.02
N LEU D 210 1.96 13.00 -27.42
CA LEU D 210 1.42 13.40 -28.71
C LEU D 210 2.42 13.49 -29.89
N PHE D 211 2.24 12.61 -30.86
CA PHE D 211 2.96 12.61 -32.14
C PHE D 211 2.02 12.31 -33.29
N PRO D 212 2.34 12.84 -34.47
CA PRO D 212 1.59 12.58 -35.70
C PRO D 212 1.06 11.15 -35.73
N SER D 213 1.93 10.21 -35.41
CA SER D 213 1.59 8.82 -35.41
C SER D 213 0.53 8.50 -34.33
N THR D 214 0.49 9.30 -33.26
CA THR D 214 -0.39 9.07 -32.09
C THR D 214 -1.70 9.88 -32.06
N GLU D 215 -1.87 10.71 -33.07
CA GLU D 215 -3.02 11.58 -33.21
C GLU D 215 -4.17 10.66 -33.56
N ASN D 216 -5.27 10.82 -32.87
CA ASN D 216 -6.42 9.97 -33.12
C ASN D 216 -6.13 8.50 -32.91
N MET D 217 -5.27 8.25 -31.93
CA MET D 217 -4.95 6.94 -31.40
C MET D 217 -6.21 6.17 -31.04
N ILE D 218 -7.10 6.90 -30.39
CA ILE D 218 -8.39 6.37 -29.99
C ILE D 218 -9.54 6.89 -30.85
N GLY D 219 -10.11 6.00 -31.66
CA GLY D 219 -11.31 6.24 -32.43
C GLY D 219 -12.24 5.03 -32.43
N GLU D 220 -13.11 4.96 -33.45
CA GLU D 220 -14.17 3.94 -33.53
C GLU D 220 -13.77 2.50 -33.14
N LYS D 221 -12.80 1.96 -33.87
CA LYS D 221 -12.34 0.59 -33.65
C LYS D 221 -12.16 0.34 -32.15
N GLN D 222 -11.23 1.08 -31.58
CA GLN D 222 -10.95 1.02 -30.16
C GLN D 222 -12.17 0.94 -29.25
N LEU D 223 -13.12 1.83 -29.48
CA LEU D 223 -14.32 1.86 -28.69
C LEU D 223 -15.29 0.66 -28.77
N LYS D 224 -15.45 0.13 -29.99
CA LYS D 224 -16.22 -1.09 -30.14
C LYS D 224 -15.45 -2.18 -29.46
N GLU D 225 -14.13 -1.94 -29.40
CA GLU D 225 -13.20 -2.88 -28.81
C GLU D 225 -13.14 -2.81 -27.29
N MET D 226 -13.49 -1.67 -26.72
CA MET D 226 -13.49 -1.58 -25.26
C MET D 226 -14.68 -2.34 -24.73
N LYS D 227 -14.63 -2.62 -23.44
CA LYS D 227 -15.75 -3.28 -22.82
C LYS D 227 -16.88 -2.30 -22.90
N LYS D 228 -18.08 -2.80 -23.11
CA LYS D 228 -19.18 -1.88 -23.21
C LYS D 228 -19.34 -1.26 -21.82
N SER D 229 -18.90 -1.96 -20.77
CA SER D 229 -19.04 -1.41 -19.41
C SER D 229 -17.85 -0.58 -18.94
N ALA D 230 -16.89 -0.37 -19.84
CA ALA D 230 -15.70 0.35 -19.48
C ALA D 230 -15.80 1.85 -19.53
N TYR D 231 -15.00 2.49 -18.71
CA TYR D 231 -14.86 3.93 -18.71
C TYR D 231 -13.49 4.29 -19.33
N LEU D 232 -13.48 5.32 -20.17
CA LEU D 232 -12.25 5.88 -20.72
C LEU D 232 -11.83 7.18 -20.07
N ILE D 233 -10.55 7.30 -19.74
CA ILE D 233 -10.00 8.45 -19.08
C ILE D 233 -8.87 9.04 -19.87
N ASN D 234 -9.02 10.28 -20.28
CA ASN D 234 -7.94 11.00 -20.93
C ASN D 234 -7.51 12.23 -20.17
N CYS D 235 -6.43 12.14 -19.41
CA CYS D 235 -5.90 13.30 -18.73
C CYS D 235 -4.62 13.72 -19.42
N ALA D 236 -4.47 13.27 -20.66
CA ALA D 236 -3.26 13.55 -21.39
C ALA D 236 -3.37 14.64 -22.47
N ARG D 237 -3.82 14.29 -23.67
CA ARG D 237 -3.98 15.27 -24.77
C ARG D 237 -5.22 14.99 -25.61
N GLY D 238 -6.00 16.01 -25.92
CA GLY D 238 -7.23 15.76 -26.65
C GLY D 238 -7.05 15.13 -28.02
N GLU D 239 -5.95 15.48 -28.67
CA GLU D 239 -5.62 14.94 -29.99
C GLU D 239 -5.39 13.44 -29.98
N LEU D 240 -5.23 12.88 -28.78
CA LEU D 240 -5.17 11.44 -28.64
C LEU D 240 -6.54 10.81 -28.93
N VAL D 241 -7.59 11.53 -28.62
CA VAL D 241 -8.90 10.96 -28.85
C VAL D 241 -9.60 11.59 -30.03
N ASP D 242 -10.07 10.74 -30.93
CA ASP D 242 -11.03 11.15 -31.93
C ASP D 242 -12.31 11.46 -31.20
N THR D 243 -12.60 12.75 -31.09
CA THR D 243 -13.65 13.22 -30.21
C THR D 243 -15.01 12.72 -30.72
N GLY D 244 -15.30 13.03 -31.98
CA GLY D 244 -16.53 12.61 -32.64
C GLY D 244 -16.80 11.12 -32.48
N ALA D 245 -15.71 10.36 -32.55
CA ALA D 245 -15.78 8.93 -32.39
C ALA D 245 -16.30 8.64 -30.99
N LEU D 246 -15.69 9.31 -30.04
CA LEU D 246 -16.07 9.17 -28.65
C LEU D 246 -17.56 9.41 -28.46
N ILE D 247 -18.03 10.47 -29.08
CA ILE D 247 -19.41 10.88 -28.92
C ILE D 247 -20.37 9.84 -29.47
N LYS D 248 -20.04 9.25 -30.62
CA LYS D 248 -20.87 8.14 -31.11
C LYS D 248 -20.81 6.95 -30.18
N ALA D 249 -19.60 6.59 -29.79
CA ALA D 249 -19.37 5.45 -28.92
C ALA D 249 -20.24 5.53 -27.68
N LEU D 250 -20.24 6.72 -27.09
CA LEU D 250 -21.02 6.97 -25.90
C LEU D 250 -22.51 6.86 -26.18
N GLN D 251 -22.98 7.55 -27.23
CA GLN D 251 -24.40 7.50 -27.54
C GLN D 251 -24.85 6.06 -27.70
N ASP D 252 -24.18 5.35 -28.60
CA ASP D 252 -24.60 4.00 -28.91
C ASP D 252 -24.20 3.02 -27.82
N GLY D 253 -23.69 3.57 -26.72
CA GLY D 253 -23.21 2.81 -25.57
C GLY D 253 -22.14 1.73 -25.72
N GLU D 254 -21.06 2.03 -26.45
CA GLU D 254 -19.93 1.08 -26.62
C GLU D 254 -18.90 1.16 -25.51
N ILE D 255 -19.08 2.19 -24.67
CA ILE D 255 -18.42 2.34 -23.37
C ILE D 255 -19.40 2.90 -22.28
N ALA D 256 -19.00 2.91 -21.02
CA ALA D 256 -19.95 3.29 -19.95
C ALA D 256 -19.80 4.76 -19.63
N GLY D 257 -18.67 5.33 -20.02
CA GLY D 257 -18.38 6.71 -19.66
C GLY D 257 -16.96 7.11 -20.03
N ALA D 258 -16.65 8.38 -19.82
CA ALA D 258 -15.35 8.99 -20.17
C ALA D 258 -15.10 10.16 -19.22
N GLY D 259 -13.86 10.26 -18.75
CA GLY D 259 -13.39 11.41 -18.00
C GLY D 259 -12.26 12.16 -18.69
N LEU D 260 -12.48 13.44 -18.97
CA LEU D 260 -11.56 14.21 -19.79
C LEU D 260 -10.96 15.43 -19.09
N ASP D 261 -9.66 15.63 -19.22
CA ASP D 261 -9.06 16.86 -18.73
C ASP D 261 -8.64 17.68 -19.95
N THR D 262 -9.04 17.21 -21.14
CA THR D 262 -8.53 17.75 -22.40
C THR D 262 -9.27 17.19 -23.65
N LEU D 263 -9.44 18.06 -24.64
CA LEU D 263 -10.12 17.78 -25.91
C LEU D 263 -9.36 18.37 -27.07
N ALA D 264 -9.46 17.69 -28.21
CA ALA D 264 -8.86 18.22 -29.42
C ALA D 264 -9.45 19.61 -29.66
N GLY D 265 -8.62 20.56 -30.07
CA GLY D 265 -9.09 21.92 -30.32
C GLY D 265 -9.55 22.69 -29.10
N GLU D 266 -8.94 22.40 -27.97
CA GLU D 266 -9.40 22.94 -26.70
C GLU D 266 -8.91 24.36 -26.56
N SER D 267 -7.88 24.70 -27.33
CA SER D 267 -7.25 26.00 -27.17
C SER D 267 -8.16 27.11 -27.62
N SER D 268 -9.26 26.73 -28.28
CA SER D 268 -10.25 27.68 -28.79
C SER D 268 -11.00 28.33 -27.65
N TYR D 269 -11.17 27.59 -26.57
CA TYR D 269 -12.06 28.03 -25.52
C TYR D 269 -11.55 27.79 -24.13
N PHE D 270 -10.72 26.76 -23.98
CA PHE D 270 -9.98 26.51 -22.74
C PHE D 270 -9.02 27.69 -22.57
N GLY D 271 -8.99 28.29 -21.38
CA GLY D 271 -8.13 29.43 -21.15
C GLY D 271 -8.82 30.77 -21.39
N HIS D 272 -9.93 30.77 -22.12
CA HIS D 272 -10.66 32.02 -22.36
C HIS D 272 -11.85 32.19 -21.42
N THR D 273 -12.35 33.42 -21.35
CA THR D 273 -13.50 33.77 -20.53
C THR D 273 -14.49 34.57 -21.35
N GLY D 274 -15.74 34.57 -20.89
CA GLY D 274 -16.80 35.35 -21.50
C GLY D 274 -17.16 34.96 -22.93
N LEU D 275 -17.14 33.67 -23.22
CA LEU D 275 -17.41 33.19 -24.57
C LEU D 275 -18.91 33.19 -24.84
N THR D 276 -19.33 33.26 -26.10
CA THR D 276 -20.76 33.11 -26.47
C THR D 276 -21.13 31.62 -26.56
N ASP D 277 -22.43 31.30 -26.61
CA ASP D 277 -22.84 29.92 -26.94
C ASP D 277 -22.13 29.56 -28.25
N SER D 278 -22.06 30.54 -29.14
CA SER D 278 -21.50 30.36 -30.47
C SER D 278 -19.99 30.08 -30.47
N GLU D 279 -19.22 30.57 -29.48
CA GLU D 279 -17.76 30.32 -29.44
C GLU D 279 -17.30 29.00 -28.81
N ILE D 280 -18.21 28.37 -28.09
CA ILE D 280 -18.00 27.05 -27.58
C ILE D 280 -18.54 25.99 -28.51
N PRO D 281 -17.70 25.03 -28.88
CA PRO D 281 -18.14 24.05 -29.87
C PRO D 281 -19.22 23.07 -29.39
N GLU D 282 -20.06 22.61 -30.31
CA GLU D 282 -21.16 21.67 -29.99
C GLU D 282 -20.72 20.33 -29.47
N ASP D 283 -19.63 19.80 -29.98
CA ASP D 283 -19.14 18.56 -29.40
C ASP D 283 -18.88 18.65 -27.90
N TYR D 284 -18.22 19.75 -27.50
CA TYR D 284 -18.08 20.04 -26.09
C TYR D 284 -19.46 20.09 -25.40
N LYS D 285 -20.32 20.99 -25.86
CA LYS D 285 -21.64 21.19 -25.27
C LYS D 285 -22.40 19.86 -25.11
N THR D 286 -22.11 18.92 -26.00
CA THR D 286 -22.84 17.65 -26.05
C THR D 286 -22.31 16.73 -24.96
N LEU D 287 -20.99 16.61 -24.89
CA LEU D 287 -20.38 15.79 -23.83
C LEU D 287 -20.68 16.33 -22.45
N ALA D 288 -20.40 17.61 -22.26
CA ALA D 288 -20.67 18.28 -21.00
C ALA D 288 -22.05 17.92 -20.45
N LYS D 289 -22.94 17.55 -21.34
CA LYS D 289 -24.31 17.32 -20.95
C LYS D 289 -24.52 15.87 -20.60
N MET D 290 -23.56 15.01 -20.89
CA MET D 290 -23.78 13.59 -20.64
C MET D 290 -23.48 13.27 -19.17
N PRO D 291 -24.48 12.73 -18.47
CA PRO D 291 -24.33 12.38 -17.07
C PRO D 291 -23.21 11.36 -16.80
N ASN D 292 -22.84 10.60 -17.81
CA ASN D 292 -21.81 9.61 -17.60
C ASN D 292 -20.47 10.11 -18.12
N VAL D 293 -20.37 11.44 -18.22
CA VAL D 293 -19.12 12.11 -18.49
C VAL D 293 -18.77 13.24 -17.57
N VAL D 294 -17.46 13.39 -17.36
CA VAL D 294 -16.91 14.51 -16.64
C VAL D 294 -15.77 15.14 -17.41
N ILE D 295 -15.80 16.48 -17.53
CA ILE D 295 -14.74 17.24 -18.22
C ILE D 295 -14.20 18.28 -17.28
N THR D 296 -12.91 18.54 -17.39
CA THR D 296 -12.26 19.57 -16.60
C THR D 296 -11.40 20.39 -17.53
N PRO D 297 -11.24 21.68 -17.24
CA PRO D 297 -10.50 22.48 -18.21
C PRO D 297 -8.97 22.28 -18.15
N HIS D 298 -8.46 21.11 -18.53
CA HIS D 298 -7.02 20.86 -18.49
C HIS D 298 -6.46 21.33 -17.21
N SER D 299 -7.04 20.85 -16.13
CA SER D 299 -6.70 21.38 -14.84
C SER D 299 -5.95 20.34 -14.07
N ALA D 300 -5.75 19.19 -14.71
CA ALA D 300 -5.10 18.05 -14.07
C ALA D 300 -3.80 18.44 -13.40
N PHE D 301 -3.08 19.33 -14.06
CA PHE D 301 -1.76 19.73 -13.60
C PHE D 301 -1.82 20.66 -12.40
N TYR D 302 -3.00 21.12 -12.03
CA TYR D 302 -3.15 22.31 -11.17
C TYR D 302 -3.16 22.15 -9.64
N THR D 303 -1.99 21.86 -9.06
CA THR D 303 -1.85 21.79 -7.61
C THR D 303 -0.77 22.74 -7.20
N GLU D 304 -0.74 23.09 -5.92
CA GLU D 304 0.31 23.98 -5.42
C GLU D 304 1.66 23.41 -5.81
N THR D 305 1.80 22.10 -5.69
CA THR D 305 3.08 21.47 -5.97
C THR D 305 3.55 21.70 -7.41
N SER D 306 2.64 21.51 -8.36
CA SER D 306 2.90 21.89 -9.77
C SER D 306 3.34 23.33 -9.94
N ILE D 307 2.60 24.28 -9.38
CA ILE D 307 2.99 25.68 -9.45
C ILE D 307 4.34 25.98 -8.83
N ARG D 308 4.57 25.42 -7.65
CA ARG D 308 5.77 25.62 -6.88
C ARG D 308 6.95 25.12 -7.69
N ASN D 309 6.87 23.88 -8.15
CA ASN D 309 7.94 23.25 -8.93
C ASN D 309 8.16 23.85 -10.31
N MET D 310 7.11 24.44 -10.91
CA MET D 310 7.28 25.09 -12.22
C MET D 310 8.19 26.30 -11.99
N VAL D 311 8.01 27.01 -10.88
CA VAL D 311 8.81 28.20 -10.69
C VAL D 311 10.14 27.78 -10.15
N GLN D 312 10.11 27.08 -9.03
CA GLN D 312 11.31 26.80 -8.29
C GLN D 312 12.32 25.92 -9.03
N ILE D 313 11.86 24.91 -9.77
CA ILE D 313 12.86 24.06 -10.39
C ILE D 313 13.68 24.92 -11.36
N CYS D 314 12.97 25.70 -12.16
CA CYS D 314 13.61 26.52 -13.16
C CYS D 314 14.52 27.58 -12.58
N LEU D 315 14.11 28.25 -11.51
CA LEU D 315 15.01 29.26 -10.93
C LEU D 315 16.25 28.69 -10.28
N THR D 316 16.16 27.57 -9.56
CA THR D 316 17.42 27.06 -8.98
C THR D 316 18.35 26.53 -10.08
N ASP D 317 17.76 25.91 -11.08
CA ASP D 317 18.49 25.60 -12.31
C ASP D 317 19.19 26.88 -12.80
N GLN D 318 18.43 27.94 -12.93
CA GLN D 318 18.91 29.18 -13.51
C GLN D 318 20.09 29.68 -12.68
N LEU D 319 20.11 29.31 -11.40
CA LEU D 319 21.20 29.70 -10.52
C LEU D 319 22.46 28.91 -10.79
N THR D 320 22.30 27.61 -11.02
CA THR D 320 23.45 26.77 -11.40
C THR D 320 23.95 27.07 -12.83
N ILE D 321 23.14 27.76 -13.65
CA ILE D 321 23.63 28.14 -14.97
C ILE D 321 24.37 29.48 -14.97
N ALA D 322 24.09 30.31 -13.96
CA ALA D 322 24.83 31.53 -13.77
C ALA D 322 26.18 31.20 -13.12
N LYS D 323 26.48 29.88 -13.06
CA LYS D 323 27.77 29.35 -12.60
C LYS D 323 28.37 28.16 -13.42
N GLY D 324 27.55 27.17 -13.77
CA GLY D 324 28.02 26.01 -14.52
C GLY D 324 26.94 25.28 -15.30
N PRO D 327 23.28 21.51 -14.97
CA PRO D 327 22.24 20.52 -14.63
C PRO D 327 21.56 19.93 -15.88
N ARG D 328 20.83 18.83 -15.70
CA ARG D 328 20.24 17.98 -16.76
C ARG D 328 19.13 18.54 -17.66
N SER D 329 18.63 19.71 -17.32
CA SER D 329 17.43 20.26 -17.93
C SER D 329 17.55 20.66 -19.41
N ILE D 330 18.76 20.93 -19.83
CA ILE D 330 19.05 21.37 -21.19
C ILE D 330 18.32 20.60 -22.30
#